data_4E9E
# 
_entry.id   4E9E 
# 
_audit_conform.dict_name       mmcif_pdbx.dic 
_audit_conform.dict_version    5.379 
_audit_conform.dict_location   http://mmcif.pdb.org/dictionaries/ascii/mmcif_pdbx.dic 
# 
loop_
_database_2.database_id 
_database_2.database_code 
_database_2.pdbx_database_accession 
_database_2.pdbx_DOI 
PDB   4E9E         pdb_00004e9e 10.2210/pdb4e9e/pdb 
RCSB  RCSB071334   ?            ?                   
WWPDB D_1000071334 ?            ?                   
# 
loop_
_pdbx_database_related.db_name 
_pdbx_database_related.db_id 
_pdbx_database_related.details 
_pdbx_database_related.content_type 
PDB 3IHO . unspecified 
PDB 4E9F . unspecified 
PDB 4E9G . unspecified 
PDB 4E9H . unspecified 
PDB 4EA4 . unspecified 
PDB 4EAB . unspecified 
# 
_pdbx_database_status.status_code                     REL 
_pdbx_database_status.entry_id                        4E9E 
_pdbx_database_status.recvd_initial_deposition_date   2012-03-21 
_pdbx_database_status.deposit_site                    RCSB 
_pdbx_database_status.process_site                    RCSB 
_pdbx_database_status.status_code_sf                  REL 
_pdbx_database_status.status_code_mr                  ? 
_pdbx_database_status.SG_entry                        ? 
_pdbx_database_status.status_code_cs                  ? 
_pdbx_database_status.methods_development_category    ? 
_pdbx_database_status.pdb_format_compatible           Y 
_pdbx_database_status.status_code_nmr_data            ? 
# 
loop_
_audit_author.name 
_audit_author.pdbx_ordinal 
'Morera, S.'    1 
'Vigouroux, A.' 2 
# 
_citation.id                        primary 
_citation.title                     
;Biochemical and structural characterization of the glycosylase domain of MBD4 bound to thymine and 5-hydroxymethyuracil-containing DNA.
;
_citation.journal_abbrev            'Nucleic Acids Res.' 
_citation.journal_volume            40 
_citation.page_first                9917 
_citation.page_last                 9926 
_citation.year                      2012 
_citation.journal_id_ASTM           NARHAD 
_citation.country                   UK 
_citation.journal_id_ISSN           0305-1048 
_citation.journal_id_CSD            0389 
_citation.book_publisher            ? 
_citation.pdbx_database_id_PubMed   22848106 
_citation.pdbx_database_id_DOI      10.1093/nar/gks714 
# 
loop_
_citation_author.citation_id 
_citation_author.name 
_citation_author.ordinal 
_citation_author.identifier_ORCID 
primary 'Morera, S.'      1 ? 
primary 'Grin, I.'        2 ? 
primary 'Vigouroux, A.'   3 ? 
primary 'Couve, S.'       4 ? 
primary 'Henriot, V.'     5 ? 
primary 'Saparbaev, M.'   6 ? 
primary 'Ishchenko, A.A.' 7 ? 
# 
_cell.entry_id           4E9E 
_cell.length_a           80.970 
_cell.length_b           80.970 
_cell.length_c           74.560 
_cell.angle_alpha        90.00 
_cell.angle_beta         90.00 
_cell.angle_gamma        120.00 
_cell.Z_PDB              9 
_cell.pdbx_unique_axis   ? 
_cell.length_a_esd       ? 
_cell.length_b_esd       ? 
_cell.length_c_esd       ? 
_cell.angle_alpha_esd    ? 
_cell.angle_beta_esd     ? 
_cell.angle_gamma_esd    ? 
# 
_symmetry.entry_id                         4E9E 
_symmetry.space_group_name_H-M             'H 3' 
_symmetry.pdbx_full_space_group_name_H-M   ? 
_symmetry.cell_setting                     ? 
_symmetry.Int_Tables_number                146 
_symmetry.space_group_name_Hall            ? 
# 
loop_
_entity.id 
_entity.type 
_entity.src_method 
_entity.pdbx_description 
_entity.formula_weight 
_entity.pdbx_number_of_molecules 
_entity.pdbx_ec 
_entity.pdbx_mutation 
_entity.pdbx_fragment 
_entity.details 
1 polymer man 'Methyl-CpG-binding domain protein 4' 19416.393 1  3.2.2.- ? 'glycosylase domain of MBD4 (residues 426-580)' ? 
2 water   nat water                                 18.015    75 ?       ? ?                                               ? 
# 
_entity_name_com.entity_id   1 
_entity_name_com.name        
'Methyl-CpG-binding endonuclease 1, Methyl-CpG-binding protein MBD4, Mismatch-specific DNA N-glycosylase' 
# 
_entity_poly.entity_id                      1 
_entity_poly.type                           'polypeptide(L)' 
_entity_poly.nstd_linkage                   no 
_entity_poly.nstd_monomer                   no 
_entity_poly.pdbx_seq_one_letter_code       
;MLSPPRRKAFKKWTPPRSPFNLVQETLFHDPWKLLIATIFLNRTSGKMAIPVLWKFLEKYPSAEVARTADWRDVSELLKP
LGLYDLRAKTIVKFSDEYLTKQWKYPIELHGIGKYGNDSYRIFCVNEWKQVHPEDHKLNKYHDWLWENHEKLSLSHHHHH
H
;
_entity_poly.pdbx_seq_one_letter_code_can   
;MLSPPRRKAFKKWTPPRSPFNLVQETLFHDPWKLLIATIFLNRTSGKMAIPVLWKFLEKYPSAEVARTADWRDVSELLKP
LGLYDLRAKTIVKFSDEYLTKQWKYPIELHGIGKYGNDSYRIFCVNEWKQVHPEDHKLNKYHDWLWENHEKLSLSHHHHH
H
;
_entity_poly.pdbx_strand_id                 A 
_entity_poly.pdbx_target_identifier         ? 
# 
loop_
_entity_poly_seq.entity_id 
_entity_poly_seq.num 
_entity_poly_seq.mon_id 
_entity_poly_seq.hetero 
1 1   MET n 
1 2   LEU n 
1 3   SER n 
1 4   PRO n 
1 5   PRO n 
1 6   ARG n 
1 7   ARG n 
1 8   LYS n 
1 9   ALA n 
1 10  PHE n 
1 11  LYS n 
1 12  LYS n 
1 13  TRP n 
1 14  THR n 
1 15  PRO n 
1 16  PRO n 
1 17  ARG n 
1 18  SER n 
1 19  PRO n 
1 20  PHE n 
1 21  ASN n 
1 22  LEU n 
1 23  VAL n 
1 24  GLN n 
1 25  GLU n 
1 26  THR n 
1 27  LEU n 
1 28  PHE n 
1 29  HIS n 
1 30  ASP n 
1 31  PRO n 
1 32  TRP n 
1 33  LYS n 
1 34  LEU n 
1 35  LEU n 
1 36  ILE n 
1 37  ALA n 
1 38  THR n 
1 39  ILE n 
1 40  PHE n 
1 41  LEU n 
1 42  ASN n 
1 43  ARG n 
1 44  THR n 
1 45  SER n 
1 46  GLY n 
1 47  LYS n 
1 48  MET n 
1 49  ALA n 
1 50  ILE n 
1 51  PRO n 
1 52  VAL n 
1 53  LEU n 
1 54  TRP n 
1 55  LYS n 
1 56  PHE n 
1 57  LEU n 
1 58  GLU n 
1 59  LYS n 
1 60  TYR n 
1 61  PRO n 
1 62  SER n 
1 63  ALA n 
1 64  GLU n 
1 65  VAL n 
1 66  ALA n 
1 67  ARG n 
1 68  THR n 
1 69  ALA n 
1 70  ASP n 
1 71  TRP n 
1 72  ARG n 
1 73  ASP n 
1 74  VAL n 
1 75  SER n 
1 76  GLU n 
1 77  LEU n 
1 78  LEU n 
1 79  LYS n 
1 80  PRO n 
1 81  LEU n 
1 82  GLY n 
1 83  LEU n 
1 84  TYR n 
1 85  ASP n 
1 86  LEU n 
1 87  ARG n 
1 88  ALA n 
1 89  LYS n 
1 90  THR n 
1 91  ILE n 
1 92  VAL n 
1 93  LYS n 
1 94  PHE n 
1 95  SER n 
1 96  ASP n 
1 97  GLU n 
1 98  TYR n 
1 99  LEU n 
1 100 THR n 
1 101 LYS n 
1 102 GLN n 
1 103 TRP n 
1 104 LYS n 
1 105 TYR n 
1 106 PRO n 
1 107 ILE n 
1 108 GLU n 
1 109 LEU n 
1 110 HIS n 
1 111 GLY n 
1 112 ILE n 
1 113 GLY n 
1 114 LYS n 
1 115 TYR n 
1 116 GLY n 
1 117 ASN n 
1 118 ASP n 
1 119 SER n 
1 120 TYR n 
1 121 ARG n 
1 122 ILE n 
1 123 PHE n 
1 124 CYS n 
1 125 VAL n 
1 126 ASN n 
1 127 GLU n 
1 128 TRP n 
1 129 LYS n 
1 130 GLN n 
1 131 VAL n 
1 132 HIS n 
1 133 PRO n 
1 134 GLU n 
1 135 ASP n 
1 136 HIS n 
1 137 LYS n 
1 138 LEU n 
1 139 ASN n 
1 140 LYS n 
1 141 TYR n 
1 142 HIS n 
1 143 ASP n 
1 144 TRP n 
1 145 LEU n 
1 146 TRP n 
1 147 GLU n 
1 148 ASN n 
1 149 HIS n 
1 150 GLU n 
1 151 LYS n 
1 152 LEU n 
1 153 SER n 
1 154 LEU n 
1 155 SER n 
1 156 HIS n 
1 157 HIS n 
1 158 HIS n 
1 159 HIS n 
1 160 HIS n 
1 161 HIS n 
# 
_entity_src_gen.entity_id                          1 
_entity_src_gen.pdbx_src_id                        1 
_entity_src_gen.pdbx_alt_source_flag               sample 
_entity_src_gen.pdbx_seq_type                      ? 
_entity_src_gen.pdbx_beg_seq_num                   ? 
_entity_src_gen.pdbx_end_seq_num                   ? 
_entity_src_gen.gene_src_common_name               human 
_entity_src_gen.gene_src_genus                     ? 
_entity_src_gen.pdbx_gene_src_gene                 'MBD4, MED1' 
_entity_src_gen.gene_src_species                   ? 
_entity_src_gen.gene_src_strain                    ? 
_entity_src_gen.gene_src_tissue                    ? 
_entity_src_gen.gene_src_tissue_fraction           ? 
_entity_src_gen.gene_src_details                   ? 
_entity_src_gen.pdbx_gene_src_fragment             ? 
_entity_src_gen.pdbx_gene_src_scientific_name      'Homo sapiens' 
_entity_src_gen.pdbx_gene_src_ncbi_taxonomy_id     9606 
_entity_src_gen.pdbx_gene_src_variant              ? 
_entity_src_gen.pdbx_gene_src_cell_line            ? 
_entity_src_gen.pdbx_gene_src_atcc                 ? 
_entity_src_gen.pdbx_gene_src_organ                ? 
_entity_src_gen.pdbx_gene_src_organelle            ? 
_entity_src_gen.pdbx_gene_src_cell                 ? 
_entity_src_gen.pdbx_gene_src_cellular_location    ? 
_entity_src_gen.host_org_common_name               ? 
_entity_src_gen.pdbx_host_org_scientific_name      'Escherichia coli' 
_entity_src_gen.pdbx_host_org_ncbi_taxonomy_id     469008 
_entity_src_gen.host_org_genus                     ? 
_entity_src_gen.pdbx_host_org_gene                 ? 
_entity_src_gen.pdbx_host_org_organ                ? 
_entity_src_gen.host_org_species                   ? 
_entity_src_gen.pdbx_host_org_tissue               ? 
_entity_src_gen.pdbx_host_org_tissue_fraction      ? 
_entity_src_gen.pdbx_host_org_strain               'BL21(DE3)' 
_entity_src_gen.pdbx_host_org_variant              ? 
_entity_src_gen.pdbx_host_org_cell_line            ? 
_entity_src_gen.pdbx_host_org_atcc                 ? 
_entity_src_gen.pdbx_host_org_culture_collection   ? 
_entity_src_gen.pdbx_host_org_cell                 ? 
_entity_src_gen.pdbx_host_org_organelle            ? 
_entity_src_gen.pdbx_host_org_cellular_location    ? 
_entity_src_gen.pdbx_host_org_vector_type          plasmid 
_entity_src_gen.pdbx_host_org_vector               ? 
_entity_src_gen.host_org_details                   ? 
_entity_src_gen.expression_system_id               ? 
_entity_src_gen.plasmid_name                       pet29b 
_entity_src_gen.plasmid_details                    ? 
_entity_src_gen.pdbx_description                   ? 
# 
_struct_ref.id                         1 
_struct_ref.db_name                    UNP 
_struct_ref.db_code                    MBD4_HUMAN 
_struct_ref.pdbx_db_accession          O95243 
_struct_ref.entity_id                  1 
_struct_ref.pdbx_seq_one_letter_code   
;LSPPRRKAFKKWTPPRSPFNLVQETLFHDPWKLLIATIFLNRTSGKMAIPVLWKFLEKYPSAEVARTADWRDVSELLKPL
GLYDLRAKTIVKFSDEYLTKQWKYPIELHGIGKYGNDSYRIFCVNEWKQVHPEDHKLNKYHDWLWENHEKLSLS
;
_struct_ref.pdbx_align_begin           427 
_struct_ref.pdbx_db_isoform            ? 
# 
_struct_ref_seq.align_id                      1 
_struct_ref_seq.ref_id                        1 
_struct_ref_seq.pdbx_PDB_id_code              4E9E 
_struct_ref_seq.pdbx_strand_id                A 
_struct_ref_seq.seq_align_beg                 2 
_struct_ref_seq.pdbx_seq_align_beg_ins_code   ? 
_struct_ref_seq.seq_align_end                 155 
_struct_ref_seq.pdbx_seq_align_end_ins_code   ? 
_struct_ref_seq.pdbx_db_accession             O95243 
_struct_ref_seq.db_align_beg                  427 
_struct_ref_seq.pdbx_db_align_beg_ins_code    ? 
_struct_ref_seq.db_align_end                  580 
_struct_ref_seq.pdbx_db_align_end_ins_code    ? 
_struct_ref_seq.pdbx_auth_seq_align_beg       427 
_struct_ref_seq.pdbx_auth_seq_align_end       580 
# 
loop_
_struct_ref_seq_dif.align_id 
_struct_ref_seq_dif.pdbx_pdb_id_code 
_struct_ref_seq_dif.mon_id 
_struct_ref_seq_dif.pdbx_pdb_strand_id 
_struct_ref_seq_dif.seq_num 
_struct_ref_seq_dif.pdbx_pdb_ins_code 
_struct_ref_seq_dif.pdbx_seq_db_name 
_struct_ref_seq_dif.pdbx_seq_db_accession_code 
_struct_ref_seq_dif.db_mon_id 
_struct_ref_seq_dif.pdbx_seq_db_seq_num 
_struct_ref_seq_dif.details 
_struct_ref_seq_dif.pdbx_auth_seq_num 
_struct_ref_seq_dif.pdbx_ordinal 
1 4E9E MET A 1   ? UNP O95243 ? ? 'expression tag' 426 1 
1 4E9E HIS A 156 ? UNP O95243 ? ? 'expression tag' 581 2 
1 4E9E HIS A 157 ? UNP O95243 ? ? 'expression tag' 582 3 
1 4E9E HIS A 158 ? UNP O95243 ? ? 'expression tag' 583 4 
1 4E9E HIS A 159 ? UNP O95243 ? ? 'expression tag' 584 5 
1 4E9E HIS A 160 ? UNP O95243 ? ? 'expression tag' 585 6 
1 4E9E HIS A 161 ? UNP O95243 ? ? 'expression tag' 586 7 
# 
loop_
_chem_comp.id 
_chem_comp.type 
_chem_comp.mon_nstd_flag 
_chem_comp.name 
_chem_comp.pdbx_synonyms 
_chem_comp.formula 
_chem_comp.formula_weight 
ALA 'L-peptide linking' y ALANINE         ? 'C3 H7 N O2'     89.093  
ARG 'L-peptide linking' y ARGININE        ? 'C6 H15 N4 O2 1' 175.209 
ASN 'L-peptide linking' y ASPARAGINE      ? 'C4 H8 N2 O3'    132.118 
ASP 'L-peptide linking' y 'ASPARTIC ACID' ? 'C4 H7 N O4'     133.103 
CYS 'L-peptide linking' y CYSTEINE        ? 'C3 H7 N O2 S'   121.158 
GLN 'L-peptide linking' y GLUTAMINE       ? 'C5 H10 N2 O3'   146.144 
GLU 'L-peptide linking' y 'GLUTAMIC ACID' ? 'C5 H9 N O4'     147.129 
GLY 'peptide linking'   y GLYCINE         ? 'C2 H5 N O2'     75.067  
HIS 'L-peptide linking' y HISTIDINE       ? 'C6 H10 N3 O2 1' 156.162 
HOH non-polymer         . WATER           ? 'H2 O'           18.015  
ILE 'L-peptide linking' y ISOLEUCINE      ? 'C6 H13 N O2'    131.173 
LEU 'L-peptide linking' y LEUCINE         ? 'C6 H13 N O2'    131.173 
LYS 'L-peptide linking' y LYSINE          ? 'C6 H15 N2 O2 1' 147.195 
MET 'L-peptide linking' y METHIONINE      ? 'C5 H11 N O2 S'  149.211 
PHE 'L-peptide linking' y PHENYLALANINE   ? 'C9 H11 N O2'    165.189 
PRO 'L-peptide linking' y PROLINE         ? 'C5 H9 N O2'     115.130 
SER 'L-peptide linking' y SERINE          ? 'C3 H7 N O3'     105.093 
THR 'L-peptide linking' y THREONINE       ? 'C4 H9 N O3'     119.119 
TRP 'L-peptide linking' y TRYPTOPHAN      ? 'C11 H12 N2 O2'  204.225 
TYR 'L-peptide linking' y TYROSINE        ? 'C9 H11 N O3'    181.189 
VAL 'L-peptide linking' y VALINE          ? 'C5 H11 N O2'    117.146 
# 
_exptl.entry_id          4E9E 
_exptl.method            'X-RAY DIFFRACTION' 
_exptl.crystals_number   1 
# 
_exptl_crystal.id                    1 
_exptl_crystal.density_meas          ? 
_exptl_crystal.density_Matthews      2.42 
_exptl_crystal.density_percent_sol   49.23 
_exptl_crystal.description           ? 
_exptl_crystal.F_000                 ? 
_exptl_crystal.preparation           ? 
# 
_exptl_crystal_grow.crystal_id      1 
_exptl_crystal_grow.method          'VAPOR DIFFUSION, HANGING DROP' 
_exptl_crystal_grow.temp            298 
_exptl_crystal_grow.temp_details    ? 
_exptl_crystal_grow.pH              8.5 
_exptl_crystal_grow.pdbx_details    
'30% PEG 4000, 100 mM Tris-HCl and 0.2 M MgCl2, pH 8.5, VAPOR DIFFUSION, HANGING DROP, temperature 298K' 
_exptl_crystal_grow.pdbx_pH_range   ? 
# 
_diffrn.id                     1 
_diffrn.ambient_temp           100 
_diffrn.ambient_temp_details   ? 
_diffrn.crystal_id             1 
# 
_diffrn_detector.diffrn_id              1 
_diffrn_detector.detector               PIXEL 
_diffrn_detector.type                   'PSI PILATUS 6M' 
_diffrn_detector.pdbx_collection_date   2011-06-09 
_diffrn_detector.details                ? 
# 
_diffrn_radiation.diffrn_id                        1 
_diffrn_radiation.wavelength_id                    1 
_diffrn_radiation.pdbx_monochromatic_or_laue_m_l   M 
_diffrn_radiation.monochromator                    Si111 
_diffrn_radiation.pdbx_diffrn_protocol             'SINGLE WAVELENGTH' 
_diffrn_radiation.pdbx_scattering_type             x-ray 
# 
_diffrn_radiation_wavelength.id           1 
_diffrn_radiation_wavelength.wavelength   0.9 
_diffrn_radiation_wavelength.wt           1.0 
# 
_diffrn_source.diffrn_id                   1 
_diffrn_source.source                      SYNCHROTRON 
_diffrn_source.type                        'SOLEIL BEAMLINE PROXIMA 1' 
_diffrn_source.pdbx_synchrotron_site       SOLEIL 
_diffrn_source.pdbx_synchrotron_beamline   'PROXIMA 1' 
_diffrn_source.pdbx_wavelength             ? 
_diffrn_source.pdbx_wavelength_list        0.9 
# 
_reflns.entry_id                     4E9E 
_reflns.observed_criterion_sigma_I   2 
_reflns.observed_criterion_sigma_F   2 
_reflns.d_resolution_low             40.49 
_reflns.d_resolution_high            1.9 
_reflns.number_obs                   13475 
_reflns.number_all                   14328 
_reflns.percent_possible_obs         94 
_reflns.pdbx_Rmerge_I_obs            0.089 
_reflns.pdbx_Rsym_value              ? 
_reflns.pdbx_netI_over_sigmaI        10.9 
_reflns.B_iso_Wilson_estimate        28.25 
_reflns.pdbx_redundancy              ? 
_reflns.R_free_details               ? 
_reflns.limit_h_max                  ? 
_reflns.limit_h_min                  ? 
_reflns.limit_k_max                  ? 
_reflns.limit_k_min                  ? 
_reflns.limit_l_max                  ? 
_reflns.limit_l_min                  ? 
_reflns.observed_criterion_F_max     ? 
_reflns.observed_criterion_F_min     ? 
_reflns.pdbx_chi_squared             ? 
_reflns.pdbx_scaling_rejects         ? 
_reflns.pdbx_ordinal                 1 
_reflns.pdbx_diffrn_id               1 
# 
_reflns_shell.d_res_high             1.9 
_reflns_shell.d_res_low              2.02 
_reflns_shell.percent_possible_all   72 
_reflns_shell.Rmerge_I_obs           0.77 
_reflns_shell.pdbx_Rsym_value        ? 
_reflns_shell.meanI_over_sigI_obs    1.9 
_reflns_shell.pdbx_redundancy        ? 
_reflns_shell.percent_possible_obs   ? 
_reflns_shell.number_unique_all      1661 
_reflns_shell.number_measured_all    ? 
_reflns_shell.number_measured_obs    ? 
_reflns_shell.number_unique_obs      ? 
_reflns_shell.pdbx_chi_squared       ? 
_reflns_shell.pdbx_ordinal           1 
_reflns_shell.pdbx_diffrn_id         1 
# 
_refine.entry_id                                 4E9E 
_refine.ls_number_reflns_obs                     13467 
_refine.ls_number_reflns_all                     14328 
_refine.pdbx_ls_sigma_I                          ? 
_refine.pdbx_ls_sigma_F                          0.0 
_refine.pdbx_data_cutoff_high_absF               ? 
_refine.pdbx_data_cutoff_low_absF                ? 
_refine.pdbx_data_cutoff_high_rms_absF           ? 
_refine.ls_d_res_low                             40.49 
_refine.ls_d_res_high                            1.90 
_refine.ls_percent_reflns_obs                    93.81 
_refine.ls_R_factor_obs                          0.1940 
_refine.ls_R_factor_all                          ? 
_refine.ls_R_factor_R_work                       0.1928 
_refine.ls_R_factor_R_free                       0.2182 
_refine.ls_R_factor_R_free_error                 ? 
_refine.ls_R_factor_R_free_error_details         ? 
_refine.ls_percent_reflns_R_free                 5.00 
_refine.ls_number_reflns_R_free                  674 
_refine.ls_number_parameters                     ? 
_refine.ls_number_restraints                     ? 
_refine.occupancy_min                            ? 
_refine.occupancy_max                            ? 
_refine.correlation_coeff_Fo_to_Fc               0.9256 
_refine.correlation_coeff_Fo_to_Fc_free          0.8986 
_refine.B_iso_mean                               35.58 
_refine.aniso_B[1][1]                            -7.0873 
_refine.aniso_B[2][2]                            -7.0873 
_refine.aniso_B[3][3]                            14.1745 
_refine.aniso_B[1][2]                            0.0000 
_refine.aniso_B[1][3]                            0.0000 
_refine.aniso_B[2][3]                            0.0000 
_refine.solvent_model_details                    ? 
_refine.solvent_model_param_ksol                 ? 
_refine.solvent_model_param_bsol                 ? 
_refine.pdbx_solvent_vdw_probe_radii             ? 
_refine.pdbx_solvent_ion_probe_radii             ? 
_refine.pdbx_solvent_shrinkage_radii             ? 
_refine.pdbx_ls_cross_valid_method               THROUGHOUT 
_refine.details                                  ? 
_refine.pdbx_starting_model                      'PDB ENTRY 3IHO' 
_refine.pdbx_method_to_determine_struct          'MOLECULAR REPLACEMENT' 
_refine.pdbx_isotropic_thermal_model             ? 
_refine.pdbx_stereochemistry_target_values       'Engh & Huber' 
_refine.pdbx_stereochem_target_val_spec_case     ? 
_refine.pdbx_R_Free_selection_details            RANDOM 
_refine.pdbx_overall_ESU_R                       ? 
_refine.pdbx_overall_ESU_R_Free                  ? 
_refine.overall_SU_ML                            ? 
_refine.pdbx_overall_phase_error                 ? 
_refine.overall_SU_B                             ? 
_refine.overall_SU_R_Cruickshank_DPI             0.146 
_refine.ls_redundancy_reflns_obs                 ? 
_refine.B_iso_min                                ? 
_refine.B_iso_max                                ? 
_refine.overall_SU_R_free                        ? 
_refine.ls_wR_factor_R_free                      ? 
_refine.ls_wR_factor_R_work                      ? 
_refine.overall_FOM_free_R_set                   ? 
_refine.overall_FOM_work_R_set                   ? 
_refine.pdbx_diffrn_id                           1 
_refine.pdbx_refine_id                           'X-RAY DIFFRACTION' 
_refine.pdbx_TLS_residual_ADP_flag               ? 
_refine.pdbx_overall_SU_R_free_Cruickshank_DPI   ? 
_refine.pdbx_overall_SU_R_Blow_DPI               ? 
_refine.pdbx_overall_SU_R_free_Blow_DPI          ? 
# 
_refine_analyze.entry_id                        4E9E 
_refine_analyze.Luzzati_coordinate_error_obs    0.252 
_refine_analyze.Luzzati_sigma_a_obs             ? 
_refine_analyze.Luzzati_d_res_low_obs           ? 
_refine_analyze.Luzzati_coordinate_error_free   ? 
_refine_analyze.Luzzati_sigma_a_free            ? 
_refine_analyze.Luzzati_d_res_low_free          ? 
_refine_analyze.number_disordered_residues      ? 
_refine_analyze.occupancy_sum_hydrogen          ? 
_refine_analyze.occupancy_sum_non_hydrogen      ? 
_refine_analyze.pdbx_Luzzati_d_res_high_obs     ? 
_refine_analyze.pdbx_refine_id                  'X-RAY DIFFRACTION' 
# 
_refine_hist.pdbx_refine_id                   'X-RAY DIFFRACTION' 
_refine_hist.cycle_id                         LAST 
_refine_hist.pdbx_number_atoms_protein        1197 
_refine_hist.pdbx_number_atoms_nucleic_acid   0 
_refine_hist.pdbx_number_atoms_ligand         0 
_refine_hist.number_atoms_solvent             75 
_refine_hist.number_atoms_total               1272 
_refine_hist.d_res_high                       1.90 
_refine_hist.d_res_low                        40.49 
# 
loop_
_refine_ls_restr.type 
_refine_ls_restr.dev_ideal 
_refine_ls_restr.dev_ideal_target 
_refine_ls_restr.weight 
_refine_ls_restr.number 
_refine_ls_restr.pdbx_restraint_function 
_refine_ls_restr.pdbx_refine_id 
t_bond_d                  0.010 ? 2.00  1240 HARMONIC     'X-RAY DIFFRACTION' 
t_angle_deg               0.93  ? 2.00  1686 HARMONIC     'X-RAY DIFFRACTION' 
t_dihedral_angle_d        ?     ? 2.00  420  SINUSOIDAL   'X-RAY DIFFRACTION' 
t_trig_c_planes           ?     ? 2.00  27   HARMONIC     'X-RAY DIFFRACTION' 
t_gen_planes              ?     ? 5.00  172  HARMONIC     'X-RAY DIFFRACTION' 
t_it                      ?     ? 20.00 1240 HARMONIC     'X-RAY DIFFRACTION' 
t_omega_torsion           2.91  ? ?     ?    ?            'X-RAY DIFFRACTION' 
t_other_torsion           17.83 ? ?     ?    ?            'X-RAY DIFFRACTION' 
t_chiral_improper_torsion ?     ? 5.00  149  SEMIHARMONIC 'X-RAY DIFFRACTION' 
t_ideal_dist_contact      ?     ? 4.00  1472 SEMIHARMONIC 'X-RAY DIFFRACTION' 
# 
_refine_ls_shell.pdbx_total_number_of_bins_used   7 
_refine_ls_shell.d_res_high                       1.90 
_refine_ls_shell.d_res_low                        2.05 
_refine_ls_shell.number_reflns_R_work             2056 
_refine_ls_shell.R_factor_R_work                  0.2468 
_refine_ls_shell.percent_reflns_obs               93.81 
_refine_ls_shell.R_factor_R_free                  0.2433 
_refine_ls_shell.R_factor_R_free_error            ? 
_refine_ls_shell.percent_reflns_R_free            4.99 
_refine_ls_shell.number_reflns_R_free             108 
_refine_ls_shell.number_reflns_all                2164 
_refine_ls_shell.R_factor_all                     0.2466 
_refine_ls_shell.number_reflns_obs                ? 
_refine_ls_shell.redundancy_reflns_obs            ? 
_refine_ls_shell.pdbx_refine_id                   'X-RAY DIFFRACTION' 
# 
_struct.entry_id                  4E9E 
_struct.title                     'Structure of the glycosylase domain of MBD4' 
_struct.pdbx_model_details        ? 
_struct.pdbx_CASP_flag            ? 
_struct.pdbx_model_type_details   ? 
# 
_struct_keywords.entry_id        4E9E 
_struct_keywords.pdbx_keywords   HYDROLASE 
_struct_keywords.text            'HhH DNA glycosylase superfamily, HYDROLASE' 
# 
loop_
_struct_asym.id 
_struct_asym.pdbx_blank_PDB_chainid_flag 
_struct_asym.pdbx_modified 
_struct_asym.entity_id 
_struct_asym.details 
A N N 1 ? 
B N N 2 ? 
# 
_struct_biol.id        1 
_struct_biol.details   ? 
# 
loop_
_struct_conf.conf_type_id 
_struct_conf.id 
_struct_conf.pdbx_PDB_helix_id 
_struct_conf.beg_label_comp_id 
_struct_conf.beg_label_asym_id 
_struct_conf.beg_label_seq_id 
_struct_conf.pdbx_beg_PDB_ins_code 
_struct_conf.end_label_comp_id 
_struct_conf.end_label_asym_id 
_struct_conf.end_label_seq_id 
_struct_conf.pdbx_end_PDB_ins_code 
_struct_conf.beg_auth_comp_id 
_struct_conf.beg_auth_asym_id 
_struct_conf.beg_auth_seq_id 
_struct_conf.end_auth_comp_id 
_struct_conf.end_auth_asym_id 
_struct_conf.end_auth_seq_id 
_struct_conf.pdbx_PDB_helix_class 
_struct_conf.details 
_struct_conf.pdbx_PDB_helix_length 
HELX_P HELX_P1  1  LEU A 22  ? PHE A 28  ? LEU A 447 PHE A 453 1 ? 7  
HELX_P HELX_P2  2  ASP A 30  ? ASN A 42  ? ASP A 455 ASN A 467 1 ? 13 
HELX_P HELX_P3  3  SER A 45  ? TYR A 60  ? SER A 470 TYR A 485 1 ? 16 
HELX_P HELX_P4  4  SER A 62  ? THR A 68  ? SER A 487 THR A 493 1 ? 7  
HELX_P HELX_P5  5  ASP A 70  ? LYS A 79  ? ASP A 495 LYS A 504 1 ? 10 
HELX_P HELX_P6  6  LEU A 83  ? LYS A 101 ? LEU A 508 LYS A 526 1 ? 19 
HELX_P HELX_P7  7  TYR A 105 ? LEU A 109 ? TYR A 530 LEU A 534 5 ? 5  
HELX_P HELX_P8  8  GLY A 113 ? CYS A 124 ? GLY A 538 CYS A 549 1 ? 12 
HELX_P HELX_P9  9  GLU A 127 ? VAL A 131 ? GLU A 552 VAL A 556 5 ? 5  
HELX_P HELX_P10 10 ASP A 135 ? HIS A 149 ? ASP A 560 HIS A 574 1 ? 15 
# 
_struct_conf_type.id          HELX_P 
_struct_conf_type.criteria    ? 
_struct_conf_type.reference   ? 
# 
_struct_mon_prot_cis.pdbx_id                1 
_struct_mon_prot_cis.label_comp_id          LYS 
_struct_mon_prot_cis.label_seq_id           79 
_struct_mon_prot_cis.label_asym_id          A 
_struct_mon_prot_cis.label_alt_id           . 
_struct_mon_prot_cis.pdbx_PDB_ins_code      ? 
_struct_mon_prot_cis.auth_comp_id           LYS 
_struct_mon_prot_cis.auth_seq_id            504 
_struct_mon_prot_cis.auth_asym_id           A 
_struct_mon_prot_cis.pdbx_label_comp_id_2   PRO 
_struct_mon_prot_cis.pdbx_label_seq_id_2    80 
_struct_mon_prot_cis.pdbx_label_asym_id_2   A 
_struct_mon_prot_cis.pdbx_PDB_ins_code_2    ? 
_struct_mon_prot_cis.pdbx_auth_comp_id_2    PRO 
_struct_mon_prot_cis.pdbx_auth_seq_id_2     505 
_struct_mon_prot_cis.pdbx_auth_asym_id_2    A 
_struct_mon_prot_cis.pdbx_PDB_model_num     1 
_struct_mon_prot_cis.pdbx_omega_angle       3.06 
# 
_atom_sites.entry_id                    4E9E 
_atom_sites.fract_transf_matrix[1][1]   -0.00497051 
_atom_sites.fract_transf_matrix[1][2]   -0.01310045 
_atom_sites.fract_transf_matrix[1][3]   0.00265173 
_atom_sites.fract_transf_matrix[2][1]   -0.01272276 
_atom_sites.fract_transf_matrix[2][2]   -0.00396266 
_atom_sites.fract_transf_matrix[2][3]   -0.00507983 
_atom_sites.fract_transf_matrix[3][1]   0.00586790 
_atom_sites.fract_transf_matrix[3][2]   -0.00449190 
_atom_sites.fract_transf_matrix[3][3]   -0.01119251 
_atom_sites.fract_transf_vector[1]      0.159900 
_atom_sites.fract_transf_vector[2]      -0.174898 
_atom_sites.fract_transf_vector[3]      0.234630 
# 
loop_
_atom_type.symbol 
C 
N 
O 
S 
# 
loop_
_atom_site.group_PDB 
_atom_site.id 
_atom_site.type_symbol 
_atom_site.label_atom_id 
_atom_site.label_alt_id 
_atom_site.label_comp_id 
_atom_site.label_asym_id 
_atom_site.label_entity_id 
_atom_site.label_seq_id 
_atom_site.pdbx_PDB_ins_code 
_atom_site.Cartn_x 
_atom_site.Cartn_y 
_atom_site.Cartn_z 
_atom_site.occupancy 
_atom_site.B_iso_or_equiv 
_atom_site.pdbx_formal_charge 
_atom_site.auth_seq_id 
_atom_site.auth_comp_id 
_atom_site.auth_asym_id 
_atom_site.auth_atom_id 
_atom_site.pdbx_PDB_model_num 
ATOM   1    N N   . LYS A 1 12  ? 3.871   -16.328 5.424   1.00 56.89  ? 437 LYS A N   1 
ATOM   2    C CA  . LYS A 1 12  ? 3.211   -17.497 4.836   1.00 56.24  ? 437 LYS A CA  1 
ATOM   3    C C   . LYS A 1 12  ? 1.669   -17.347 4.732   1.00 55.97  ? 437 LYS A C   1 
ATOM   4    O O   . LYS A 1 12  ? 1.007   -18.213 4.144   1.00 57.96  ? 437 LYS A O   1 
ATOM   5    C CB  . LYS A 1 12  ? 3.602   -18.785 5.596   1.00 59.80  ? 437 LYS A CB  1 
ATOM   6    C CG  . LYS A 1 12  ? 4.038   -19.950 4.694   1.00 81.03  ? 437 LYS A CG  1 
ATOM   7    C CD  . LYS A 1 12  ? 2.909   -20.945 4.398   1.00 89.14  ? 437 LYS A CD  1 
ATOM   8    C CE  . LYS A 1 12  ? 2.517   -20.957 2.939   1.00 95.65  ? 437 LYS A CE  1 
ATOM   9    N NZ  . LYS A 1 12  ? 1.313   -21.793 2.695   1.00 101.65 ? 437 LYS A NZ  1 
ATOM   10   N N   . TRP A 1 13  ? 1.105   -16.249 5.279   1.00 46.21  ? 438 TRP A N   1 
ATOM   11   C CA  . TRP A 1 13  ? -0.346  -15.985 5.250   1.00 43.18  ? 438 TRP A CA  1 
ATOM   12   C C   . TRP A 1 13  ? -0.842  -15.651 3.843   1.00 43.41  ? 438 TRP A C   1 
ATOM   13   O O   . TRP A 1 13  ? -0.240  -14.830 3.154   1.00 42.32  ? 438 TRP A O   1 
ATOM   14   C CB  . TRP A 1 13  ? -0.737  -14.888 6.278   1.00 40.30  ? 438 TRP A CB  1 
ATOM   15   C CG  . TRP A 1 13  ? -1.997  -14.118 5.975   1.00 39.74  ? 438 TRP A CG  1 
ATOM   16   C CD1 . TRP A 1 13  ? -2.079  -12.827 5.542   1.00 42.14  ? 438 TRP A CD1 1 
ATOM   17   C CD2 . TRP A 1 13  ? -3.345  -14.579 6.119   1.00 39.02  ? 438 TRP A CD2 1 
ATOM   18   N NE1 . TRP A 1 13  ? -3.393  -12.449 5.419   1.00 40.45  ? 438 TRP A NE1 1 
ATOM   19   C CE2 . TRP A 1 13  ? -4.196  -13.503 5.764   1.00 42.21  ? 438 TRP A CE2 1 
ATOM   20   C CE3 . TRP A 1 13  ? -3.924  -15.794 6.522   1.00 40.29  ? 438 TRP A CE3 1 
ATOM   21   C CZ2 . TRP A 1 13  ? -5.596  -13.601 5.813   1.00 41.46  ? 438 TRP A CZ2 1 
ATOM   22   C CZ3 . TRP A 1 13  ? -5.314  -15.892 6.569   1.00 41.80  ? 438 TRP A CZ3 1 
ATOM   23   C CH2 . TRP A 1 13  ? -6.133  -14.807 6.212   1.00 42.28  ? 438 TRP A CH2 1 
ATOM   24   N N   . THR A 1 14  ? -1.933  -16.303 3.430   1.00 38.68  ? 439 THR A N   1 
ATOM   25   C CA  . THR A 1 14  ? -2.570  -16.095 2.138   1.00 38.06  ? 439 THR A CA  1 
ATOM   26   C C   . THR A 1 14  ? -3.981  -15.511 2.352   1.00 39.74  ? 439 THR A C   1 
ATOM   27   O O   . THR A 1 14  ? -4.857  -16.235 2.832   1.00 39.76  ? 439 THR A O   1 
ATOM   28   C CB  . THR A 1 14  ? -2.539  -17.379 1.306   1.00 45.17  ? 439 THR A CB  1 
ATOM   29   O OG1 . THR A 1 14  ? -1.175  -17.736 1.093   1.00 42.96  ? 439 THR A OG1 1 
ATOM   30   C CG2 . THR A 1 14  ? -3.240  -17.224 -0.040  1.00 41.85  ? 439 THR A CG2 1 
ATOM   31   N N   . PRO A 1 15  ? -4.225  -14.210 2.043   1.00 35.12  ? 440 PRO A N   1 
ATOM   32   C CA  . PRO A 1 15  ? -5.574  -13.657 2.272   1.00 34.55  ? 440 PRO A CA  1 
ATOM   33   C C   . PRO A 1 15  ? -6.558  -14.204 1.244   1.00 38.18  ? 440 PRO A C   1 
ATOM   34   O O   . PRO A 1 15  ? -6.227  -14.176 0.058   1.00 37.33  ? 440 PRO A O   1 
ATOM   35   C CB  . PRO A 1 15  ? -5.381  -12.142 2.124   1.00 36.07  ? 440 PRO A CB  1 
ATOM   36   C CG  . PRO A 1 15  ? -4.176  -11.993 1.266   1.00 40.08  ? 440 PRO A CG  1 
ATOM   37   C CD  . PRO A 1 15  ? -3.308  -13.199 1.475   1.00 35.77  ? 440 PRO A CD  1 
ATOM   38   N N   . PRO A 1 16  ? -7.731  -14.755 1.653   1.00 34.86  ? 441 PRO A N   1 
ATOM   39   C CA  . PRO A 1 16  ? -8.671  -15.291 0.649   1.00 34.19  ? 441 PRO A CA  1 
ATOM   40   C C   . PRO A 1 16  ? -9.053  -14.233 -0.380  1.00 37.81  ? 441 PRO A C   1 
ATOM   41   O O   . PRO A 1 16  ? -9.147  -13.061 -0.043  1.00 37.26  ? 441 PRO A O   1 
ATOM   42   C CB  . PRO A 1 16  ? -9.874  -15.738 1.492   1.00 35.52  ? 441 PRO A CB  1 
ATOM   43   C CG  . PRO A 1 16  ? -9.304  -15.970 2.869   1.00 39.76  ? 441 PRO A CG  1 
ATOM   44   C CD  . PRO A 1 16  ? -8.265  -14.909 3.027   1.00 35.82  ? 441 PRO A CD  1 
ATOM   45   N N   . ARG A 1 17  ? -9.247  -14.653 -1.632  1.00 34.62  ? 442 ARG A N   1 
ATOM   46   C CA  . ARG A 1 17  ? -9.574  -13.782 -2.757  1.00 34.73  ? 442 ARG A CA  1 
ATOM   47   C C   . ARG A 1 17  ? -11.055 -13.418 -2.780  1.00 38.30  ? 442 ARG A C   1 
ATOM   48   O O   . ARG A 1 17  ? -11.912 -14.299 -2.838  1.00 39.01  ? 442 ARG A O   1 
ATOM   49   C CB  . ARG A 1 17  ? -9.125  -14.440 -4.088  1.00 35.09  ? 442 ARG A CB  1 
ATOM   50   C CG  . ARG A 1 17  ? -9.077  -13.474 -5.264  1.00 49.42  ? 442 ARG A CG  1 
ATOM   51   C CD  . ARG A 1 17  ? -7.831  -12.615 -5.244  1.00 53.98  ? 442 ARG A CD  1 
ATOM   52   N NE  . ARG A 1 17  ? -7.932  -11.524 -6.207  1.00 61.79  ? 442 ARG A NE  1 
ATOM   53   C CZ  . ARG A 1 17  ? -6.888  -10.949 -6.791  1.00 73.05  ? 442 ARG A CZ  1 
ATOM   54   N NH1 . ARG A 1 17  ? -5.653  -11.367 -6.524  1.00 48.17  ? 442 ARG A NH1 1 
ATOM   55   N NH2 . ARG A 1 17  ? -7.068  -9.958  -7.654  1.00 65.18  ? 442 ARG A NH2 1 
ATOM   56   N N   . SER A 1 18  ? -11.345 -12.120 -2.760  1.00 33.10  ? 443 SER A N   1 
ATOM   57   C CA  . SER A 1 18  ? -12.696 -11.557 -2.743  1.00 32.75  ? 443 SER A CA  1 
ATOM   58   C C   . SER A 1 18  ? -13.235 -11.199 -4.146  1.00 38.24  ? 443 SER A C   1 
ATOM   59   O O   . SER A 1 18  ? -12.433 -11.072 -5.074  1.00 35.95  ? 443 SER A O   1 
ATOM   60   C CB  . SER A 1 18  ? -12.718 -10.308 -1.856  1.00 34.30  ? 443 SER A CB  1 
ATOM   61   O OG  . SER A 1 18  ? -12.407 -9.117  -2.564  1.00 34.42  ? 443 SER A OG  1 
ATOM   62   N N   . PRO A 1 19  ? -14.557 -10.889 -4.297  1.00 38.67  ? 444 PRO A N   1 
ATOM   63   C CA  . PRO A 1 19  ? -15.052 -10.460 -5.619  1.00 38.73  ? 444 PRO A CA  1 
ATOM   64   C C   . PRO A 1 19  ? -14.695 -9.019  -5.960  1.00 41.65  ? 444 PRO A C   1 
ATOM   65   O O   . PRO A 1 19  ? -14.973 -8.578  -7.080  1.00 41.20  ? 444 PRO A O   1 
ATOM   66   C CB  . PRO A 1 19  ? -16.574 -10.608 -5.497  1.00 40.81  ? 444 PRO A CB  1 
ATOM   67   C CG  . PRO A 1 19  ? -16.861 -10.490 -4.060  1.00 45.55  ? 444 PRO A CG  1 
ATOM   68   C CD  . PRO A 1 19  ? -15.660 -10.979 -3.310  1.00 40.92  ? 444 PRO A CD  1 
ATOM   69   N N   . PHE A 1 20  ? -14.124 -8.268  -4.992  1.00 36.46  ? 445 PHE A N   1 
ATOM   70   C CA  . PHE A 1 20  ? -13.803 -6.854  -5.173  1.00 34.44  ? 445 PHE A CA  1 
ATOM   71   C C   . PHE A 1 20  ? -12.480 -6.613  -5.867  1.00 36.57  ? 445 PHE A C   1 
ATOM   72   O O   . PHE A 1 20  ? -12.278 -5.529  -6.420  1.00 37.01  ? 445 PHE A O   1 
ATOM   73   C CB  . PHE A 1 20  ? -13.909 -6.076  -3.849  1.00 35.66  ? 445 PHE A CB  1 
ATOM   74   C CG  . PHE A 1 20  ? -15.149 -6.425  -3.057  1.00 37.81  ? 445 PHE A CG  1 
ATOM   75   C CD1 . PHE A 1 20  ? -15.070 -7.254  -1.946  1.00 40.11  ? 445 PHE A CD1 1 
ATOM   76   C CD2 . PHE A 1 20  ? -16.399 -5.960  -3.450  1.00 41.86  ? 445 PHE A CD2 1 
ATOM   77   C CE1 . PHE A 1 20  ? -16.219 -7.614  -1.239  1.00 41.71  ? 445 PHE A CE1 1 
ATOM   78   C CE2 . PHE A 1 20  ? -17.550 -6.312  -2.738  1.00 44.86  ? 445 PHE A CE2 1 
ATOM   79   C CZ  . PHE A 1 20  ? -17.451 -7.144  -1.638  1.00 42.22  ? 445 PHE A CZ  1 
ATOM   80   N N   . ASN A 1 21  ? -11.586 -7.617  -5.845  1.00 31.54  ? 446 ASN A N   1 
ATOM   81   C CA  . ASN A 1 21  ? -10.240 -7.570  -6.456  1.00 31.76  ? 446 ASN A CA  1 
ATOM   82   C C   . ASN A 1 21  ? -9.500  -6.283  -6.107  1.00 34.35  ? 446 ASN A C   1 
ATOM   83   O O   . ASN A 1 21  ? -9.013  -5.583  -6.994  1.00 34.14  ? 446 ASN A O   1 
ATOM   84   C CB  . ASN A 1 21  ? -10.299 -7.783  -7.981  1.00 31.01  ? 446 ASN A CB  1 
ATOM   85   C CG  . ASN A 1 21  ? -10.865 -9.110  -8.382  1.00 36.51  ? 446 ASN A CG  1 
ATOM   86   O OD1 . ASN A 1 21  ? -10.293 -10.165 -8.115  1.00 38.57  ? 446 ASN A OD1 1 
ATOM   87   N ND2 . ASN A 1 21  ? -11.951 -9.072  -9.103  1.00 25.83  ? 446 ASN A ND2 1 
ATOM   88   N N   . LEU A 1 22  ? -9.428  -5.955  -4.796  1.00 30.32  ? 447 LEU A N   1 
ATOM   89   C CA  . LEU A 1 22  ? -8.706  -4.755  -4.343  1.00 28.30  ? 447 LEU A CA  1 
ATOM   90   C C   . LEU A 1 22  ? -7.254  -4.877  -4.765  1.00 28.33  ? 447 LEU A C   1 
ATOM   91   O O   . LEU A 1 22  ? -6.755  -5.989  -4.915  1.00 26.81  ? 447 LEU A O   1 
ATOM   92   C CB  . LEU A 1 22  ? -8.775  -4.601  -2.810  1.00 27.95  ? 447 LEU A CB  1 
ATOM   93   C CG  . LEU A 1 22  ? -10.150 -4.610  -2.142  1.00 33.23  ? 447 LEU A CG  1 
ATOM   94   C CD1 . LEU A 1 22  ? -10.004 -4.227  -0.671  1.00 33.89  ? 447 LEU A CD1 1 
ATOM   95   C CD2 . LEU A 1 22  ? -11.116 -3.619  -2.806  1.00 35.07  ? 447 LEU A CD2 1 
ATOM   96   N N   . VAL A 1 23  ? -6.565  -3.744  -4.960  1.00 26.18  ? 448 VAL A N   1 
ATOM   97   C CA  . VAL A 1 23  ? -5.168  -3.793  -5.361  1.00 25.41  ? 448 VAL A CA  1 
ATOM   98   C C   . VAL A 1 23  ? -4.298  -4.482  -4.280  1.00 27.81  ? 448 VAL A C   1 
ATOM   99   O O   . VAL A 1 23  ? -3.312  -5.121  -4.606  1.00 26.99  ? 448 VAL A O   1 
ATOM   100  C CB  . VAL A 1 23  ? -4.655  -2.403  -5.836  1.00 28.55  ? 448 VAL A CB  1 
ATOM   101  C CG1 . VAL A 1 23  ? -4.421  -1.468  -4.664  1.00 28.29  ? 448 VAL A CG1 1 
ATOM   102  C CG2 . VAL A 1 23  ? -3.398  -2.548  -6.680  1.00 28.70  ? 448 VAL A CG2 1 
ATOM   103  N N   . GLN A 1 24  ? -4.758  -4.460  -3.017  1.00 24.66  ? 449 GLN A N   1 
ATOM   104  C CA  . GLN A 1 24  ? -4.087  -5.108  -1.897  1.00 23.33  ? 449 GLN A CA  1 
ATOM   105  C C   . GLN A 1 24  ? -3.996  -6.608  -2.084  1.00 24.93  ? 449 GLN A C   1 
ATOM   106  O O   . GLN A 1 24  ? -3.005  -7.210  -1.696  1.00 24.16  ? 449 GLN A O   1 
ATOM   107  C CB  . GLN A 1 24  ? -4.848  -4.804  -0.597  1.00 24.30  ? 449 GLN A CB  1 
ATOM   108  C CG  . GLN A 1 24  ? -4.551  -3.436  0.009   1.00 25.28  ? 449 GLN A CG  1 
ATOM   109  C CD  . GLN A 1 24  ? -5.558  -2.379  -0.376  1.00 35.72  ? 449 GLN A CD  1 
ATOM   110  O OE1 . GLN A 1 24  ? -6.205  -2.428  -1.437  1.00 25.73  ? 449 GLN A OE1 1 
ATOM   111  N NE2 . GLN A 1 24  ? -5.649  -1.341  0.444   1.00 23.34  ? 449 GLN A NE2 1 
ATOM   112  N N   . GLU A 1 25  ? -5.022  -7.211  -2.686  1.00 24.99  ? 450 GLU A N   1 
ATOM   113  C CA  . GLU A 1 25  ? -5.098  -8.644  -2.958  1.00 24.79  ? 450 GLU A CA  1 
ATOM   114  C C   . GLU A 1 25  ? -4.087  -9.039  -4.012  1.00 28.94  ? 450 GLU A C   1 
ATOM   115  O O   . GLU A 1 25  ? -3.553  -10.139 -3.972  1.00 26.47  ? 450 GLU A O   1 
ATOM   116  C CB  . GLU A 1 25  ? -6.513  -9.011  -3.432  1.00 26.65  ? 450 GLU A CB  1 
ATOM   117  C CG  . GLU A 1 25  ? -7.607  -8.526  -2.494  1.00 31.47  ? 450 GLU A CG  1 
ATOM   118  C CD  . GLU A 1 25  ? -8.965  -9.129  -2.768  1.00 30.83  ? 450 GLU A CD  1 
ATOM   119  O OE1 . GLU A 1 25  ? -9.110  -10.364 -2.612  1.00 31.09  ? 450 GLU A OE1 1 
ATOM   120  O OE2 . GLU A 1 25  ? -9.890  -8.365  -3.123  1.00 29.12  ? 450 GLU A OE2 1 
ATOM   121  N N   . THR A 1 26  ? -3.791  -8.134  -4.946  1.00 28.71  ? 451 THR A N   1 
ATOM   122  C CA  . THR A 1 26  ? -2.784  -8.403  -5.972  1.00 29.42  ? 451 THR A CA  1 
ATOM   123  C C   . THR A 1 26  ? -1.362  -8.347  -5.361  1.00 34.43  ? 451 THR A C   1 
ATOM   124  O O   . THR A 1 26  ? -0.519  -9.189  -5.677  1.00 34.54  ? 451 THR A O   1 
ATOM   125  C CB  . THR A 1 26  ? -2.956  -7.387  -7.100  1.00 39.63  ? 451 THR A CB  1 
ATOM   126  O OG1 . THR A 1 26  ? -4.251  -7.535  -7.679  1.00 37.87  ? 451 THR A OG1 1 
ATOM   127  C CG2 . THR A 1 26  ? -1.906  -7.523  -8.165  1.00 41.89  ? 451 THR A CG2 1 
ATOM   128  N N   . LEU A 1 27  ? -1.121  -7.371  -4.466  1.00 29.62  ? 452 LEU A N   1 
ATOM   129  C CA  . LEU A 1 27  ? 0.205   -7.085  -3.920  1.00 28.07  ? 452 LEU A CA  1 
ATOM   130  C C   . LEU A 1 27  ? 0.558   -7.582  -2.529  1.00 32.77  ? 452 LEU A C   1 
ATOM   131  O O   . LEU A 1 27  ? 1.632   -7.225  -2.024  1.00 32.30  ? 452 LEU A O   1 
ATOM   132  C CB  . LEU A 1 27  ? 0.448   -5.570  -4.035  1.00 27.37  ? 452 LEU A CB  1 
ATOM   133  C CG  . LEU A 1 27  ? 0.259   -4.968  -5.433  1.00 29.81  ? 452 LEU A CG  1 
ATOM   134  C CD1 . LEU A 1 27  ? 0.242   -3.442  -5.382  1.00 29.04  ? 452 LEU A CD1 1 
ATOM   135  C CD2 . LEU A 1 27  ? 1.315   -5.489  -6.415  1.00 31.50  ? 452 LEU A CD2 1 
ATOM   136  N N   . PHE A 1 28  ? -0.286  -8.427  -1.921  1.00 30.06  ? 453 PHE A N   1 
ATOM   137  C CA  . PHE A 1 28  ? -0.073  -8.923  -0.561  1.00 30.39  ? 453 PHE A CA  1 
ATOM   138  C C   . PHE A 1 28  ? 1.293   -9.591  -0.332  1.00 36.74  ? 453 PHE A C   1 
ATOM   139  O O   . PHE A 1 28  ? 1.845   -9.464  0.760   1.00 36.34  ? 453 PHE A O   1 
ATOM   140  C CB  . PHE A 1 28  ? -1.219  -9.865  -0.134  1.00 32.66  ? 453 PHE A CB  1 
ATOM   141  C CG  . PHE A 1 28  ? -1.101  -11.267 -0.692  1.00 34.74  ? 453 PHE A CG  1 
ATOM   142  C CD1 . PHE A 1 28  ? -0.380  -12.249 -0.012  1.00 38.51  ? 453 PHE A CD1 1 
ATOM   143  C CD2 . PHE A 1 28  ? -1.664  -11.593 -1.915  1.00 36.85  ? 453 PHE A CD2 1 
ATOM   144  C CE1 . PHE A 1 28  ? -0.247  -13.533 -0.547  1.00 38.83  ? 453 PHE A CE1 1 
ATOM   145  C CE2 . PHE A 1 28  ? -1.539  -12.877 -2.440  1.00 39.38  ? 453 PHE A CE2 1 
ATOM   146  C CZ  . PHE A 1 28  ? -0.819  -13.831 -1.761  1.00 37.83  ? 453 PHE A CZ  1 
ATOM   147  N N   . HIS A 1 29  ? 1.805   -10.341 -1.345  1.00 35.41  ? 454 HIS A N   1 
ATOM   148  C CA  . HIS A 1 29  ? 3.050   -11.115 -1.299  1.00 35.09  ? 454 HIS A CA  1 
ATOM   149  C C   . HIS A 1 29  ? 4.281   -10.263 -1.088  1.00 37.39  ? 454 HIS A C   1 
ATOM   150  O O   . HIS A 1 29  ? 5.286   -10.753 -0.574  1.00 37.14  ? 454 HIS A O   1 
ATOM   151  C CB  . HIS A 1 29  ? 3.212   -11.946 -2.578  1.00 36.84  ? 454 HIS A CB  1 
ATOM   152  C CG  . HIS A 1 29  ? 3.185   -11.126 -3.827  1.00 40.28  ? 454 HIS A CG  1 
ATOM   153  N ND1 . HIS A 1 29  ? 2.000   -10.878 -4.500  1.00 41.48  ? 454 HIS A ND1 1 
ATOM   154  C CD2 . HIS A 1 29  ? 4.200   -10.502 -4.475  1.00 41.81  ? 454 HIS A CD2 1 
ATOM   155  C CE1 . HIS A 1 29  ? 2.331   -10.118 -5.533  1.00 41.05  ? 454 HIS A CE1 1 
ATOM   156  N NE2 . HIS A 1 29  ? 3.642   -9.863  -5.559  1.00 41.51  ? 454 HIS A NE2 1 
ATOM   157  N N   . ASP A 1 30  ? 4.225   -9.004  -1.531  1.00 32.57  ? 455 ASP A N   1 
ATOM   158  C CA  . ASP A 1 30  ? 5.329   -8.067  -1.386  1.00 30.53  ? 455 ASP A CA  1 
ATOM   159  C C   . ASP A 1 30  ? 4.824   -6.903  -0.503  1.00 32.19  ? 455 ASP A C   1 
ATOM   160  O O   . ASP A 1 30  ? 4.206   -5.961  -1.028  1.00 32.15  ? 455 ASP A O   1 
ATOM   161  C CB  . ASP A 1 30  ? 5.803   -7.580  -2.770  1.00 31.61  ? 455 ASP A CB  1 
ATOM   162  C CG  . ASP A 1 30  ? 7.071   -6.746  -2.748  1.00 30.58  ? 455 ASP A CG  1 
ATOM   163  O OD1 . ASP A 1 30  ? 7.760   -6.698  -3.778  1.00 27.14  ? 455 ASP A OD1 1 
ATOM   164  O OD2 . ASP A 1 30  ? 7.326   -6.077  -1.731  1.00 29.97  ? 455 ASP A OD2 1 
ATOM   165  N N   . PRO A 1 31  ? 5.063   -6.959  0.837   1.00 28.37  ? 456 PRO A N   1 
ATOM   166  C CA  . PRO A 1 31  ? 4.579   -5.881  1.712   1.00 26.66  ? 456 PRO A CA  1 
ATOM   167  C C   . PRO A 1 31  ? 4.966   -4.470  1.247   1.00 29.81  ? 456 PRO A C   1 
ATOM   168  O O   . PRO A 1 31  ? 4.131   -3.586  1.360   1.00 30.09  ? 456 PRO A O   1 
ATOM   169  C CB  . PRO A 1 31  ? 5.151   -6.264  3.085   1.00 27.89  ? 456 PRO A CB  1 
ATOM   170  C CG  . PRO A 1 31  ? 5.228   -7.776  3.034   1.00 31.94  ? 456 PRO A CG  1 
ATOM   171  C CD  . PRO A 1 31  ? 5.731   -8.030  1.633   1.00 28.88  ? 456 PRO A CD  1 
ATOM   172  N N   . TRP A 1 32  ? 6.161   -4.280  0.614   1.00 26.00  ? 457 TRP A N   1 
ATOM   173  C CA  . TRP A 1 32  ? 6.579   -2.956  0.107   1.00 25.02  ? 457 TRP A CA  1 
ATOM   174  C C   . TRP A 1 32  ? 5.616   -2.473  -0.988  1.00 26.54  ? 457 TRP A C   1 
ATOM   175  O O   . TRP A 1 32  ? 5.131   -1.338  -0.936  1.00 25.95  ? 457 TRP A O   1 
ATOM   176  C CB  . TRP A 1 32  ? 8.044   -2.959  -0.426  1.00 23.29  ? 457 TRP A CB  1 
ATOM   177  C CG  . TRP A 1 32  ? 8.460   -1.600  -0.952  1.00 23.22  ? 457 TRP A CG  1 
ATOM   178  C CD1 . TRP A 1 32  ? 8.749   -0.495  -0.215  1.00 25.48  ? 457 TRP A CD1 1 
ATOM   179  C CD2 . TRP A 1 32  ? 8.580   -1.209  -2.330  1.00 22.37  ? 457 TRP A CD2 1 
ATOM   180  N NE1 . TRP A 1 32  ? 9.033   0.567   -1.046  1.00 25.42  ? 457 TRP A NE1 1 
ATOM   181  C CE2 . TRP A 1 32  ? 8.939   0.156   -2.348  1.00 26.00  ? 457 TRP A CE2 1 
ATOM   182  C CE3 . TRP A 1 32  ? 8.397   -1.879  -3.554  1.00 23.14  ? 457 TRP A CE3 1 
ATOM   183  C CZ2 . TRP A 1 32  ? 9.128   0.869   -3.540  1.00 25.56  ? 457 TRP A CZ2 1 
ATOM   184  C CZ3 . TRP A 1 32  ? 8.546   -1.164  -4.735  1.00 24.74  ? 457 TRP A CZ3 1 
ATOM   185  C CH2 . TRP A 1 32  ? 8.961   0.176   -4.728  1.00 25.36  ? 457 TRP A CH2 1 
ATOM   186  N N   . LYS A 1 33  ? 5.327   -3.347  -1.961  1.00 22.20  ? 458 LYS A N   1 
ATOM   187  C CA  . LYS A 1 33  ? 4.420   -3.032  -3.065  1.00 21.85  ? 458 LYS A CA  1 
ATOM   188  C C   . LYS A 1 33  ? 3.029   -2.683  -2.560  1.00 23.95  ? 458 LYS A C   1 
ATOM   189  O O   . LYS A 1 33  ? 2.434   -1.739  -3.058  1.00 22.60  ? 458 LYS A O   1 
ATOM   190  C CB  . LYS A 1 33  ? 4.363   -4.182  -4.070  1.00 23.60  ? 458 LYS A CB  1 
ATOM   191  C CG  . LYS A 1 33  ? 5.634   -4.298  -4.879  1.00 25.73  ? 458 LYS A CG  1 
ATOM   192  C CD  . LYS A 1 33  ? 5.500   -5.335  -5.972  1.00 30.68  ? 458 LYS A CD  1 
ATOM   193  C CE  . LYS A 1 33  ? 6.761   -5.415  -6.797  1.00 34.97  ? 458 LYS A CE  1 
ATOM   194  N NZ  . LYS A 1 33  ? 6.600   -6.331  -7.956  1.00 31.59  ? 458 LYS A NZ  1 
ATOM   195  N N   . LEU A 1 34  ? 2.501   -3.470  -1.590  1.00 22.15  ? 459 LEU A N   1 
ATOM   196  C CA  . LEU A 1 34  ? 1.195   -3.227  -0.981  1.00 21.10  ? 459 LEU A CA  1 
ATOM   197  C C   . LEU A 1 34  ? 1.171   -1.864  -0.275  1.00 22.98  ? 459 LEU A C   1 
ATOM   198  O O   . LEU A 1 34  ? 0.206   -1.114  -0.403  1.00 23.70  ? 459 LEU A O   1 
ATOM   199  C CB  . LEU A 1 34  ? 0.827   -4.372  -0.009  1.00 20.84  ? 459 LEU A CB  1 
ATOM   200  C CG  . LEU A 1 34  ? -0.497  -4.190  0.749   1.00 24.20  ? 459 LEU A CG  1 
ATOM   201  C CD1 . LEU A 1 34  ? -1.206  -5.472  0.868   1.00 23.93  ? 459 LEU A CD1 1 
ATOM   202  C CD2 . LEU A 1 34  ? -0.279  -3.546  2.170   1.00 25.46  ? 459 LEU A CD2 1 
ATOM   203  N N   . LEU A 1 35  ? 2.208   -1.565  0.507   1.00 19.70  ? 460 LEU A N   1 
ATOM   204  C CA  . LEU A 1 35  ? 2.304   -0.298  1.239   1.00 18.86  ? 460 LEU A CA  1 
ATOM   205  C C   . LEU A 1 35  ? 2.427   0.891   0.288   1.00 22.27  ? 460 LEU A C   1 
ATOM   206  O O   . LEU A 1 35  ? 1.742   1.887   0.483   1.00 21.75  ? 460 LEU A O   1 
ATOM   207  C CB  . LEU A 1 35  ? 3.448   -0.357  2.274   1.00 18.55  ? 460 LEU A CB  1 
ATOM   208  C CG  . LEU A 1 35  ? 3.177   -1.333  3.458   1.00 21.87  ? 460 LEU A CG  1 
ATOM   209  C CD1 . LEU A 1 35  ? 4.453   -1.559  4.268   1.00 21.15  ? 460 LEU A CD1 1 
ATOM   210  C CD2 . LEU A 1 35  ? 2.016   -0.832  4.366   1.00 20.35  ? 460 LEU A CD2 1 
ATOM   211  N N   . ILE A 1 36  ? 3.197   0.748   -0.803  1.00 18.74  ? 461 ILE A N   1 
ATOM   212  C CA  . ILE A 1 36  ? 3.278   1.793   -1.845  1.00 18.76  ? 461 ILE A CA  1 
ATOM   213  C C   . ILE A 1 36  ? 1.872   2.026   -2.378  1.00 22.11  ? 461 ILE A C   1 
ATOM   214  O O   . ILE A 1 36  ? 1.482   3.173   -2.561  1.00 22.44  ? 461 ILE A O   1 
ATOM   215  C CB  . ILE A 1 36  ? 4.249   1.361   -2.988  1.00 21.76  ? 461 ILE A CB  1 
ATOM   216  C CG1 . ILE A 1 36  ? 5.716   1.399   -2.513  1.00 21.32  ? 461 ILE A CG1 1 
ATOM   217  C CG2 . ILE A 1 36  ? 4.011   2.156   -4.295  1.00 22.86  ? 461 ILE A CG2 1 
ATOM   218  C CD1 . ILE A 1 36  ? 6.365   2.902   -2.221  1.00 20.08  ? 461 ILE A CD1 1 
ATOM   219  N N   . ALA A 1 37  ? 1.133   0.945   -2.673  1.00 21.78  ? 462 ALA A N   1 
ATOM   220  C CA  . ALA A 1 37  ? -0.261  1.069   -3.153  1.00 21.73  ? 462 ALA A CA  1 
ATOM   221  C C   . ALA A 1 37  ? -1.129  1.882   -2.184  1.00 26.91  ? 462 ALA A C   1 
ATOM   222  O O   . ALA A 1 37  ? -1.912  2.713   -2.641  1.00 27.12  ? 462 ALA A O   1 
ATOM   223  C CB  . ALA A 1 37  ? -0.866  -0.295  -3.393  1.00 22.22  ? 462 ALA A CB  1 
ATOM   224  N N   . THR A 1 38  ? -0.941  1.718   -0.850  1.00 22.23  ? 463 THR A N   1 
ATOM   225  C CA  . THR A 1 38  ? -1.690  2.516   0.127   1.00 21.23  ? 463 THR A CA  1 
ATOM   226  C C   . THR A 1 38  ? -1.296  3.994   0.066   1.00 24.56  ? 463 THR A C   1 
ATOM   227  O O   . THR A 1 38  ? -2.152  4.833   0.278   1.00 23.98  ? 463 THR A O   1 
ATOM   228  C CB  . THR A 1 38  ? -1.638  1.944   1.564   1.00 20.87  ? 463 THR A CB  1 
ATOM   229  O OG1 . THR A 1 38  ? -0.328  2.146   2.130   1.00 19.25  ? 463 THR A OG1 1 
ATOM   230  C CG2 . THR A 1 38  ? -2.062  0.479   1.629   1.00 21.17  ? 463 THR A CG2 1 
ATOM   231  N N   . ILE A 1 39  ? -0.025  4.311   -0.246  1.00 22.76  ? 464 ILE A N   1 
ATOM   232  C CA  . ILE A 1 39  ? 0.415   5.720   -0.375  1.00 23.13  ? 464 ILE A CA  1 
ATOM   233  C C   . ILE A 1 39  ? -0.271  6.365   -1.614  1.00 27.85  ? 464 ILE A C   1 
ATOM   234  O O   . ILE A 1 39  ? -0.668  7.524   -1.561  1.00 28.22  ? 464 ILE A O   1 
ATOM   235  C CB  . ILE A 1 39  ? 1.960   5.811   -0.416  1.00 25.53  ? 464 ILE A CB  1 
ATOM   236  C CG1 . ILE A 1 39  ? 2.564   5.396   0.952   1.00 24.74  ? 464 ILE A CG1 1 
ATOM   237  C CG2 . ILE A 1 39  ? 2.490   7.190   -0.874  1.00 22.92  ? 464 ILE A CG2 1 
ATOM   238  C CD1 . ILE A 1 39  ? 4.143   5.117   0.875   1.00 25.27  ? 464 ILE A CD1 1 
ATOM   239  N N   . PHE A 1 40  ? -0.437  5.586   -2.689  1.00 25.41  ? 465 PHE A N   1 
ATOM   240  C CA  . PHE A 1 40  ? -1.094  6.021   -3.914  1.00 26.19  ? 465 PHE A CA  1 
ATOM   241  C C   . PHE A 1 40  ? -2.597  6.223   -3.719  1.00 35.38  ? 465 PHE A C   1 
ATOM   242  O O   . PHE A 1 40  ? -3.159  7.187   -4.253  1.00 34.81  ? 465 PHE A O   1 
ATOM   243  C CB  . PHE A 1 40  ? -0.849  5.016   -5.025  1.00 27.61  ? 465 PHE A CB  1 
ATOM   244  C CG  . PHE A 1 40  ? 0.424   5.283   -5.793  1.00 30.09  ? 465 PHE A CG  1 
ATOM   245  C CD1 . PHE A 1 40  ? 1.656   4.882   -5.291  1.00 31.10  ? 465 PHE A CD1 1 
ATOM   246  C CD2 . PHE A 1 40  ? 0.394   5.952   -7.010  1.00 33.22  ? 465 PHE A CD2 1 
ATOM   247  C CE1 . PHE A 1 40  ? 2.836   5.152   -5.987  1.00 32.46  ? 465 PHE A CE1 1 
ATOM   248  C CE2 . PHE A 1 40  ? 1.578   6.233   -7.700  1.00 36.31  ? 465 PHE A CE2 1 
ATOM   249  C CZ  . PHE A 1 40  ? 2.790   5.827   -7.181  1.00 33.16  ? 465 PHE A CZ  1 
ATOM   250  N N   . LEU A 1 41  ? -3.241  5.298   -2.988  1.00 33.81  ? 466 LEU A N   1 
ATOM   251  C CA  . LEU A 1 41  ? -4.687  5.277   -2.755  1.00 35.68  ? 466 LEU A CA  1 
ATOM   252  C C   . LEU A 1 41  ? -5.189  6.161   -1.623  1.00 41.96  ? 466 LEU A C   1 
ATOM   253  O O   . LEU A 1 41  ? -6.364  6.520   -1.620  1.00 43.30  ? 466 LEU A O   1 
ATOM   254  C CB  . LEU A 1 41  ? -5.183  3.818   -2.580  1.00 35.81  ? 466 LEU A CB  1 
ATOM   255  C CG  . LEU A 1 41  ? -5.199  2.963   -3.837  1.00 41.91  ? 466 LEU A CG  1 
ATOM   256  C CD1 . LEU A 1 41  ? -5.480  1.535   -3.495  1.00 41.95  ? 466 LEU A CD1 1 
ATOM   257  C CD2 . LEU A 1 41  ? -6.241  3.451   -4.826  1.00 45.36  ? 466 LEU A CD2 1 
ATOM   258  N N   . ASN A 1 42  ? -4.321  6.500   -0.661  1.00 39.67  ? 467 ASN A N   1 
ATOM   259  C CA  . ASN A 1 42  ? -4.678  7.336   0.483   1.00 39.90  ? 467 ASN A CA  1 
ATOM   260  C C   . ASN A 1 42  ? -5.138  8.731   0.009   1.00 48.54  ? 467 ASN A C   1 
ATOM   261  O O   . ASN A 1 42  ? -4.376  9.436   -0.663  1.00 48.41  ? 467 ASN A O   1 
ATOM   262  C CB  . ASN A 1 42  ? -3.509  7.417   1.474   1.00 36.55  ? 467 ASN A CB  1 
ATOM   263  C CG  . ASN A 1 42  ? -3.855  7.838   2.881   1.00 57.14  ? 467 ASN A CG  1 
ATOM   264  O OD1 . ASN A 1 42  ? -4.984  7.686   3.363   1.00 50.92  ? 467 ASN A OD1 1 
ATOM   265  N ND2 . ASN A 1 42  ? -2.864  8.328   3.598   1.00 51.29  ? 467 ASN A ND2 1 
ATOM   266  N N   . ARG A 1 43  ? -6.419  9.084   0.321   1.00 47.97  ? 468 ARG A N   1 
ATOM   267  C CA  . ARG A 1 43  ? -7.129  10.335  -0.022  1.00 48.27  ? 468 ARG A CA  1 
ATOM   268  C C   . ARG A 1 43  ? -7.073  10.671  -1.532  1.00 53.58  ? 468 ARG A C   1 
ATOM   269  O O   . ARG A 1 43  ? -6.919  11.840  -1.912  1.00 53.98  ? 468 ARG A O   1 
ATOM   270  C CB  . ARG A 1 43  ? -6.638  11.505  0.843   1.00 49.85  ? 468 ARG A CB  1 
ATOM   271  C CG  . ARG A 1 43  ? -7.184  11.513  2.272   1.00 64.25  ? 468 ARG A CG  1 
ATOM   272  C CD  . ARG A 1 43  ? -6.111  11.220  3.313   1.00 85.35  ? 468 ARG A CD  1 
ATOM   273  N NE  . ARG A 1 43  ? -4.862  11.953  3.065   1.00 103.21 ? 468 ARG A NE  1 
ATOM   274  C CZ  . ARG A 1 43  ? -3.771  11.869  3.820   1.00 122.47 ? 468 ARG A CZ  1 
ATOM   275  N NH1 . ARG A 1 43  ? -3.759  11.099  4.904   1.00 109.82 ? 468 ARG A NH1 1 
ATOM   276  N NH2 . ARG A 1 43  ? -2.684  12.562  3.504   1.00 111.62 ? 468 ARG A NH2 1 
ATOM   277  N N   . THR A 1 44  ? -7.200  9.627   -2.380  1.00 49.73  ? 469 THR A N   1 
ATOM   278  C CA  . THR A 1 44  ? -7.137  9.676   -3.845  1.00 49.17  ? 469 THR A CA  1 
ATOM   279  C C   . THR A 1 44  ? -8.091  8.619   -4.395  1.00 54.31  ? 469 THR A C   1 
ATOM   280  O O   . THR A 1 44  ? -8.202  7.545   -3.805  1.00 54.18  ? 469 THR A O   1 
ATOM   281  C CB  . THR A 1 44  ? -5.677  9.363   -4.299  1.00 49.78  ? 469 THR A CB  1 
ATOM   282  O OG1 . THR A 1 44  ? -4.751  10.142  -3.543  1.00 47.26  ? 469 THR A OG1 1 
ATOM   283  C CG2 . THR A 1 44  ? -5.434  9.589   -5.789  1.00 47.57  ? 469 THR A CG2 1 
ATOM   284  N N   . SER A 1 45  ? -8.741  8.898   -5.542  1.00 52.14  ? 470 SER A N   1 
ATOM   285  C CA  . SER A 1 45  ? -9.626  7.929   -6.209  1.00 52.59  ? 470 SER A CA  1 
ATOM   286  C C   . SER A 1 45  ? -8.785  6.874   -6.921  1.00 56.62  ? 470 SER A C   1 
ATOM   287  O O   . SER A 1 45  ? -7.682  7.182   -7.389  1.00 55.97  ? 470 SER A O   1 
ATOM   288  C CB  . SER A 1 45  ? -10.561 8.616   -7.208  1.00 57.11  ? 470 SER A CB  1 
ATOM   289  O OG  . SER A 1 45  ? -9.888  9.496   -8.094  1.00 67.32  ? 470 SER A OG  1 
ATOM   290  N N   . GLY A 1 46  ? -9.309  5.649   -6.974  1.00 52.79  ? 471 GLY A N   1 
ATOM   291  C CA  . GLY A 1 46  ? -8.672  4.507   -7.623  1.00 52.64  ? 471 GLY A CA  1 
ATOM   292  C C   . GLY A 1 46  ? -8.472  4.722   -9.111  1.00 56.84  ? 471 GLY A C   1 
ATOM   293  O O   . GLY A 1 46  ? -7.424  4.360   -9.651  1.00 55.84  ? 471 GLY A O   1 
ATOM   294  N N   . LYS A 1 47  ? -9.460  5.371   -9.769  1.00 54.09  ? 472 LYS A N   1 
ATOM   295  C CA  . LYS A 1 47  ? -9.443  5.705   -11.199 1.00 54.14  ? 472 LYS A CA  1 
ATOM   296  C C   . LYS A 1 47  ? -8.170  6.482   -11.562 1.00 56.15  ? 472 LYS A C   1 
ATOM   297  O O   . LYS A 1 47  ? -7.536  6.160   -12.559 1.00 54.98  ? 472 LYS A O   1 
ATOM   298  C CB  . LYS A 1 47  ? -10.707 6.490   -11.617 1.00 57.73  ? 472 LYS A CB  1 
ATOM   299  C CG  . LYS A 1 47  ? -12.037 5.941   -11.070 1.00 77.02  ? 472 LYS A CG  1 
ATOM   300  C CD  . LYS A 1 47  ? -12.591 4.731   -11.827 1.00 85.39  ? 472 LYS A CD  1 
ATOM   301  C CE  . LYS A 1 47  ? -13.170 3.732   -10.854 1.00 92.98  ? 472 LYS A CE  1 
ATOM   302  N NZ  . LYS A 1 47  ? -14.318 2.989   -11.431 1.00 102.28 ? 472 LYS A NZ  1 
ATOM   303  N N   . MET A 1 48  ? -7.767  7.436   -10.708 1.00 53.01  ? 473 MET A N   1 
ATOM   304  C CA  . MET A 1 48  ? -6.544  8.231   -10.866 1.00 53.32  ? 473 MET A CA  1 
ATOM   305  C C   . MET A 1 48  ? -5.277  7.478   -10.398 1.00 52.53  ? 473 MET A C   1 
ATOM   306  O O   . MET A 1 48  ? -4.287  7.432   -11.126 1.00 51.94  ? 473 MET A O   1 
ATOM   307  C CB  . MET A 1 48  ? -6.663  9.565   -10.109 1.00 57.05  ? 473 MET A CB  1 
ATOM   308  C CG  . MET A 1 48  ? -7.750  10.502  -10.642 1.00 63.36  ? 473 MET A CG  1 
ATOM   309  S SD  . MET A 1 48  ? -7.760  10.789  -12.446 1.00 70.15  ? 473 MET A SD  1 
ATOM   310  C CE  . MET A 1 48  ? -6.159  11.620  -12.669 1.00 66.73  ? 473 MET A CE  1 
ATOM   311  N N   . ALA A 1 49  ? -5.317  6.900   -9.184  1.00 44.64  ? 474 ALA A N   1 
ATOM   312  C CA  . ALA A 1 49  ? -4.204  6.216   -8.548  1.00 42.37  ? 474 ALA A CA  1 
ATOM   313  C C   . ALA A 1 49  ? -3.697  4.943   -9.202  1.00 42.44  ? 474 ALA A C   1 
ATOM   314  O O   . ALA A 1 49  ? -2.478  4.808   -9.330  1.00 42.40  ? 474 ALA A O   1 
ATOM   315  C CB  . ALA A 1 49  ? -4.509  5.976   -7.077  1.00 43.14  ? 474 ALA A CB  1 
ATOM   316  N N   . ILE A 1 50  ? -4.597  3.998   -9.572  1.00 35.91  ? 475 ILE A N   1 
ATOM   317  C CA  . ILE A 1 50  ? -4.241  2.688   -10.133 1.00 35.85  ? 475 ILE A CA  1 
ATOM   318  C C   . ILE A 1 50  ? -3.278  2.684   -11.335 1.00 39.27  ? 475 ILE A C   1 
ATOM   319  O O   . ILE A 1 50  ? -2.294  1.931   -11.293 1.00 35.78  ? 475 ILE A O   1 
ATOM   320  C CB  . ILE A 1 50  ? -5.447  1.695   -10.276 1.00 38.76  ? 475 ILE A CB  1 
ATOM   321  C CG1 . ILE A 1 50  ? -6.283  1.542   -8.948  1.00 39.47  ? 475 ILE A CG1 1 
ATOM   322  C CG2 . ILE A 1 50  ? -5.048  0.342   -10.877 1.00 38.83  ? 475 ILE A CG2 1 
ATOM   323  C CD1 . ILE A 1 50  ? -5.632  0.870   -7.691  1.00 46.88  ? 475 ILE A CD1 1 
ATOM   324  N N   . PRO A 1 51  ? -3.500  3.481   -12.411 1.00 38.82  ? 476 PRO A N   1 
ATOM   325  C CA  . PRO A 1 51  ? -2.563  3.406   -13.545 1.00 38.60  ? 476 PRO A CA  1 
ATOM   326  C C   . PRO A 1 51  ? -1.207  4.043   -13.233 1.00 39.48  ? 476 PRO A C   1 
ATOM   327  O O   . PRO A 1 51  ? -0.198  3.527   -13.694 1.00 41.01  ? 476 PRO A O   1 
ATOM   328  C CB  . PRO A 1 51  ? -3.335  4.046   -14.709 1.00 40.75  ? 476 PRO A CB  1 
ATOM   329  C CG  . PRO A 1 51  ? -4.789  4.248   -14.176 1.00 45.51  ? 476 PRO A CG  1 
ATOM   330  C CD  . PRO A 1 51  ? -4.607  4.417   -12.701 1.00 41.22  ? 476 PRO A CD  1 
ATOM   331  N N   . VAL A 1 52  ? -1.178  5.090   -12.397 1.00 35.61  ? 477 VAL A N   1 
ATOM   332  C CA  . VAL A 1 52  ? 0.070   5.743   -11.961 1.00 36.65  ? 477 VAL A CA  1 
ATOM   333  C C   . VAL A 1 52  ? 0.834   4.747   -11.070 1.00 38.65  ? 477 VAL A C   1 
ATOM   334  O O   . VAL A 1 52  ? 2.055   4.630   -11.208 1.00 38.36  ? 477 VAL A O   1 
ATOM   335  C CB  . VAL A 1 52  ? -0.116  7.117   -11.255 1.00 42.27  ? 477 VAL A CB  1 
ATOM   336  C CG1 . VAL A 1 52  ? 1.191   7.916   -11.259 1.00 42.73  ? 477 VAL A CG1 1 
ATOM   337  C CG2 . VAL A 1 52  ? -1.225  7.936   -11.892 1.00 42.63  ? 477 VAL A CG2 1 
ATOM   338  N N   . LEU A 1 53  ? 0.093   3.984   -10.202 1.00 31.48  ? 478 LEU A N   1 
ATOM   339  C CA  . LEU A 1 53  ? 0.675   2.945   -9.354  1.00 30.01  ? 478 LEU A CA  1 
ATOM   340  C C   . LEU A 1 53  ? 1.468   1.917   -10.139 1.00 30.32  ? 478 LEU A C   1 
ATOM   341  O O   . LEU A 1 53  ? 2.602   1.668   -9.756  1.00 27.47  ? 478 LEU A O   1 
ATOM   342  C CB  . LEU A 1 53  ? -0.355  2.250   -8.455  1.00 29.49  ? 478 LEU A CB  1 
ATOM   343  C CG  . LEU A 1 53  ? 0.146   0.991   -7.716  1.00 33.03  ? 478 LEU A CG  1 
ATOM   344  C CD1 . LEU A 1 53  ? 1.153   1.363   -6.634  1.00 32.53  ? 478 LEU A CD1 1 
ATOM   345  C CD2 . LEU A 1 53  ? -1.030  0.180   -7.141  1.00 34.24  ? 478 LEU A CD2 1 
ATOM   346  N N   . TRP A 1 54  ? 0.899   1.327   -11.224 1.00 26.89  ? 479 TRP A N   1 
ATOM   347  C CA  . TRP A 1 54  ? 1.642   0.342   -12.012 1.00 27.74  ? 479 TRP A CA  1 
ATOM   348  C C   . TRP A 1 54  ? 2.826   0.916   -12.759 1.00 28.65  ? 479 TRP A C   1 
ATOM   349  O O   . TRP A 1 54  ? 3.796   0.208   -12.972 1.00 28.60  ? 479 TRP A O   1 
ATOM   350  C CB  . TRP A 1 54  ? 0.737   -0.484  -12.974 1.00 27.14  ? 479 TRP A CB  1 
ATOM   351  C CG  . TRP A 1 54  ? -0.337  -1.266  -12.254 1.00 28.32  ? 479 TRP A CG  1 
ATOM   352  C CD1 . TRP A 1 54  ? -1.685  -1.082  -12.357 1.00 31.31  ? 479 TRP A CD1 1 
ATOM   353  C CD2 . TRP A 1 54  ? -0.145  -2.247  -11.223 1.00 27.80  ? 479 TRP A CD2 1 
ATOM   354  N NE1 . TRP A 1 54  ? -2.349  -1.935  -11.501 1.00 29.98  ? 479 TRP A NE1 1 
ATOM   355  C CE2 . TRP A 1 54  ? -1.427  -2.636  -10.767 1.00 31.33  ? 479 TRP A CE2 1 
ATOM   356  C CE3 . TRP A 1 54  ? 0.989   -2.819  -10.613 1.00 28.91  ? 479 TRP A CE3 1 
ATOM   357  C CZ2 . TRP A 1 54  ? -1.609  -3.592  -9.758  1.00 29.99  ? 479 TRP A CZ2 1 
ATOM   358  C CZ3 . TRP A 1 54  ? 0.804   -3.778  -9.622  1.00 30.20  ? 479 TRP A CZ3 1 
ATOM   359  C CH2 . TRP A 1 54  ? -0.485  -4.149  -9.204  1.00 30.42  ? 479 TRP A CH2 1 
ATOM   360  N N   . LYS A 1 55  ? 2.723   2.159   -13.201 1.00 26.33  ? 480 LYS A N   1 
ATOM   361  C CA  . LYS A 1 55  ? 3.811   2.811   -13.931 1.00 26.96  ? 480 LYS A CA  1 
ATOM   362  C C   . LYS A 1 55  ? 4.942   3.049   -12.938 1.00 30.48  ? 480 LYS A C   1 
ATOM   363  O O   . LYS A 1 55  ? 6.102   2.797   -13.274 1.00 30.27  ? 480 LYS A O   1 
ATOM   364  C CB  . LYS A 1 55  ? 3.337   4.126   -14.582 1.00 29.62  ? 480 LYS A CB  1 
ATOM   365  C CG  . LYS A 1 55  ? 2.448   3.908   -15.808 1.00 38.73  ? 480 LYS A CG  1 
ATOM   366  C CD  . LYS A 1 55  ? 3.110   3.045   -16.919 1.00 48.80  ? 480 LYS A CD  1 
ATOM   367  C CE  . LYS A 1 55  ? 2.174   2.786   -18.083 1.00 60.23  ? 480 LYS A CE  1 
ATOM   368  N NZ  . LYS A 1 55  ? 2.582   1.594   -18.879 1.00 70.08  ? 480 LYS A NZ  1 
ATOM   369  N N   . PHE A 1 56  ? 4.585   3.415   -11.677 1.00 25.55  ? 481 PHE A N   1 
ATOM   370  C CA  . PHE A 1 56  ? 5.591   3.567   -10.631 1.00 23.77  ? 481 PHE A CA  1 
ATOM   371  C C   . PHE A 1 56  ? 6.295   2.243   -10.315 1.00 26.81  ? 481 PHE A C   1 
ATOM   372  O O   . PHE A 1 56  ? 7.523   2.193   -10.309 1.00 26.24  ? 481 PHE A O   1 
ATOM   373  C CB  . PHE A 1 56  ? 5.022   4.231   -9.365  1.00 24.79  ? 481 PHE A CB  1 
ATOM   374  C CG  . PHE A 1 56  ? 6.033   4.168   -8.235  1.00 24.39  ? 481 PHE A CG  1 
ATOM   375  C CD1 . PHE A 1 56  ? 7.046   5.119   -8.132  1.00 25.12  ? 481 PHE A CD1 1 
ATOM   376  C CD2 . PHE A 1 56  ? 6.044   3.092   -7.350  1.00 23.19  ? 481 PHE A CD2 1 
ATOM   377  C CE1 . PHE A 1 56  ? 8.021   5.014   -7.135  1.00 23.67  ? 481 PHE A CE1 1 
ATOM   378  C CE2 . PHE A 1 56  ? 7.022   2.985   -6.361  1.00 24.60  ? 481 PHE A CE2 1 
ATOM   379  C CZ  . PHE A 1 56  ? 8.009   3.938   -6.267  1.00 23.42  ? 481 PHE A CZ  1 
ATOM   380  N N   . LEU A 1 57  ? 5.524   1.164   -10.084 1.00 25.28  ? 482 LEU A N   1 
ATOM   381  C CA  . LEU A 1 57  ? 6.087   -0.157  -9.794  1.00 24.78  ? 482 LEU A CA  1 
ATOM   382  C C   . LEU A 1 57  ? 6.893   -0.771  -10.941 1.00 28.25  ? 482 LEU A C   1 
ATOM   383  O O   . LEU A 1 57  ? 7.822   -1.557  -10.694 1.00 27.28  ? 482 LEU A O   1 
ATOM   384  C CB  . LEU A 1 57  ? 5.013   -1.141  -9.283  1.00 24.87  ? 482 LEU A CB  1 
ATOM   385  C CG  . LEU A 1 57  ? 4.414   -0.792  -7.901  1.00 28.41  ? 482 LEU A CG  1 
ATOM   386  C CD1 . LEU A 1 57  ? 3.211   -1.689  -7.591  1.00 28.14  ? 482 LEU A CD1 1 
ATOM   387  C CD2 . LEU A 1 57  ? 5.476   -0.870  -6.768  1.00 26.73  ? 482 LEU A CD2 1 
ATOM   388  N N   . GLU A 1 58  ? 6.565   -0.398  -12.176 1.00 26.05  ? 483 GLU A N   1 
ATOM   389  C CA  . GLU A 1 58  ? 7.306   -0.869  -13.352 1.00 26.82  ? 483 GLU A CA  1 
ATOM   390  C C   . GLU A 1 58  ? 8.682   -0.232  -13.429 1.00 28.39  ? 483 GLU A C   1 
ATOM   391  O O   . GLU A 1 58  ? 9.649   -0.921  -13.743 1.00 29.62  ? 483 GLU A O   1 
ATOM   392  C CB  . GLU A 1 58  ? 6.519   -0.604  -14.631 1.00 28.96  ? 483 GLU A CB  1 
ATOM   393  C CG  . GLU A 1 58  ? 5.656   -1.793  -15.017 1.00 39.46  ? 483 GLU A CG  1 
ATOM   394  C CD  . GLU A 1 58  ? 4.352   -1.447  -15.704 1.00 52.39  ? 483 GLU A CD  1 
ATOM   395  O OE1 . GLU A 1 58  ? 4.267   -0.362  -16.323 1.00 40.77  ? 483 GLU A OE1 1 
ATOM   396  O OE2 . GLU A 1 58  ? 3.400   -2.251  -15.595 1.00 43.93  ? 483 GLU A OE2 1 
ATOM   397  N N   . LYS A 1 59  ? 8.779   1.073   -13.115 1.00 24.08  ? 484 LYS A N   1 
ATOM   398  C CA  . LYS A 1 59  ? 10.072  1.780   -13.141 1.00 22.76  ? 484 LYS A CA  1 
ATOM   399  C C   . LYS A 1 59  ? 10.822  1.556   -11.845 1.00 27.29  ? 484 LYS A C   1 
ATOM   400  O O   . LYS A 1 59  ? 12.047  1.444   -11.842 1.00 25.87  ? 484 LYS A O   1 
ATOM   401  C CB  . LYS A 1 59  ? 9.853   3.274   -13.389 1.00 21.95  ? 484 LYS A CB  1 
ATOM   402  C CG  . LYS A 1 59  ? 11.141  4.031   -13.624 1.00 26.27  ? 484 LYS A CG  1 
ATOM   403  C CD  . LYS A 1 59  ? 10.885  5.345   -14.219 1.00 22.19  ? 484 LYS A CD  1 
ATOM   404  C CE  . LYS A 1 59  ? 12.192  6.065   -14.439 1.00 26.63  ? 484 LYS A CE  1 
ATOM   405  N NZ  . LYS A 1 59  ? 11.931  7.473   -14.813 1.00 22.40  ? 484 LYS A NZ  1 
ATOM   406  N N   . TYR A 1 60  ? 10.078  1.440   -10.744 1.00 24.72  ? 485 TYR A N   1 
ATOM   407  C CA  . TYR A 1 60  ? 10.657  1.236   -9.429  1.00 23.75  ? 485 TYR A CA  1 
ATOM   408  C C   . TYR A 1 60  ? 10.120  -0.083  -8.834  1.00 28.69  ? 485 TYR A C   1 
ATOM   409  O O   . TYR A 1 60  ? 9.189   -0.058  -8.017  1.00 25.40  ? 485 TYR A O   1 
ATOM   410  C CB  . TYR A 1 60  ? 10.359  2.473   -8.544  1.00 23.61  ? 485 TYR A CB  1 
ATOM   411  C CG  . TYR A 1 60  ? 10.821  3.782   -9.157  1.00 22.58  ? 485 TYR A CG  1 
ATOM   412  C CD1 . TYR A 1 60  ? 9.947   4.583   -9.883  1.00 23.50  ? 485 TYR A CD1 1 
ATOM   413  C CD2 . TYR A 1 60  ? 12.127  4.227   -8.993  1.00 23.42  ? 485 TYR A CD2 1 
ATOM   414  C CE1 . TYR A 1 60  ? 10.350  5.817   -10.396 1.00 25.60  ? 485 TYR A CE1 1 
ATOM   415  C CE2 . TYR A 1 60  ? 12.558  5.437   -9.548  1.00 24.05  ? 485 TYR A CE2 1 
ATOM   416  C CZ  . TYR A 1 60  ? 11.667  6.226   -10.247 1.00 25.07  ? 485 TYR A CZ  1 
ATOM   417  O OH  . TYR A 1 60  ? 12.090  7.411   -10.799 1.00 26.97  ? 485 TYR A OH  1 
ATOM   418  N N   . PRO A 1 61  ? 10.706  -1.254  -9.215  1.00 28.54  ? 486 PRO A N   1 
ATOM   419  C CA  . PRO A 1 61  ? 10.148  -2.534  -8.735  1.00 27.62  ? 486 PRO A CA  1 
ATOM   420  C C   . PRO A 1 61  ? 10.447  -2.975  -7.314  1.00 30.36  ? 486 PRO A C   1 
ATOM   421  O O   . PRO A 1 61  ? 9.909   -3.998  -6.886  1.00 28.54  ? 486 PRO A O   1 
ATOM   422  C CB  . PRO A 1 61  ? 10.601  -3.560  -9.794  1.00 29.59  ? 486 PRO A CB  1 
ATOM   423  C CG  . PRO A 1 61  ? 11.715  -2.933  -10.519 1.00 34.63  ? 486 PRO A CG  1 
ATOM   424  C CD  . PRO A 1 61  ? 11.793  -1.473  -10.203 1.00 30.67  ? 486 PRO A CD  1 
ATOM   425  N N   . SER A 1 62  ? 11.288  -2.225  -6.582  1.00 26.12  ? 487 SER A N   1 
ATOM   426  C CA  . SER A 1 62  ? 11.683  -2.588  -5.232  1.00 25.30  ? 487 SER A CA  1 
ATOM   427  C C   . SER A 1 62  ? 12.034  -1.356  -4.411  1.00 29.30  ? 487 SER A C   1 
ATOM   428  O O   . SER A 1 62  ? 12.255  -0.270  -4.969  1.00 28.93  ? 487 SER A O   1 
ATOM   429  C CB  . SER A 1 62  ? 12.864  -3.562  -5.265  1.00 27.53  ? 487 SER A CB  1 
ATOM   430  O OG  . SER A 1 62  ? 14.004  -2.952  -5.846  1.00 28.87  ? 487 SER A OG  1 
ATOM   431  N N   . ALA A 1 63  ? 12.113  -1.530  -3.081  1.00 26.78  ? 488 ALA A N   1 
ATOM   432  C CA  . ALA A 1 63  ? 12.483  -0.454  -2.167  1.00 26.02  ? 488 ALA A CA  1 
ATOM   433  C C   . ALA A 1 63  ? 13.936  -0.025  -2.380  1.00 31.20  ? 488 ALA A C   1 
ATOM   434  O O   . ALA A 1 63  ? 14.234  1.164   -2.257  1.00 30.76  ? 488 ALA A O   1 
ATOM   435  C CB  . ALA A 1 63  ? 12.254  -0.884  -0.739  1.00 26.89  ? 488 ALA A CB  1 
ATOM   436  N N   . GLU A 1 64  ? 14.820  -0.978  -2.798  1.00 28.35  ? 489 GLU A N   1 
ATOM   437  C CA  . GLU A 1 64  ? 16.243  -0.740  -3.081  1.00 28.54  ? 489 GLU A CA  1 
ATOM   438  C C   . GLU A 1 64  ? 16.374  0.249   -4.235  1.00 33.92  ? 489 GLU A C   1 
ATOM   439  O O   . GLU A 1 64  ? 17.189  1.162   -4.164  1.00 35.03  ? 489 GLU A O   1 
ATOM   440  C CB  . GLU A 1 64  ? 16.970  -2.075  -3.393  1.00 30.40  ? 489 GLU A CB  1 
ATOM   441  C CG  . GLU A 1 64  ? 17.023  -3.078  -2.235  1.00 41.42  ? 489 GLU A CG  1 
ATOM   442  C CD  . GLU A 1 64  ? 15.809  -3.912  -1.818  1.00 64.29  ? 489 GLU A CD  1 
ATOM   443  O OE1 . GLU A 1 64  ? 14.671  -3.659  -2.283  1.00 42.47  ? 489 GLU A OE1 1 
ATOM   444  O OE2 . GLU A 1 64  ? 16.008  -4.816  -0.972  1.00 60.43  ? 489 GLU A OE2 1 
ATOM   445  N N   . VAL A 1 65  ? 15.497  0.134   -5.248  1.00 28.79  ? 490 VAL A N   1 
ATOM   446  C CA  . VAL A 1 65  ? 15.479  1.024   -6.415  1.00 29.48  ? 490 VAL A CA  1 
ATOM   447  C C   . VAL A 1 65  ? 14.823  2.373   -6.091  1.00 31.21  ? 490 VAL A C   1 
ATOM   448  O O   . VAL A 1 65  ? 15.356  3.425   -6.447  1.00 30.79  ? 490 VAL A O   1 
ATOM   449  C CB  . VAL A 1 65  ? 14.864  0.302   -7.657  1.00 33.94  ? 490 VAL A CB  1 
ATOM   450  C CG1 . VAL A 1 65  ? 14.712  1.243   -8.853  1.00 34.16  ? 490 VAL A CG1 1 
ATOM   451  C CG2 . VAL A 1 65  ? 15.708  -0.915  -8.033  1.00 33.70  ? 490 VAL A CG2 1 
ATOM   452  N N   . ALA A 1 66  ? 13.680  2.351   -5.408  1.00 26.24  ? 491 ALA A N   1 
ATOM   453  C CA  . ALA A 1 66  ? 13.002  3.590   -5.034  1.00 24.61  ? 491 ALA A CA  1 
ATOM   454  C C   . ALA A 1 66  ? 13.779  4.492   -4.063  1.00 29.34  ? 491 ALA A C   1 
ATOM   455  O O   . ALA A 1 66  ? 13.699  5.708   -4.201  1.00 28.83  ? 491 ALA A O   1 
ATOM   456  C CB  . ALA A 1 66  ? 11.620  3.284   -4.475  1.00 24.49  ? 491 ALA A CB  1 
ATOM   457  N N   . ARG A 1 67  ? 14.491  3.921   -3.059  1.00 27.46  ? 492 ARG A N   1 
ATOM   458  C CA  . ARG A 1 67  ? 15.184  4.770   -2.057  1.00 28.53  ? 492 ARG A CA  1 
ATOM   459  C C   . ARG A 1 67  ? 16.337  5.625   -2.650  1.00 32.86  ? 492 ARG A C   1 
ATOM   460  O O   . ARG A 1 67  ? 16.679  6.673   -2.097  1.00 32.74  ? 492 ARG A O   1 
ATOM   461  C CB  . ARG A 1 67  ? 15.679  3.917   -0.874  1.00 29.10  ? 492 ARG A CB  1 
ATOM   462  C CG  . ARG A 1 67  ? 16.820  2.941   -1.246  1.00 39.77  ? 492 ARG A CG  1 
ATOM   463  C CD  . ARG A 1 67  ? 17.364  2.200   -0.052  1.00 54.47  ? 492 ARG A CD  1 
ATOM   464  N NE  . ARG A 1 67  ? 18.385  2.964   0.659   1.00 67.13  ? 492 ARG A NE  1 
ATOM   465  C CZ  . ARG A 1 67  ? 19.151  2.466   1.623   1.00 91.88  ? 492 ARG A CZ  1 
ATOM   466  N NH1 . ARG A 1 67  ? 19.007  1.204   2.011   1.00 82.27  ? 492 ARG A NH1 1 
ATOM   467  N NH2 . ARG A 1 67  ? 20.053  3.232   2.222   1.00 86.58  ? 492 ARG A NH2 1 
ATOM   468  N N   . THR A 1 68  ? 16.928  5.164   -3.776  1.00 29.55  ? 493 THR A N   1 
ATOM   469  C CA  . THR A 1 68  ? 18.052  5.847   -4.451  1.00 29.31  ? 493 THR A CA  1 
ATOM   470  C C   . THR A 1 68  ? 17.626  6.910   -5.459  1.00 32.64  ? 493 THR A C   1 
ATOM   471  O O   . THR A 1 68  ? 18.475  7.642   -5.991  1.00 30.87  ? 493 THR A O   1 
ATOM   472  C CB  . THR A 1 68  ? 19.013  4.818   -5.061  1.00 38.97  ? 493 THR A CB  1 
ATOM   473  O OG1 . THR A 1 68  ? 18.296  4.015   -5.999  1.00 42.64  ? 493 THR A OG1 1 
ATOM   474  C CG2 . THR A 1 68  ? 19.646  3.927   -4.009  1.00 36.62  ? 493 THR A CG2 1 
ATOM   475  N N   . ALA A 1 69  ? 16.321  7.008   -5.735  1.00 28.48  ? 494 ALA A N   1 
ATOM   476  C CA  . ALA A 1 69  ? 15.815  7.981   -6.710  1.00 27.32  ? 494 ALA A CA  1 
ATOM   477  C C   . ALA A 1 69  ? 15.799  9.395   -6.209  1.00 30.23  ? 494 ALA A C   1 
ATOM   478  O O   . ALA A 1 69  ? 15.650  9.642   -5.012  1.00 30.42  ? 494 ALA A O   1 
ATOM   479  C CB  . ALA A 1 69  ? 14.405  7.598   -7.148  1.00 27.90  ? 494 ALA A CB  1 
ATOM   480  N N   . ASP A 1 70  ? 15.897  10.330  -7.145  1.00 26.99  ? 495 ASP A N   1 
ATOM   481  C CA  . ASP A 1 70  ? 15.749  11.762  -6.940  1.00 27.03  ? 495 ASP A CA  1 
ATOM   482  C C   . ASP A 1 70  ? 14.219  11.945  -6.932  1.00 30.66  ? 495 ASP A C   1 
ATOM   483  O O   . ASP A 1 70  ? 13.555  11.534  -7.889  1.00 28.95  ? 495 ASP A O   1 
ATOM   484  C CB  . ASP A 1 70  ? 16.395  12.504  -8.136  1.00 28.17  ? 495 ASP A CB  1 
ATOM   485  C CG  . ASP A 1 70  ? 16.291  14.022  -8.166  1.00 36.88  ? 495 ASP A CG  1 
ATOM   486  O OD1 . ASP A 1 70  ? 15.512  14.591  -7.363  1.00 35.95  ? 495 ASP A OD1 1 
ATOM   487  O OD2 . ASP A 1 70  ? 16.976  14.646  -9.009  1.00 48.27  ? 495 ASP A OD2 1 
ATOM   488  N N   . TRP A 1 71  ? 13.659  12.508  -5.843  1.00 27.48  ? 496 TRP A N   1 
ATOM   489  C CA  . TRP A 1 71  ? 12.215  12.718  -5.710  1.00 27.49  ? 496 TRP A CA  1 
ATOM   490  C C   . TRP A 1 71  ? 11.606  13.536  -6.845  1.00 28.74  ? 496 TRP A C   1 
ATOM   491  O O   . TRP A 1 71  ? 10.428  13.359  -7.148  1.00 26.82  ? 496 TRP A O   1 
ATOM   492  C CB  . TRP A 1 71  ? 11.873  13.327  -4.335  1.00 27.52  ? 496 TRP A CB  1 
ATOM   493  C CG  . TRP A 1 71  ? 12.413  14.724  -4.142  1.00 29.43  ? 496 TRP A CG  1 
ATOM   494  C CD1 . TRP A 1 71  ? 13.590  15.075  -3.546  1.00 32.22  ? 496 TRP A CD1 1 
ATOM   495  C CD2 . TRP A 1 71  ? 11.798  15.955  -4.575  1.00 29.79  ? 496 TRP A CD2 1 
ATOM   496  N NE1 . TRP A 1 71  ? 13.736  16.443  -3.550  1.00 32.47  ? 496 TRP A NE1 1 
ATOM   497  C CE2 . TRP A 1 71  ? 12.641  17.011  -4.160  1.00 34.38  ? 496 TRP A CE2 1 
ATOM   498  C CE3 . TRP A 1 71  ? 10.583  16.268  -5.227  1.00 31.24  ? 496 TRP A CE3 1 
ATOM   499  C CZ2 . TRP A 1 71  ? 12.352  18.354  -4.440  1.00 34.63  ? 496 TRP A CZ2 1 
ATOM   500  C CZ3 . TRP A 1 71  ? 10.288  17.599  -5.495  1.00 33.47  ? 496 TRP A CZ3 1 
ATOM   501  C CH2 . TRP A 1 71  ? 11.162  18.628  -5.102  1.00 34.44  ? 496 TRP A CH2 1 
ATOM   502  N N   . ARG A 1 72  ? 12.394  14.460  -7.452  1.00 27.12  ? 497 ARG A N   1 
ATOM   503  C CA  . ARG A 1 72  ? 11.960  15.316  -8.571  1.00 27.22  ? 497 ARG A CA  1 
ATOM   504  C C   . ARG A 1 72  ? 11.630  14.461  -9.820  1.00 28.90  ? 497 ARG A C   1 
ATOM   505  O O   . ARG A 1 72  ? 10.714  14.796  -10.573 1.00 28.52  ? 497 ARG A O   1 
ATOM   506  C CB  . ARG A 1 72  ? 13.049  16.349  -8.918  1.00 31.17  ? 497 ARG A CB  1 
ATOM   507  C CG  . ARG A 1 72  ? 13.205  17.473  -7.899  1.00 44.81  ? 497 ARG A CG  1 
ATOM   508  C CD  . ARG A 1 72  ? 14.590  18.091  -7.963  1.00 60.27  ? 497 ARG A CD  1 
ATOM   509  N NE  . ARG A 1 72  ? 15.381  17.809  -6.760  1.00 75.98  ? 497 ARG A NE  1 
ATOM   510  C CZ  . ARG A 1 72  ? 15.644  18.700  -5.805  1.00 96.03  ? 497 ARG A CZ  1 
ATOM   511  N NH1 . ARG A 1 72  ? 15.190  19.945  -5.905  1.00 87.07  ? 497 ARG A NH1 1 
ATOM   512  N NH2 . ARG A 1 72  ? 16.369  18.357  -4.749  1.00 82.63  ? 497 ARG A NH2 1 
ATOM   513  N N   . ASP A 1 73  ? 12.363  13.349  -10.019 1.00 26.78  ? 498 ASP A N   1 
ATOM   514  C CA  . ASP A 1 73  ? 12.143  12.423  -11.138 1.00 25.33  ? 498 ASP A CA  1 
ATOM   515  C C   . ASP A 1 73  ? 10.901  11.565  -10.865 1.00 27.35  ? 498 ASP A C   1 
ATOM   516  O O   . ASP A 1 73  ? 10.116  11.332  -11.790 1.00 25.72  ? 498 ASP A O   1 
ATOM   517  C CB  . ASP A 1 73  ? 13.366  11.526  -11.343 1.00 26.23  ? 498 ASP A CB  1 
ATOM   518  C CG  . ASP A 1 73  ? 14.598  12.246  -11.864 1.00 27.58  ? 498 ASP A CG  1 
ATOM   519  O OD1 . ASP A 1 73  ? 14.446  13.296  -12.521 1.00 26.62  ? 498 ASP A OD1 1 
ATOM   520  O OD2 . ASP A 1 73  ? 15.697  11.753  -11.634 1.00 26.90  ? 498 ASP A OD2 1 
ATOM   521  N N   . VAL A 1 74  ? 10.741  11.094  -9.596  1.00 24.69  ? 499 VAL A N   1 
ATOM   522  C CA  . VAL A 1 74  ? 9.551   10.345  -9.139  1.00 23.76  ? 499 VAL A CA  1 
ATOM   523  C C   . VAL A 1 74  ? 8.342   11.275  -9.332  1.00 29.19  ? 499 VAL A C   1 
ATOM   524  O O   . VAL A 1 74  ? 7.347   10.866  -9.904  1.00 29.74  ? 499 VAL A O   1 
ATOM   525  C CB  . VAL A 1 74  ? 9.667   9.843   -7.663  1.00 26.61  ? 499 VAL A CB  1 
ATOM   526  C CG1 . VAL A 1 74  ? 8.370   9.147   -7.192  1.00 26.10  ? 499 VAL A CG1 1 
ATOM   527  C CG2 . VAL A 1 74  ? 10.857  8.902   -7.493  1.00 25.28  ? 499 VAL A CG2 1 
ATOM   528  N N   . SER A 1 75  ? 8.455   12.536  -8.876  1.00 26.84  ? 500 SER A N   1 
ATOM   529  C CA  . SER A 1 75  ? 7.396   13.549  -8.969  1.00 26.28  ? 500 SER A CA  1 
ATOM   530  C C   . SER A 1 75  ? 6.889   13.738  -10.397 1.00 29.05  ? 500 SER A C   1 
ATOM   531  O O   . SER A 1 75  ? 5.675   13.730  -10.638 1.00 29.62  ? 500 SER A O   1 
ATOM   532  C CB  . SER A 1 75  ? 7.885   14.866  -8.358  1.00 28.57  ? 500 SER A CB  1 
ATOM   533  O OG  . SER A 1 75  ? 6.850   15.822  -8.298  1.00 35.45  ? 500 SER A OG  1 
ATOM   534  N N   . GLU A 1 76  ? 7.821   13.818  -11.360 1.00 24.26  ? 501 GLU A N   1 
ATOM   535  C CA  . GLU A 1 76  ? 7.512   13.986  -12.772 1.00 23.81  ? 501 GLU A CA  1 
ATOM   536  C C   . GLU A 1 76  ? 6.735   12.801  -13.289 1.00 28.49  ? 501 GLU A C   1 
ATOM   537  O O   . GLU A 1 76  ? 5.850   12.986  -14.125 1.00 29.32  ? 501 GLU A O   1 
ATOM   538  C CB  . GLU A 1 76  ? 8.803   14.214  -13.597 1.00 24.79  ? 501 GLU A CB  1 
ATOM   539  C CG  . GLU A 1 76  ? 8.561   14.820  -14.971 1.00 29.23  ? 501 GLU A CG  1 
ATOM   540  C CD  . GLU A 1 76  ? 7.977   16.223  -15.003 1.00 39.85  ? 501 GLU A CD  1 
ATOM   541  O OE1 . GLU A 1 76  ? 8.110   16.965  -14.003 1.00 41.67  ? 501 GLU A OE1 1 
ATOM   542  O OE2 . GLU A 1 76  ? 7.365   16.572  -16.036 1.00 45.43  ? 501 GLU A OE2 1 
ATOM   543  N N   . LEU A 1 77  ? 7.033   11.581  -12.790 1.00 25.06  ? 502 LEU A N   1 
ATOM   544  C CA  . LEU A 1 77  ? 6.264   10.409  -13.223 1.00 23.84  ? 502 LEU A CA  1 
ATOM   545  C C   . LEU A 1 77  ? 4.856   10.459  -12.621 1.00 30.16  ? 502 LEU A C   1 
ATOM   546  O O   . LEU A 1 77  ? 3.880   10.079  -13.286 1.00 29.09  ? 502 LEU A O   1 
ATOM   547  C CB  . LEU A 1 77  ? 6.973   9.089   -12.838 1.00 22.70  ? 502 LEU A CB  1 
ATOM   548  C CG  . LEU A 1 77  ? 6.230   7.782   -13.162 1.00 25.41  ? 502 LEU A CG  1 
ATOM   549  C CD1 . LEU A 1 77  ? 6.171   7.518   -14.655 1.00 24.22  ? 502 LEU A CD1 1 
ATOM   550  C CD2 . LEU A 1 77  ? 6.843   6.604   -12.453 1.00 24.84  ? 502 LEU A CD2 1 
ATOM   551  N N   . LEU A 1 78  ? 4.767   10.910  -11.364 1.00 27.84  ? 503 LEU A N   1 
ATOM   552  C CA  . LEU A 1 78  ? 3.513   10.960  -10.619 1.00 28.67  ? 503 LEU A CA  1 
ATOM   553  C C   . LEU A 1 78  ? 2.563   12.060  -11.069 1.00 37.09  ? 503 LEU A C   1 
ATOM   554  O O   . LEU A 1 78  ? 1.362   11.923  -10.852 1.00 37.44  ? 503 LEU A O   1 
ATOM   555  C CB  . LEU A 1 78  ? 3.724   10.991  -9.092  1.00 27.81  ? 503 LEU A CB  1 
ATOM   556  C CG  . LEU A 1 78  ? 4.559   9.877   -8.428  1.00 32.49  ? 503 LEU A CG  1 
ATOM   557  C CD1 . LEU A 1 78  ? 4.372   9.890   -6.940  1.00 31.68  ? 503 LEU A CD1 1 
ATOM   558  C CD2 . LEU A 1 78  ? 4.251   8.494   -8.974  1.00 32.14  ? 503 LEU A CD2 1 
ATOM   559  N N   . LYS A 1 79  ? 3.073   13.129  -11.706 1.00 36.44  ? 504 LYS A N   1 
ATOM   560  C CA  . LYS A 1 79  ? 2.235   14.213  -12.240 1.00 37.97  ? 504 LYS A CA  1 
ATOM   561  C C   . LYS A 1 79  ? 1.072   13.644  -13.095 1.00 46.26  ? 504 LYS A C   1 
ATOM   562  O O   . LYS A 1 79  ? 1.282   12.689  -13.860 1.00 45.31  ? 504 LYS A O   1 
ATOM   563  C CB  . LYS A 1 79  ? 3.062   15.177  -13.108 1.00 40.43  ? 504 LYS A CB  1 
ATOM   564  C CG  . LYS A 1 79  ? 3.860   16.193  -12.323 1.00 50.10  ? 504 LYS A CG  1 
ATOM   565  C CD  . LYS A 1 79  ? 4.553   17.174  -13.249 1.00 59.11  ? 504 LYS A CD  1 
ATOM   566  C CE  . LYS A 1 79  ? 5.267   18.290  -12.510 1.00 72.00  ? 504 LYS A CE  1 
ATOM   567  N NZ  . LYS A 1 79  ? 6.552   17.852  -11.896 1.00 79.14  ? 504 LYS A NZ  1 
ATOM   568  N N   . PRO A 1 80  ? -0.165  14.165  -12.964 1.00 45.95  ? 505 PRO A N   1 
ATOM   569  C CA  . PRO A 1 80  ? -0.617  15.291  -12.139 1.00 46.58  ? 505 PRO A CA  1 
ATOM   570  C C   . PRO A 1 80  ? -1.313  14.845  -10.841 1.00 52.75  ? 505 PRO A C   1 
ATOM   571  O O   . PRO A 1 80  ? -1.957  15.682  -10.193 1.00 53.09  ? 505 PRO A O   1 
ATOM   572  C CB  . PRO A 1 80  ? -1.586  16.023  -13.092 1.00 48.41  ? 505 PRO A CB  1 
ATOM   573  C CG  . PRO A 1 80  ? -2.071  14.952  -14.096 1.00 52.64  ? 505 PRO A CG  1 
ATOM   574  C CD  . PRO A 1 80  ? -1.281  13.680  -13.801 1.00 48.41  ? 505 PRO A CD  1 
ATOM   575  N N   . LEU A 1 81  ? -1.198  13.532  -10.465 1.00 48.69  ? 506 LEU A N   1 
ATOM   576  C CA  . LEU A 1 81  ? -1.790  12.936  -9.260  1.00 48.42  ? 506 LEU A CA  1 
ATOM   577  C C   . LEU A 1 81  ? -1.638  13.917  -8.106  1.00 52.59  ? 506 LEU A C   1 
ATOM   578  O O   . LEU A 1 81  ? -0.533  14.403  -7.869  1.00 52.77  ? 506 LEU A O   1 
ATOM   579  C CB  . LEU A 1 81  ? -1.074  11.607  -8.935  1.00 48.56  ? 506 LEU A CB  1 
ATOM   580  C CG  . LEU A 1 81  ? -1.708  10.651  -7.934  1.00 53.40  ? 506 LEU A CG  1 
ATOM   581  C CD1 . LEU A 1 81  ? -2.760  9.799   -8.593  1.00 53.89  ? 506 LEU A CD1 1 
ATOM   582  C CD2 . LEU A 1 81  ? -0.665  9.713   -7.382  1.00 55.21  ? 506 LEU A CD2 1 
ATOM   583  N N   . GLY A 1 82  ? -2.755  14.264  -7.461  1.00 48.27  ? 507 GLY A N   1 
ATOM   584  C CA  . GLY A 1 82  ? -2.780  15.232  -6.368  1.00 47.41  ? 507 GLY A CA  1 
ATOM   585  C C   . GLY A 1 82  ? -1.614  15.128  -5.407  1.00 49.26  ? 507 GLY A C   1 
ATOM   586  O O   . GLY A 1 82  ? -1.273  14.026  -4.972  1.00 49.20  ? 507 GLY A O   1 
ATOM   587  N N   . LEU A 1 83  ? -0.968  16.277  -5.121  1.00 44.49  ? 508 LEU A N   1 
ATOM   588  C CA  . LEU A 1 83  ? 0.180   16.438  -4.221  1.00 43.89  ? 508 LEU A CA  1 
ATOM   589  C C   . LEU A 1 83  ? 1.352   15.488  -4.569  1.00 46.19  ? 508 LEU A C   1 
ATOM   590  O O   . LEU A 1 83  ? 1.952   14.877  -3.684  1.00 46.00  ? 508 LEU A O   1 
ATOM   591  C CB  . LEU A 1 83  ? -0.262  16.343  -2.729  1.00 44.31  ? 508 LEU A CB  1 
ATOM   592  C CG  . LEU A 1 83  ? -0.998  17.590  -2.151  1.00 49.53  ? 508 LEU A CG  1 
ATOM   593  C CD1 . LEU A 1 83  ? -2.457  17.642  -2.595  1.00 49.95  ? 508 LEU A CD1 1 
ATOM   594  C CD2 . LEU A 1 83  ? -0.959  17.599  -0.629  1.00 52.08  ? 508 LEU A CD2 1 
ATOM   595  N N   . TYR A 1 84  ? 1.672   15.391  -5.875  1.00 41.03  ? 509 TYR A N   1 
ATOM   596  C CA  . TYR A 1 84  ? 2.739   14.541  -6.427  1.00 39.55  ? 509 TYR A CA  1 
ATOM   597  C C   . TYR A 1 84  ? 4.124   14.773  -5.835  1.00 39.46  ? 509 TYR A C   1 
ATOM   598  O O   . TYR A 1 84  ? 4.852   13.800  -5.660  1.00 39.44  ? 509 TYR A O   1 
ATOM   599  C CB  . TYR A 1 84  ? 2.771   14.594  -7.972  1.00 41.43  ? 509 TYR A CB  1 
ATOM   600  C CG  . TYR A 1 84  ? 2.712   15.999  -8.530  1.00 44.07  ? 509 TYR A CG  1 
ATOM   601  C CD1 . TYR A 1 84  ? 3.860   16.780  -8.627  1.00 46.25  ? 509 TYR A CD1 1 
ATOM   602  C CD2 . TYR A 1 84  ? 1.506   16.553  -8.950  1.00 45.30  ? 509 TYR A CD2 1 
ATOM   603  C CE1 . TYR A 1 84  ? 3.808   18.087  -9.111  1.00 48.29  ? 509 TYR A CE1 1 
ATOM   604  C CE2 . TYR A 1 84  ? 1.442   17.856  -9.444  1.00 46.76  ? 509 TYR A CE2 1 
ATOM   605  C CZ  . TYR A 1 84  ? 2.597   18.621  -9.520  1.00 55.85  ? 509 TYR A CZ  1 
ATOM   606  O OH  . TYR A 1 84  ? 2.542   19.907  -10.001 1.00 59.44  ? 509 TYR A OH  1 
ATOM   607  N N   . ASP A 1 85  ? 4.494   16.036  -5.523  1.00 34.12  ? 510 ASP A N   1 
ATOM   608  C CA  . ASP A 1 85  ? 5.802   16.383  -4.929  1.00 34.47  ? 510 ASP A CA  1 
ATOM   609  C C   . ASP A 1 85  ? 5.940   15.760  -3.538  1.00 35.66  ? 510 ASP A C   1 
ATOM   610  O O   . ASP A 1 85  ? 6.946   15.108  -3.246  1.00 33.64  ? 510 ASP A O   1 
ATOM   611  C CB  . ASP A 1 85  ? 5.992   17.915  -4.839  1.00 36.63  ? 510 ASP A CB  1 
ATOM   612  C CG  . ASP A 1 85  ? 6.484   18.624  -6.087  1.00 44.88  ? 510 ASP A CG  1 
ATOM   613  O OD1 . ASP A 1 85  ? 7.076   17.954  -6.959  1.00 43.81  ? 510 ASP A OD1 1 
ATOM   614  O OD2 . ASP A 1 85  ? 6.380   19.867  -6.138  1.00 50.93  ? 510 ASP A OD2 1 
ATOM   615  N N   . LEU A 1 86  ? 4.891   15.930  -2.700  1.00 33.86  ? 511 LEU A N   1 
ATOM   616  C CA  . LEU A 1 86  ? 4.810   15.372  -1.349  1.00 33.14  ? 511 LEU A CA  1 
ATOM   617  C C   . LEU A 1 86  ? 4.859   13.853  -1.436  1.00 32.58  ? 511 LEU A C   1 
ATOM   618  O O   . LEU A 1 86  ? 5.621   13.213  -0.703  1.00 31.13  ? 511 LEU A O   1 
ATOM   619  C CB  . LEU A 1 86  ? 3.503   15.846  -0.638  1.00 33.67  ? 511 LEU A CB  1 
ATOM   620  C CG  . LEU A 1 86  ? 3.051   15.057  0.627   1.00 40.41  ? 511 LEU A CG  1 
ATOM   621  C CD1 . LEU A 1 86  ? 3.825   15.461  1.860   1.00 41.04  ? 511 LEU A CD1 1 
ATOM   622  C CD2 . LEU A 1 86  ? 1.563   15.211  0.874   1.00 44.65  ? 511 LEU A CD2 1 
ATOM   623  N N   . ARG A 1 87  ? 4.027   13.282  -2.328  1.00 29.67  ? 512 ARG A N   1 
ATOM   624  C CA  . ARG A 1 87  ? 3.931   11.845  -2.520  1.00 29.22  ? 512 ARG A CA  1 
ATOM   625  C C   . ARG A 1 87  ? 5.273   11.246  -2.938  1.00 31.05  ? 512 ARG A C   1 
ATOM   626  O O   . ARG A 1 87  ? 5.676   10.245  -2.372  1.00 28.44  ? 512 ARG A O   1 
ATOM   627  C CB  . ARG A 1 87  ? 2.836   11.506  -3.531  1.00 30.84  ? 512 ARG A CB  1 
ATOM   628  C CG  . ARG A 1 87  ? 2.035   10.306  -3.085  1.00 46.12  ? 512 ARG A CG  1 
ATOM   629  C CD  . ARG A 1 87  ? 1.006   9.941   -4.103  1.00 54.37  ? 512 ARG A CD  1 
ATOM   630  N NE  . ARG A 1 87  ? -0.038  10.958  -4.181  1.00 54.33  ? 512 ARG A NE  1 
ATOM   631  C CZ  . ARG A 1 87  ? -1.290  10.765  -3.798  1.00 58.94  ? 512 ARG A CZ  1 
ATOM   632  N NH1 . ARG A 1 87  ? -1.669  9.589   -3.320  1.00 38.89  ? 512 ARG A NH1 1 
ATOM   633  N NH2 . ARG A 1 87  ? -2.179  11.741  -3.909  1.00 44.96  ? 512 ARG A NH2 1 
ATOM   634  N N   . ALA A 1 88  ? 5.972   11.881  -3.909  1.00 29.46  ? 513 ALA A N   1 
ATOM   635  C CA  . ALA A 1 88  ? 7.297   11.453  -4.391  1.00 28.14  ? 513 ALA A CA  1 
ATOM   636  C C   . ALA A 1 88  ? 8.294   11.428  -3.223  1.00 28.40  ? 513 ALA A C   1 
ATOM   637  O O   . ALA A 1 88  ? 8.963   10.434  -3.013  1.00 24.66  ? 513 ALA A O   1 
ATOM   638  C CB  . ALA A 1 88  ? 7.791   12.427  -5.453  1.00 28.70  ? 513 ALA A CB  1 
ATOM   639  N N   . LYS A 1 89  ? 8.377   12.534  -2.449  1.00 26.80  ? 514 LYS A N   1 
ATOM   640  C CA  . LYS A 1 89  ? 9.268   12.619  -1.278  1.00 25.75  ? 514 LYS A CA  1 
ATOM   641  C C   . LYS A 1 89  ? 8.901   11.536  -0.250  1.00 27.16  ? 514 LYS A C   1 
ATOM   642  O O   . LYS A 1 89  ? 9.802   10.876  0.247   1.00 25.94  ? 514 LYS A O   1 
ATOM   643  C CB  . LYS A 1 89  ? 9.206   14.022  -0.643  1.00 28.83  ? 514 LYS A CB  1 
ATOM   644  C CG  . LYS A 1 89  ? 9.963   15.105  -1.399  1.00 31.95  ? 514 LYS A CG  1 
ATOM   645  C CD  . LYS A 1 89  ? 9.490   16.491  -0.900  1.00 37.34  ? 514 LYS A CD  1 
ATOM   646  C CE  . LYS A 1 89  ? 10.029  17.675  -1.675  1.00 50.37  ? 514 LYS A CE  1 
ATOM   647  N NZ  . LYS A 1 89  ? 9.378   18.960  -1.244  1.00 57.28  ? 514 LYS A NZ  1 
ATOM   648  N N   . THR A 1 90  ? 7.579   11.297  0.012   1.00 24.20  ? 515 THR A N   1 
ATOM   649  C CA  . THR A 1 90  ? 7.089   10.262  0.949   1.00 23.67  ? 515 THR A CA  1 
ATOM   650  C C   . THR A 1 90  ? 7.554   8.868   0.494   1.00 28.68  ? 515 THR A C   1 
ATOM   651  O O   . THR A 1 90  ? 8.076   8.091   1.302   1.00 28.97  ? 515 THR A O   1 
ATOM   652  C CB  . THR A 1 90  ? 5.541   10.317  1.082   1.00 26.05  ? 515 THR A CB  1 
ATOM   653  O OG1 . THR A 1 90  ? 5.163   11.603  1.573   1.00 23.74  ? 515 THR A OG1 1 
ATOM   654  C CG2 . THR A 1 90  ? 4.963   9.215   1.999   1.00 26.26  ? 515 THR A CG2 1 
ATOM   655  N N   . ILE A 1 91  ? 7.323   8.537   -0.790  1.00 23.64  ? 516 ILE A N   1 
ATOM   656  C CA  . ILE A 1 91  ? 7.714   7.236   -1.333  1.00 22.07  ? 516 ILE A CA  1 
ATOM   657  C C   . ILE A 1 91  ? 9.224   6.927   -1.104  1.00 26.50  ? 516 ILE A C   1 
ATOM   658  O O   . ILE A 1 91  ? 9.553   5.836   -0.650  1.00 27.82  ? 516 ILE A O   1 
ATOM   659  C CB  . ILE A 1 91  ? 7.308   7.180   -2.822  1.00 24.30  ? 516 ILE A CB  1 
ATOM   660  C CG1 . ILE A 1 91  ? 5.778   6.945   -2.971  1.00 23.99  ? 516 ILE A CG1 1 
ATOM   661  C CG2 . ILE A 1 91  ? 8.087   6.106   -3.541  1.00 25.51  ? 516 ILE A CG2 1 
ATOM   662  C CD1 . ILE A 1 91  ? 5.192   7.408   -4.337  1.00 23.79  ? 516 ILE A CD1 1 
ATOM   663  N N   . VAL A 1 92  ? 10.113  7.890   -1.404  1.00 25.15  ? 517 VAL A N   1 
ATOM   664  C CA  . VAL A 1 92  ? 11.587  7.757   -1.284  1.00 25.28  ? 517 VAL A CA  1 
ATOM   665  C C   . VAL A 1 92  ? 12.005  7.561   0.174   1.00 28.33  ? 517 VAL A C   1 
ATOM   666  O O   . VAL A 1 92  ? 12.744  6.624   0.465   1.00 27.91  ? 517 VAL A O   1 
ATOM   667  C CB  . VAL A 1 92  ? 12.358  8.943   -1.962  1.00 28.16  ? 517 VAL A CB  1 
ATOM   668  C CG1 . VAL A 1 92  ? 13.868  8.866   -1.704  1.00 28.53  ? 517 VAL A CG1 1 
ATOM   669  C CG2 . VAL A 1 92  ? 12.078  9.015   -3.454  1.00 27.48  ? 517 VAL A CG2 1 
ATOM   670  N N   . LYS A 1 93  ? 11.501  8.413   1.095   1.00 22.80  ? 518 LYS A N   1 
ATOM   671  C CA  . LYS A 1 93  ? 11.863  8.284   2.517   1.00 21.76  ? 518 LYS A CA  1 
ATOM   672  C C   . LYS A 1 93  ? 11.287  7.008   3.098   1.00 24.35  ? 518 LYS A C   1 
ATOM   673  O O   . LYS A 1 93  ? 11.996  6.307   3.801   1.00 24.31  ? 518 LYS A O   1 
ATOM   674  C CB  . LYS A 1 93  ? 11.423  9.524   3.295   1.00 24.09  ? 518 LYS A CB  1 
ATOM   675  C CG  . LYS A 1 93  ? 11.694  9.504   4.796   1.00 30.06  ? 518 LYS A CG  1 
ATOM   676  C CD  . LYS A 1 93  ? 11.300  10.868  5.352   1.00 30.06  ? 518 LYS A CD  1 
ATOM   677  C CE  . LYS A 1 93  ? 11.661  11.062  6.802   1.00 42.85  ? 518 LYS A CE  1 
ATOM   678  N NZ  . LYS A 1 93  ? 13.090  11.397  6.956   1.00 50.30  ? 518 LYS A NZ  1 
ATOM   679  N N   . PHE A 1 94  ? 10.019  6.666   2.745   1.00 22.03  ? 519 PHE A N   1 
ATOM   680  C CA  . PHE A 1 94  ? 9.403   5.409   3.193   1.00 21.75  ? 519 PHE A CA  1 
ATOM   681  C C   . PHE A 1 94  ? 10.188  4.172   2.723   1.00 25.37  ? 519 PHE A C   1 
ATOM   682  O O   . PHE A 1 94  ? 10.335  3.231   3.503   1.00 28.08  ? 519 PHE A O   1 
ATOM   683  C CB  . PHE A 1 94  ? 7.935   5.296   2.733   1.00 22.58  ? 519 PHE A CB  1 
ATOM   684  C CG  . PHE A 1 94  ? 7.408   3.882   2.701   1.00 22.79  ? 519 PHE A CG  1 
ATOM   685  C CD1 . PHE A 1 94  ? 7.163   3.186   3.883   1.00 24.08  ? 519 PHE A CD1 1 
ATOM   686  C CD2 . PHE A 1 94  ? 7.257   3.206   1.490   1.00 23.27  ? 519 PHE A CD2 1 
ATOM   687  C CE1 . PHE A 1 94  ? 6.729   1.858   3.850   1.00 23.74  ? 519 PHE A CE1 1 
ATOM   688  C CE2 . PHE A 1 94  ? 6.823   1.885   1.463   1.00 24.56  ? 519 PHE A CE2 1 
ATOM   689  C CZ  . PHE A 1 94  ? 6.585   1.214   2.639   1.00 22.26  ? 519 PHE A CZ  1 
ATOM   690  N N   . SER A 1 95  ? 10.570  4.122   1.428   1.00 20.84  ? 520 SER A N   1 
ATOM   691  C CA  . SER A 1 95  ? 11.306  2.978   0.874   1.00 21.96  ? 520 SER A CA  1 
ATOM   692  C C   . SER A 1 95  ? 12.631  2.767   1.590   1.00 25.22  ? 520 SER A C   1 
ATOM   693  O O   . SER A 1 95  ? 13.014  1.635   1.851   1.00 25.43  ? 520 SER A O   1 
ATOM   694  C CB  . SER A 1 95  ? 11.513  3.129   -0.629  1.00 25.28  ? 520 SER A CB  1 
ATOM   695  O OG  . SER A 1 95  ? 10.262  3.162   -1.292  1.00 27.93  ? 520 SER A OG  1 
ATOM   696  N N   . ASP A 1 96  ? 13.278  3.865   1.975   1.00 24.34  ? 521 ASP A N   1 
ATOM   697  C CA  . ASP A 1 96  ? 14.534  3.841   2.715   1.00 26.03  ? 521 ASP A CA  1 
ATOM   698  C C   . ASP A 1 96  ? 14.289  3.280   4.106   1.00 30.73  ? 521 ASP A C   1 
ATOM   699  O O   . ASP A 1 96  ? 14.982  2.349   4.508   1.00 31.21  ? 521 ASP A O   1 
ATOM   700  C CB  . ASP A 1 96  ? 15.159  5.242   2.807   1.00 28.43  ? 521 ASP A CB  1 
ATOM   701  C CG  . ASP A 1 96  ? 16.520  5.242   3.501   1.00 37.47  ? 521 ASP A CG  1 
ATOM   702  O OD1 . ASP A 1 96  ? 17.417  4.488   3.058   1.00 34.68  ? 521 ASP A OD1 1 
ATOM   703  O OD2 . ASP A 1 96  ? 16.678  5.969   4.495   1.00 40.90  ? 521 ASP A OD2 1 
ATOM   704  N N   . GLU A 1 97  ? 13.253  3.797   4.812   1.00 26.20  ? 522 GLU A N   1 
ATOM   705  C CA  . GLU A 1 97  ? 12.942  3.328   6.169   1.00 25.20  ? 522 GLU A CA  1 
ATOM   706  C C   . GLU A 1 97  ? 12.515  1.871   6.181   1.00 28.63  ? 522 GLU A C   1 
ATOM   707  O O   . GLU A 1 97  ? 12.890  1.134   7.092   1.00 27.25  ? 522 GLU A O   1 
ATOM   708  C CB  . GLU A 1 97  ? 11.912  4.228   6.855   1.00 26.50  ? 522 GLU A CB  1 
ATOM   709  C CG  . GLU A 1 97  ? 12.445  5.626   7.137   1.00 30.12  ? 522 GLU A CG  1 
ATOM   710  C CD  . GLU A 1 97  ? 11.667  6.394   8.182   1.00 26.96  ? 522 GLU A CD  1 
ATOM   711  O OE1 . GLU A 1 97  ? 10.667  5.855   8.699   1.00 27.33  ? 522 GLU A OE1 1 
ATOM   712  O OE2 . GLU A 1 97  ? 12.043  7.549   8.473   1.00 31.61  ? 522 GLU A OE2 1 
ATOM   713  N N   . TYR A 1 98  ? 11.752  1.446   5.146   1.00 26.77  ? 523 TYR A N   1 
ATOM   714  C CA  . TYR A 1 98  ? 11.269  0.076   4.964   1.00 25.99  ? 523 TYR A CA  1 
ATOM   715  C C   . TYR A 1 98  ? 12.445  -0.934  5.036   1.00 29.68  ? 523 TYR A C   1 
ATOM   716  O O   . TYR A 1 98  ? 12.310  -1.999  5.637   1.00 28.22  ? 523 TYR A O   1 
ATOM   717  C CB  . TYR A 1 98  ? 10.520  -0.045  3.606   1.00 26.38  ? 523 TYR A CB  1 
ATOM   718  C CG  . TYR A 1 98  ? 9.997   -1.433  3.291   1.00 27.74  ? 523 TYR A CG  1 
ATOM   719  C CD1 . TYR A 1 98  ? 8.752   -1.854  3.754   1.00 30.75  ? 523 TYR A CD1 1 
ATOM   720  C CD2 . TYR A 1 98  ? 10.772  -2.347  2.575   1.00 27.89  ? 523 TYR A CD2 1 
ATOM   721  C CE1 . TYR A 1 98  ? 8.278   -3.137  3.489   1.00 33.43  ? 523 TYR A CE1 1 
ATOM   722  C CE2 . TYR A 1 98  ? 10.328  -3.644  2.344   1.00 28.17  ? 523 TYR A CE2 1 
ATOM   723  C CZ  . TYR A 1 98  ? 9.076   -4.032  2.791   1.00 37.39  ? 523 TYR A CZ  1 
ATOM   724  O OH  . TYR A 1 98  ? 8.622   -5.293  2.513   1.00 37.70  ? 523 TYR A OH  1 
ATOM   725  N N   . LEU A 1 99  ? 13.593  -0.568  4.469   1.00 29.47  ? 524 LEU A N   1 
ATOM   726  C CA  . LEU A 1 99  ? 14.759  -1.452  4.414   1.00 30.62  ? 524 LEU A CA  1 
ATOM   727  C C   . LEU A 1 99  ? 15.679  -1.389  5.625   1.00 37.64  ? 524 LEU A C   1 
ATOM   728  O O   . LEU A 1 99  ? 16.080  -2.440  6.125   1.00 38.31  ? 524 LEU A O   1 
ATOM   729  C CB  . LEU A 1 99  ? 15.574  -1.176  3.144   1.00 30.19  ? 524 LEU A CB  1 
ATOM   730  C CG  . LEU A 1 99  ? 14.916  -1.454  1.789   1.00 33.35  ? 524 LEU A CG  1 
ATOM   731  C CD1 . LEU A 1 99  ? 15.779  -0.925  0.685   1.00 33.00  ? 524 LEU A CD1 1 
ATOM   732  C CD2 . LEU A 1 99  ? 14.642  -2.959  1.578   1.00 33.75  ? 524 LEU A CD2 1 
ATOM   733  N N   . THR A 1 100 ? 15.999  -0.167  6.089   1.00 34.88  ? 525 THR A N   1 
ATOM   734  C CA  . THR A 1 100 ? 16.976  0.156   7.135   1.00 35.31  ? 525 THR A CA  1 
ATOM   735  C C   . THR A 1 100 ? 16.494  0.083   8.593   1.00 39.39  ? 525 THR A C   1 
ATOM   736  O O   . THR A 1 100 ? 17.323  0.063   9.516   1.00 39.17  ? 525 THR A O   1 
ATOM   737  C CB  . THR A 1 100 ? 17.619  1.523   6.853   1.00 42.55  ? 525 THR A CB  1 
ATOM   738  O OG1 . THR A 1 100 ? 16.652  2.530   7.099   1.00 47.54  ? 525 THR A OG1 1 
ATOM   739  C CG2 . THR A 1 100 ? 18.179  1.647   5.441   1.00 40.56  ? 525 THR A CG2 1 
ATOM   740  N N   . LYS A 1 101 ? 15.172  0.099   8.803   1.00 34.47  ? 526 LYS A N   1 
ATOM   741  C CA  . LYS A 1 101 ? 14.597  0.038   10.143  1.00 32.86  ? 526 LYS A CA  1 
ATOM   742  C C   . LYS A 1 101 ? 14.185  -1.384  10.455  1.00 37.83  ? 526 LYS A C   1 
ATOM   743  O O   . LYS A 1 101 ? 13.820  -2.127  9.547   1.00 38.40  ? 526 LYS A O   1 
ATOM   744  C CB  . LYS A 1 101 ? 13.404  1.005   10.282  1.00 32.87  ? 526 LYS A CB  1 
ATOM   745  C CG  . LYS A 1 101 ? 13.811  2.464   10.180  1.00 29.17  ? 526 LYS A CG  1 
ATOM   746  C CD  . LYS A 1 101 ? 12.650  3.409   10.475  1.00 38.92  ? 526 LYS A CD  1 
ATOM   747  C CE  . LYS A 1 101 ? 12.701  4.008   11.865  1.00 44.31  ? 526 LYS A CE  1 
ATOM   748  N NZ  . LYS A 1 101 ? 12.849  5.485   11.813  1.00 41.43  ? 526 LYS A NZ  1 
ATOM   749  N N   . GLN A 1 102 ? 14.243  -1.766  11.737  1.00 36.39  ? 527 GLN A N   1 
ATOM   750  C CA  . GLN A 1 102 ? 13.854  -3.097  12.208  1.00 37.33  ? 527 GLN A CA  1 
ATOM   751  C C   . GLN A 1 102 ? 12.433  -3.030  12.789  1.00 39.32  ? 527 GLN A C   1 
ATOM   752  O O   . GLN A 1 102 ? 12.173  -3.351  13.957  1.00 39.65  ? 527 GLN A O   1 
ATOM   753  C CB  . GLN A 1 102 ? 14.900  -3.686  13.198  1.00 38.96  ? 527 GLN A CB  1 
ATOM   754  C CG  . GLN A 1 102 ? 16.325  -3.876  12.615  1.00 58.54  ? 527 GLN A CG  1 
ATOM   755  C CD  . GLN A 1 102 ? 16.400  -4.536  11.245  1.00 83.60  ? 527 GLN A CD  1 
ATOM   756  O OE1 . GLN A 1 102 ? 15.968  -5.684  11.043  1.00 80.63  ? 527 GLN A OE1 1 
ATOM   757  N NE2 . GLN A 1 102 ? 16.977  -3.824  10.279  1.00 71.01  ? 527 GLN A NE2 1 
ATOM   758  N N   . TRP A 1 103 ? 11.513  -2.593  11.932  1.00 32.06  ? 528 TRP A N   1 
ATOM   759  C CA  . TRP A 1 103 ? 10.103  -2.394  12.257  1.00 29.98  ? 528 TRP A CA  1 
ATOM   760  C C   . TRP A 1 103 ? 9.342   -3.707  12.371  1.00 32.55  ? 528 TRP A C   1 
ATOM   761  O O   . TRP A 1 103 ? 9.628   -4.655  11.636  1.00 32.86  ? 528 TRP A O   1 
ATOM   762  C CB  . TRP A 1 103 ? 9.461   -1.503  11.159  1.00 27.35  ? 528 TRP A CB  1 
ATOM   763  C CG  . TRP A 1 103 ? 9.559   -2.090  9.768   1.00 27.84  ? 528 TRP A CG  1 
ATOM   764  C CD1 . TRP A 1 103 ? 10.576  -1.928  8.871   1.00 30.42  ? 528 TRP A CD1 1 
ATOM   765  C CD2 . TRP A 1 103 ? 8.596   -2.948  9.134   1.00 27.38  ? 528 TRP A CD2 1 
ATOM   766  N NE1 . TRP A 1 103 ? 10.286  -2.595  7.701   1.00 29.68  ? 528 TRP A NE1 1 
ATOM   767  C CE2 . TRP A 1 103 ? 9.099   -3.270  7.854   1.00 31.34  ? 528 TRP A CE2 1 
ATOM   768  C CE3 . TRP A 1 103 ? 7.342   -3.455  9.516   1.00 28.50  ? 528 TRP A CE3 1 
ATOM   769  C CZ2 . TRP A 1 103 ? 8.374   -4.048  6.941   1.00 30.59  ? 528 TRP A CZ2 1 
ATOM   770  C CZ3 . TRP A 1 103 ? 6.659   -4.285  8.643   1.00 29.51  ? 528 TRP A CZ3 1 
ATOM   771  C CH2 . TRP A 1 103 ? 7.160   -4.552  7.361   1.00 30.44  ? 528 TRP A CH2 1 
ATOM   772  N N   . LYS A 1 104 ? 8.323   -3.745  13.229  1.00 28.64  ? 529 LYS A N   1 
ATOM   773  C CA  . LYS A 1 104 ? 7.453   -4.923  13.340  1.00 29.11  ? 529 LYS A CA  1 
ATOM   774  C C   . LYS A 1 104 ? 6.133   -4.644  12.593  1.00 33.62  ? 529 LYS A C   1 
ATOM   775  O O   . LYS A 1 104 ? 5.595   -5.546  11.931  1.00 31.91  ? 529 LYS A O   1 
ATOM   776  C CB  . LYS A 1 104 ? 7.207   -5.329  14.803  1.00 31.24  ? 529 LYS A CB  1 
ATOM   777  C CG  . LYS A 1 104 ? 6.105   -6.385  14.977  1.00 53.09  ? 529 LYS A CG  1 
ATOM   778  C CD  . LYS A 1 104 ? 6.320   -7.305  16.177  1.00 67.19  ? 529 LYS A CD  1 
ATOM   779  C CE  . LYS A 1 104 ? 5.861   -8.725  15.900  1.00 76.19  ? 529 LYS A CE  1 
ATOM   780  N NZ  . LYS A 1 104 ? 6.861   -9.497  15.106  1.00 82.22  ? 529 LYS A NZ  1 
ATOM   781  N N   . TYR A 1 105 ? 5.594   -3.399  12.723  1.00 30.04  ? 530 TYR A N   1 
ATOM   782  C CA  . TYR A 1 105 ? 4.382   -3.004  11.991  1.00 28.71  ? 530 TYR A CA  1 
ATOM   783  C C   . TYR A 1 105 ? 4.689   -1.787  11.143  1.00 28.88  ? 530 TYR A C   1 
ATOM   784  O O   . TYR A 1 105 ? 5.516   -0.967  11.556  1.00 27.19  ? 530 TYR A O   1 
ATOM   785  C CB  . TYR A 1 105 ? 3.175   -2.780  12.912  1.00 30.37  ? 530 TYR A CB  1 
ATOM   786  C CG  . TYR A 1 105 ? 2.689   -4.061  13.530  1.00 31.15  ? 530 TYR A CG  1 
ATOM   787  C CD1 . TYR A 1 105 ? 2.988   -4.375  14.854  1.00 33.67  ? 530 TYR A CD1 1 
ATOM   788  C CD2 . TYR A 1 105 ? 1.955   -4.982  12.788  1.00 31.67  ? 530 TYR A CD2 1 
ATOM   789  C CE1 . TYR A 1 105 ? 2.539   -5.560  15.435  1.00 34.09  ? 530 TYR A CE1 1 
ATOM   790  C CE2 . TYR A 1 105 ? 1.549   -6.193  13.342  1.00 33.38  ? 530 TYR A CE2 1 
ATOM   791  C CZ  . TYR A 1 105 ? 1.842   -6.475  14.669  1.00 40.64  ? 530 TYR A CZ  1 
ATOM   792  O OH  . TYR A 1 105 ? 1.435   -7.652  15.229  1.00 41.46  ? 530 TYR A OH  1 
ATOM   793  N N   . PRO A 1 106 ? 4.131   -1.687  9.909   1.00 23.26  ? 531 PRO A N   1 
ATOM   794  C CA  . PRO A 1 106 ? 4.475   -0.550  9.041   1.00 21.43  ? 531 PRO A CA  1 
ATOM   795  C C   . PRO A 1 106 ? 4.037   0.832   9.537   1.00 23.41  ? 531 PRO A C   1 
ATOM   796  O O   . PRO A 1 106 ? 4.593   1.827   9.075   1.00 20.32  ? 531 PRO A O   1 
ATOM   797  C CB  . PRO A 1 106 ? 3.864   -0.941  7.690   1.00 22.38  ? 531 PRO A CB  1 
ATOM   798  C CG  . PRO A 1 106 ? 2.737   -1.822  8.032   1.00 26.56  ? 531 PRO A CG  1 
ATOM   799  C CD  . PRO A 1 106 ? 3.184   -2.599  9.238   1.00 23.17  ? 531 PRO A CD  1 
ATOM   800  N N   . ILE A 1 107 ? 3.101   0.899   10.513  1.00 20.76  ? 532 ILE A N   1 
ATOM   801  C CA  . ILE A 1 107 ? 2.720   2.147   11.207  1.00 20.71  ? 532 ILE A CA  1 
ATOM   802  C C   . ILE A 1 107 ? 3.964   2.857   11.755  1.00 23.76  ? 532 ILE A C   1 
ATOM   803  O O   . ILE A 1 107 ? 3.952   4.069   11.860  1.00 22.84  ? 532 ILE A O   1 
ATOM   804  C CB  . ILE A 1 107 ? 1.686   1.889   12.332  1.00 23.90  ? 532 ILE A CB  1 
ATOM   805  C CG1 . ILE A 1 107 ? 1.075   3.181   12.915  1.00 24.30  ? 532 ILE A CG1 1 
ATOM   806  C CG2 . ILE A 1 107 ? 2.189   0.893   13.411  1.00 27.17  ? 532 ILE A CG2 1 
ATOM   807  C CD1 . ILE A 1 107 ? 0.127   3.892   11.964  1.00 27.27  ? 532 ILE A CD1 1 
ATOM   808  N N   . GLU A 1 108 ? 5.067   2.108   12.041  1.00 22.26  ? 533 GLU A N   1 
ATOM   809  C CA  . GLU A 1 108 ? 6.333   2.671   12.555  1.00 21.42  ? 533 GLU A CA  1 
ATOM   810  C C   . GLU A 1 108 ? 7.084   3.488   11.511  1.00 26.17  ? 533 GLU A C   1 
ATOM   811  O O   . GLU A 1 108 ? 7.960   4.295   11.861  1.00 25.61  ? 533 GLU A O   1 
ATOM   812  C CB  . GLU A 1 108 ? 7.257   1.532   13.018  1.00 22.80  ? 533 GLU A CB  1 
ATOM   813  C CG  . GLU A 1 108 ? 6.702   0.713   14.168  1.00 26.53  ? 533 GLU A CG  1 
ATOM   814  C CD  . GLU A 1 108 ? 7.536   -0.517  14.447  1.00 34.34  ? 533 GLU A CD  1 
ATOM   815  O OE1 . GLU A 1 108 ? 8.776   -0.433  14.311  1.00 31.25  ? 533 GLU A OE1 1 
ATOM   816  O OE2 . GLU A 1 108 ? 6.946   -1.577  14.750  1.00 31.01  ? 533 GLU A OE2 1 
ATOM   817  N N   . LEU A 1 109 ? 6.746   3.280   10.222  1.00 22.58  ? 534 LEU A N   1 
ATOM   818  C CA  . LEU A 1 109 ? 7.449   3.891   9.087   1.00 20.47  ? 534 LEU A CA  1 
ATOM   819  C C   . LEU A 1 109 ? 6.838   5.152   8.598   1.00 23.93  ? 534 LEU A C   1 
ATOM   820  O O   . LEU A 1 109 ? 5.634   5.335   8.711   1.00 22.01  ? 534 LEU A O   1 
ATOM   821  C CB  . LEU A 1 109 ? 7.533   2.890   7.913   1.00 19.93  ? 534 LEU A CB  1 
ATOM   822  C CG  . LEU A 1 109 ? 8.067   1.493   8.255   1.00 21.21  ? 534 LEU A CG  1 
ATOM   823  C CD1 . LEU A 1 109 ? 7.879   0.523   7.071   1.00 18.42  ? 534 LEU A CD1 1 
ATOM   824  C CD2 . LEU A 1 109 ? 9.538   1.573   8.758   1.00 22.17  ? 534 LEU A CD2 1 
ATOM   825  N N   . HIS A 1 110 ? 7.679   5.995   8.005   1.00 21.48  ? 535 HIS A N   1 
ATOM   826  C CA  . HIS A 1 110 ? 7.302   7.265   7.433   1.00 22.07  ? 535 HIS A CA  1 
ATOM   827  C C   . HIS A 1 110 ? 6.280   7.054   6.335   1.00 26.04  ? 535 HIS A C   1 
ATOM   828  O O   . HIS A 1 110 ? 6.499   6.226   5.444   1.00 23.16  ? 535 HIS A O   1 
ATOM   829  C CB  . HIS A 1 110 ? 8.524   7.951   6.834   1.00 22.41  ? 535 HIS A CB  1 
ATOM   830  C CG  . HIS A 1 110 ? 8.218   9.302   6.270   1.00 25.88  ? 535 HIS A CG  1 
ATOM   831  N ND1 . HIS A 1 110 ? 7.993   9.485   4.915   1.00 28.24  ? 535 HIS A ND1 1 
ATOM   832  C CD2 . HIS A 1 110 ? 8.098   10.494  6.896   1.00 26.05  ? 535 HIS A CD2 1 
ATOM   833  C CE1 . HIS A 1 110 ? 7.748   10.779  4.768   1.00 26.01  ? 535 HIS A CE1 1 
ATOM   834  N NE2 . HIS A 1 110 ? 7.830   11.424  5.930   1.00 26.62  ? 535 HIS A NE2 1 
ATOM   835  N N   . GLY A 1 111 ? 5.200   7.841   6.396   1.00 23.77  ? 536 GLY A N   1 
ATOM   836  C CA  . GLY A 1 111 ? 4.149   7.827   5.387   1.00 22.73  ? 536 GLY A CA  1 
ATOM   837  C C   . GLY A 1 111 ? 3.122   6.726   5.510   1.00 26.66  ? 536 GLY A C   1 
ATOM   838  O O   . GLY A 1 111 ? 2.197   6.661   4.692   1.00 28.45  ? 536 GLY A O   1 
ATOM   839  N N   . ILE A 1 112 ? 3.245   5.865   6.534   1.00 21.14  ? 537 ILE A N   1 
ATOM   840  C CA  . ILE A 1 112 ? 2.289   4.771   6.744   1.00 19.75  ? 537 ILE A CA  1 
ATOM   841  C C   . ILE A 1 112 ? 1.386   5.114   7.906   1.00 27.59  ? 537 ILE A C   1 
ATOM   842  O O   . ILE A 1 112 ? 1.854   5.066   9.055   1.00 29.24  ? 537 ILE A O   1 
ATOM   843  C CB  . ILE A 1 112 ? 2.969   3.385   6.929   1.00 21.66  ? 537 ILE A CB  1 
ATOM   844  C CG1 . ILE A 1 112 ? 3.911   3.061   5.733   1.00 21.45  ? 537 ILE A CG1 1 
ATOM   845  C CG2 . ILE A 1 112 ? 1.892   2.278   7.124   1.00 20.26  ? 537 ILE A CG2 1 
ATOM   846  C CD1 . ILE A 1 112 ? 3.271   3.216   4.235   1.00 18.44  ? 537 ILE A CD1 1 
ATOM   847  N N   . GLY A 1 113 ? 0.113   5.426   7.613   1.00 21.82  ? 538 GLY A N   1 
ATOM   848  C CA  . GLY A 1 113 ? -0.879  5.747   8.645   1.00 20.17  ? 538 GLY A CA  1 
ATOM   849  C C   . GLY A 1 113 ? -1.718  4.530   8.992   1.00 24.52  ? 538 GLY A C   1 
ATOM   850  O O   . GLY A 1 113 ? -1.365  3.406   8.624   1.00 23.22  ? 538 GLY A O   1 
ATOM   851  N N   . LYS A 1 114 ? -2.845  4.744   9.694   1.00 20.36  ? 539 LYS A N   1 
ATOM   852  C CA  . LYS A 1 114 ? -3.751  3.664   10.076  1.00 19.63  ? 539 LYS A CA  1 
ATOM   853  C C   . LYS A 1 114 ? -4.237  2.842   8.875   1.00 22.79  ? 539 LYS A C   1 
ATOM   854  O O   . LYS A 1 114 ? -4.371  1.613   8.987   1.00 23.46  ? 539 LYS A O   1 
ATOM   855  C CB  . LYS A 1 114 ? -4.931  4.231   10.882  1.00 22.56  ? 539 LYS A CB  1 
ATOM   856  C CG  . LYS A 1 114 ? -5.965  3.173   11.227  1.00 25.83  ? 539 LYS A CG  1 
ATOM   857  C CD  . LYS A 1 114 ? -7.027  3.652   12.201  1.00 33.09  ? 539 LYS A CD  1 
ATOM   858  C CE  . LYS A 1 114 ? -7.775  2.479   12.805  1.00 28.73  ? 539 LYS A CE  1 
ATOM   859  N NZ  . LYS A 1 114 ? -8.548  1.698   11.808  1.00 26.29  ? 539 LYS A NZ  1 
ATOM   860  N N   . TYR A 1 115 ? -4.551  3.511   7.753   1.00 19.93  ? 540 TYR A N   1 
ATOM   861  C CA  . TYR A 1 115 ? -5.028  2.878   6.508   1.00 19.71  ? 540 TYR A CA  1 
ATOM   862  C C   . TYR A 1 115 ? -4.000  1.874   5.957   1.00 24.37  ? 540 TYR A C   1 
ATOM   863  O O   . TYR A 1 115 ? -4.386  0.758   5.606   1.00 23.35  ? 540 TYR A O   1 
ATOM   864  C CB  . TYR A 1 115 ? -5.445  3.938   5.446   1.00 20.52  ? 540 TYR A CB  1 
ATOM   865  C CG  . TYR A 1 115 ? -5.635  3.386   4.044   1.00 20.83  ? 540 TYR A CG  1 
ATOM   866  C CD1 . TYR A 1 115 ? -6.686  2.526   3.747   1.00 21.89  ? 540 TYR A CD1 1 
ATOM   867  C CD2 . TYR A 1 115 ? -4.782  3.758   3.003   1.00 22.33  ? 540 TYR A CD2 1 
ATOM   868  C CE1 . TYR A 1 115 ? -6.840  1.984   2.465   1.00 19.93  ? 540 TYR A CE1 1 
ATOM   869  C CE2 . TYR A 1 115 ? -4.944  3.242   1.712   1.00 22.64  ? 540 TYR A CE2 1 
ATOM   870  C CZ  . TYR A 1 115 ? -5.979  2.363   1.449   1.00 27.88  ? 540 TYR A CZ  1 
ATOM   871  O OH  . TYR A 1 115 ? -6.173  1.894   0.181   1.00 26.82  ? 540 TYR A OH  1 
ATOM   872  N N   . GLY A 1 116 ? -2.725  2.280   5.890   1.00 21.84  ? 541 GLY A N   1 
ATOM   873  C CA  . GLY A 1 116 ? -1.639  1.412   5.433   1.00 20.68  ? 541 GLY A CA  1 
ATOM   874  C C   . GLY A 1 116 ? -1.411  0.257   6.400   1.00 24.55  ? 541 GLY A C   1 
ATOM   875  O O   . GLY A 1 116 ? -1.285  -0.889  5.973   1.00 23.09  ? 541 GLY A O   1 
ATOM   876  N N   . ASN A 1 117 ? -1.467  0.543   7.730   1.00 21.94  ? 542 ASN A N   1 
ATOM   877  C CA  . ASN A 1 117 ? -1.300  -0.468  8.772   1.00 21.83  ? 542 ASN A CA  1 
ATOM   878  C C   . ASN A 1 117 ? -2.428  -1.467  8.786   1.00 23.28  ? 542 ASN A C   1 
ATOM   879  O O   . ASN A 1 117 ? -2.146  -2.657  8.888   1.00 22.41  ? 542 ASN A O   1 
ATOM   880  C CB  . ASN A 1 117 ? -1.098  0.165   10.169  1.00 20.03  ? 542 ASN A CB  1 
ATOM   881  C CG  . ASN A 1 117 ? -0.259  -0.723  11.070  1.00 31.06  ? 542 ASN A CG  1 
ATOM   882  O OD1 . ASN A 1 117 ? 0.898   -1.007  10.778  1.00 25.40  ? 542 ASN A OD1 1 
ATOM   883  N ND2 . ASN A 1 117 ? -0.782  -1.113  12.214  1.00 25.24  ? 542 ASN A ND2 1 
ATOM   884  N N   . ASP A 1 118 ? -3.696  -1.009  8.606   1.00 21.10  ? 543 ASP A N   1 
ATOM   885  C CA  . ASP A 1 118 ? -4.887  -1.884  8.491   1.00 21.27  ? 543 ASP A CA  1 
ATOM   886  C C   . ASP A 1 118 ? -4.775  -2.813  7.256   1.00 25.36  ? 543 ASP A C   1 
ATOM   887  O O   . ASP A 1 118 ? -5.115  -3.987  7.333   1.00 25.22  ? 543 ASP A O   1 
ATOM   888  C CB  . ASP A 1 118 ? -6.180  -1.038  8.376   1.00 22.99  ? 543 ASP A CB  1 
ATOM   889  C CG  . ASP A 1 118 ? -6.650  -0.388  9.670   1.00 23.80  ? 543 ASP A CG  1 
ATOM   890  O OD1 . ASP A 1 118 ? -6.120  -0.733  10.740  1.00 22.43  ? 543 ASP A OD1 1 
ATOM   891  O OD2 . ASP A 1 118 ? -7.499  0.495   9.602   1.00 22.33  ? 543 ASP A OD2 1 
ATOM   892  N N   . SER A 1 119 ? -4.300  -2.272  6.125   1.00 21.49  ? 544 SER A N   1 
ATOM   893  C CA  . SER A 1 119 ? -4.099  -3.007  4.879   1.00 20.43  ? 544 SER A CA  1 
ATOM   894  C C   . SER A 1 119 ? -3.055  -4.093  5.105   1.00 24.14  ? 544 SER A C   1 
ATOM   895  O O   . SER A 1 119 ? -3.259  -5.215  4.691   1.00 26.06  ? 544 SER A O   1 
ATOM   896  C CB  . SER A 1 119 ? -3.611  -2.066  3.772   1.00 20.25  ? 544 SER A CB  1 
ATOM   897  O OG  . SER A 1 119 ? -4.598  -1.113  3.396   1.00 21.15  ? 544 SER A OG  1 
ATOM   898  N N   . TYR A 1 120 ? -1.927  -3.753  5.746   1.00 21.30  ? 545 TYR A N   1 
ATOM   899  C CA  . TYR A 1 120 ? -0.875  -4.727  6.030   1.00 21.73  ? 545 TYR A CA  1 
ATOM   900  C C   . TYR A 1 120 ? -1.350  -5.841  6.973   1.00 26.91  ? 545 TYR A C   1 
ATOM   901  O O   . TYR A 1 120 ? -0.990  -7.018  6.779   1.00 26.57  ? 545 TYR A O   1 
ATOM   902  C CB  . TYR A 1 120 ? 0.329   -3.991  6.632   1.00 23.38  ? 545 TYR A CB  1 
ATOM   903  C CG  . TYR A 1 120 ? 1.438   -4.910  7.090   1.00 26.07  ? 545 TYR A CG  1 
ATOM   904  C CD1 . TYR A 1 120 ? 2.469   -5.273  6.227   1.00 28.27  ? 545 TYR A CD1 1 
ATOM   905  C CD2 . TYR A 1 120 ? 1.481   -5.388  8.398   1.00 26.27  ? 545 TYR A CD2 1 
ATOM   906  C CE1 . TYR A 1 120 ? 3.513   -6.091  6.654   1.00 28.57  ? 545 TYR A CE1 1 
ATOM   907  C CE2 . TYR A 1 120 ? 2.502   -6.231  8.825   1.00 26.59  ? 545 TYR A CE2 1 
ATOM   908  C CZ  . TYR A 1 120 ? 3.506   -6.596  7.944   1.00 32.11  ? 545 TYR A CZ  1 
ATOM   909  O OH  . TYR A 1 120 ? 4.522   -7.426  8.363   1.00 29.59  ? 545 TYR A OH  1 
ATOM   910  N N   . ARG A 1 121 ? -2.148  -5.475  8.002   1.00 23.70  ? 546 ARG A N   1 
ATOM   911  C CA  . ARG A 1 121 ? -2.643  -6.422  9.015   1.00 22.55  ? 546 ARG A CA  1 
ATOM   912  C C   . ARG A 1 121 ? -3.786  -7.304  8.522   1.00 26.97  ? 546 ARG A C   1 
ATOM   913  O O   . ARG A 1 121 ? -4.145  -8.311  9.164   1.00 25.56  ? 546 ARG A O   1 
ATOM   914  C CB  . ARG A 1 121 ? -2.993  -5.678  10.310  1.00 21.53  ? 546 ARG A CB  1 
ATOM   915  C CG  . ARG A 1 121 ? -1.744  -5.224  11.045  1.00 26.26  ? 546 ARG A CG  1 
ATOM   916  C CD  . ARG A 1 121 ? -2.096  -4.399  12.259  1.00 33.39  ? 546 ARG A CD  1 
ATOM   917  N NE  . ARG A 1 121 ? -2.778  -5.193  13.283  1.00 28.85  ? 546 ARG A NE  1 
ATOM   918  C CZ  . ARG A 1 121 ? -3.871  -4.797  13.934  1.00 46.28  ? 546 ARG A CZ  1 
ATOM   919  N NH1 . ARG A 1 121 ? -4.424  -3.614  13.669  1.00 33.85  ? 546 ARG A NH1 1 
ATOM   920  N NH2 . ARG A 1 121 ? -4.416  -5.576  14.857  1.00 29.16  ? 546 ARG A NH2 1 
ATOM   921  N N   . ILE A 1 122 ? -4.380  -6.908  7.398   1.00 22.21  ? 547 ILE A N   1 
ATOM   922  C CA  . ILE A 1 122 ? -5.402  -7.709  6.756   1.00 22.33  ? 547 ILE A CA  1 
ATOM   923  C C   . ILE A 1 122 ? -4.729  -8.625  5.705   1.00 25.89  ? 547 ILE A C   1 
ATOM   924  O O   . ILE A 1 122 ? -5.007  -9.823  5.669   1.00 25.26  ? 547 ILE A O   1 
ATOM   925  C CB  . ILE A 1 122 ? -6.553  -6.860  6.119   1.00 25.12  ? 547 ILE A CB  1 
ATOM   926  C CG1 . ILE A 1 122 ? -7.439  -6.184  7.215   1.00 24.61  ? 547 ILE A CG1 1 
ATOM   927  C CG2 . ILE A 1 122 ? -7.438  -7.750  5.193   1.00 26.72  ? 547 ILE A CG2 1 
ATOM   928  C CD1 . ILE A 1 122 ? -8.446  -5.098  6.643   1.00 24.51  ? 547 ILE A CD1 1 
ATOM   929  N N   . PHE A 1 123 ? -3.854  -8.055  4.849   1.00 22.29  ? 548 PHE A N   1 
ATOM   930  C CA  . PHE A 1 123 ? -3.296  -8.779  3.710   1.00 22.08  ? 548 PHE A CA  1 
ATOM   931  C C   . PHE A 1 123 ? -1.923  -9.410  3.846   1.00 26.69  ? 548 PHE A C   1 
ATOM   932  O O   . PHE A 1 123 ? -1.668  -10.450 3.220   1.00 24.87  ? 548 PHE A O   1 
ATOM   933  C CB  . PHE A 1 123 ? -3.391  -7.913  2.452   1.00 23.01  ? 548 PHE A CB  1 
ATOM   934  C CG  . PHE A 1 123 ? -4.804  -7.493  2.102   1.00 22.91  ? 548 PHE A CG  1 
ATOM   935  C CD1 . PHE A 1 123 ? -5.295  -6.248  2.491   1.00 25.26  ? 548 PHE A CD1 1 
ATOM   936  C CD2 . PHE A 1 123 ? -5.642  -8.343  1.386   1.00 24.54  ? 548 PHE A CD2 1 
ATOM   937  C CE1 . PHE A 1 123 ? -6.597  -5.860  2.178   1.00 25.31  ? 548 PHE A CE1 1 
ATOM   938  C CE2 . PHE A 1 123 ? -6.946  -7.956  1.076   1.00 26.23  ? 548 PHE A CE2 1 
ATOM   939  C CZ  . PHE A 1 123 ? -7.412  -6.714  1.462   1.00 25.03  ? 548 PHE A CZ  1 
ATOM   940  N N   . CYS A 1 124 ? -1.022  -8.779  4.605   1.00 24.58  ? 549 CYS A N   1 
ATOM   941  C CA  . CYS A 1 124 ? 0.346   -9.292  4.714   1.00 25.16  ? 549 CYS A CA  1 
ATOM   942  C C   . CYS A 1 124 ? 0.581   -10.220 5.884   1.00 32.20  ? 549 CYS A C   1 
ATOM   943  O O   . CYS A 1 124 ? 1.495   -11.044 5.830   1.00 32.02  ? 549 CYS A O   1 
ATOM   944  C CB  . CYS A 1 124 ? 1.361   -8.150  4.687   1.00 23.95  ? 549 CYS A CB  1 
ATOM   945  S SG  . CYS A 1 124 ? 1.248   -7.087  3.229   1.00 26.11  ? 549 CYS A SG  1 
ATOM   946  N N   . VAL A 1 125 ? -0.205  -10.056 6.965   1.00 29.06  ? 550 VAL A N   1 
ATOM   947  C CA  . VAL A 1 125 ? -0.126  -10.879 8.172   1.00 28.87  ? 550 VAL A CA  1 
ATOM   948  C C   . VAL A 1 125 ? -1.545  -11.300 8.533   1.00 31.88  ? 550 VAL A C   1 
ATOM   949  O O   . VAL A 1 125 ? -2.485  -10.620 8.132   1.00 29.75  ? 550 VAL A O   1 
ATOM   950  C CB  . VAL A 1 125 ? 0.634   -10.233 9.370   1.00 32.56  ? 550 VAL A CB  1 
ATOM   951  C CG1 . VAL A 1 125 ? 2.078   -9.923  9.009   1.00 33.41  ? 550 VAL A CG1 1 
ATOM   952  C CG2 . VAL A 1 125 ? -0.070  -8.987  9.907   1.00 31.96  ? 550 VAL A CG2 1 
ATOM   953  N N   . ASN A 1 126 ? -1.717  -12.414 9.261   1.00 31.21  ? 551 ASN A N   1 
ATOM   954  C CA  . ASN A 1 126 ? -3.059  -12.921 9.589   1.00 32.77  ? 551 ASN A CA  1 
ATOM   955  C C   . ASN A 1 126 ? -3.669  -12.254 10.810  1.00 36.38  ? 551 ASN A C   1 
ATOM   956  O O   . ASN A 1 126 ? -4.000  -12.941 11.784  1.00 37.95  ? 551 ASN A O   1 
ATOM   957  C CB  . ASN A 1 126 ? -3.072  -14.463 9.724   1.00 36.94  ? 551 ASN A CB  1 
ATOM   958  C CG  . ASN A 1 126 ? -4.461  -15.092 9.814   1.00 69.03  ? 551 ASN A CG  1 
ATOM   959  O OD1 . ASN A 1 126 ? -5.498  -14.456 9.578   1.00 64.18  ? 551 ASN A OD1 1 
ATOM   960  N ND2 . ASN A 1 126 ? -4.511  -16.372 10.143  1.00 66.80  ? 551 ASN A ND2 1 
ATOM   961  N N   . GLU A 1 127 ? -3.842  -10.923 10.770  1.00 28.99  ? 552 GLU A N   1 
ATOM   962  C CA  . GLU A 1 127 ? -4.416  -10.204 11.913  1.00 27.17  ? 552 GLU A CA  1 
ATOM   963  C C   . GLU A 1 127 ? -5.775  -9.552  11.615  1.00 30.10  ? 552 GLU A C   1 
ATOM   964  O O   . GLU A 1 127 ? -6.228  -8.740  12.412  1.00 29.26  ? 552 GLU A O   1 
ATOM   965  C CB  . GLU A 1 127 ? -3.426  -9.144  12.414  1.00 27.76  ? 552 GLU A CB  1 
ATOM   966  C CG  . GLU A 1 127 ? -2.158  -9.733  13.024  1.00 28.62  ? 552 GLU A CG  1 
ATOM   967  C CD  . GLU A 1 127 ? -1.230  -8.701  13.632  1.00 40.08  ? 552 GLU A CD  1 
ATOM   968  O OE1 . GLU A 1 127 ? -1.629  -7.526  13.802  1.00 33.65  ? 552 GLU A OE1 1 
ATOM   969  O OE2 . GLU A 1 127 ? -0.064  -9.059  13.879  1.00 32.47  ? 552 GLU A OE2 1 
ATOM   970  N N   . TRP A 1 128 ? -6.438  -9.927  10.510  1.00 27.13  ? 553 TRP A N   1 
ATOM   971  C CA  . TRP A 1 128 ? -7.694  -9.304  10.059  1.00 27.47  ? 553 TRP A CA  1 
ATOM   972  C C   . TRP A 1 128 ? -8.850  -9.222  11.058  1.00 32.98  ? 553 TRP A C   1 
ATOM   973  O O   . TRP A 1 128 ? -9.617  -8.263  11.037  1.00 30.14  ? 553 TRP A O   1 
ATOM   974  C CB  . TRP A 1 128 ? -8.144  -9.877  8.715   1.00 26.61  ? 553 TRP A CB  1 
ATOM   975  C CG  . TRP A 1 128 ? -8.660  -11.280 8.796   1.00 28.16  ? 553 TRP A CG  1 
ATOM   976  C CD1 . TRP A 1 128 ? -7.926  -12.433 8.772   1.00 31.36  ? 553 TRP A CD1 1 
ATOM   977  C CD2 . TRP A 1 128 ? -10.025 -11.674 9.002   1.00 28.01  ? 553 TRP A CD2 1 
ATOM   978  N NE1 . TRP A 1 128 ? -8.763  -13.528 8.897   1.00 30.48  ? 553 TRP A NE1 1 
ATOM   979  C CE2 . TRP A 1 128 ? -10.053 -13.087 9.045   1.00 31.68  ? 553 TRP A CE2 1 
ATOM   980  C CE3 . TRP A 1 128 ? -11.244 -10.967 9.091   1.00 28.70  ? 553 TRP A CE3 1 
ATOM   981  C CZ2 . TRP A 1 128 ? -11.242 -13.803 9.214   1.00 31.23  ? 553 TRP A CZ2 1 
ATOM   982  C CZ3 . TRP A 1 128 ? -12.418 -11.678 9.271   1.00 29.81  ? 553 TRP A CZ3 1 
ATOM   983  C CH2 . TRP A 1 128 ? -12.415 -13.080 9.314   1.00 30.35  ? 553 TRP A CH2 1 
ATOM   984  N N   . LYS A 1 129 ? -9.017  -10.266 11.880  1.00 32.59  ? 554 LYS A N   1 
ATOM   985  C CA  . LYS A 1 129 ? -10.074 -10.353 12.894  1.00 32.10  ? 554 LYS A CA  1 
ATOM   986  C C   . LYS A 1 129 ? -9.920  -9.244  13.927  1.00 34.49  ? 554 LYS A C   1 
ATOM   987  O O   . LYS A 1 129 ? -10.921 -8.794  14.477  1.00 33.75  ? 554 LYS A O   1 
ATOM   988  C CB  . LYS A 1 129 ? -10.056 -11.729 13.594  1.00 35.02  ? 554 LYS A CB  1 
ATOM   989  C CG  . LYS A 1 129 ? -10.478 -12.864 12.687  1.00 35.36  ? 554 LYS A CG  1 
ATOM   990  C CD  . LYS A 1 129 ? -10.442 -14.195 13.403  1.00 43.43  ? 554 LYS A CD  1 
ATOM   991  C CE  . LYS A 1 129 ? -11.081 -15.263 12.554  1.00 43.25  ? 554 LYS A CE  1 
ATOM   992  N NZ  . LYS A 1 129 ? -10.821 -16.616 13.095  1.00 38.58  ? 554 LYS A NZ  1 
ATOM   993  N N   . GLN A 1 130 ? -8.668  -8.788  14.158  1.00 31.27  ? 555 GLN A N   1 
ATOM   994  C CA  . GLN A 1 130 ? -8.335  -7.727  15.108  1.00 31.36  ? 555 GLN A CA  1 
ATOM   995  C C   . GLN A 1 130 ? -8.288  -6.333  14.491  1.00 35.20  ? 555 GLN A C   1 
ATOM   996  O O   . GLN A 1 130 ? -8.007  -5.354  15.199  1.00 35.69  ? 555 GLN A O   1 
ATOM   997  C CB  . GLN A 1 130 ? -7.024  -8.041  15.847  1.00 32.21  ? 555 GLN A CB  1 
ATOM   998  C CG  . GLN A 1 130 ? -7.160  -9.222  16.818  1.00 47.43  ? 555 GLN A CG  1 
ATOM   999  C CD  . GLN A 1 130 ? -6.005  -9.337  17.777  1.00 69.77  ? 555 GLN A CD  1 
ATOM   1000 O OE1 . GLN A 1 130 ? -6.170  -9.231  18.997  1.00 63.03  ? 555 GLN A OE1 1 
ATOM   1001 N NE2 . GLN A 1 130 ? -4.811  -9.583  17.254  1.00 70.30  ? 555 GLN A NE2 1 
ATOM   1002 N N   . VAL A 1 131 ? -8.554  -6.241  13.174  1.00 29.49  ? 556 VAL A N   1 
ATOM   1003 C CA  . VAL A 1 131 ? -8.534  -4.968  12.429  1.00 26.74  ? 556 VAL A CA  1 
ATOM   1004 C C   . VAL A 1 131 ? -9.957  -4.400  12.327  1.00 26.84  ? 556 VAL A C   1 
ATOM   1005 O O   . VAL A 1 131 ? -10.913 -5.153  12.144  1.00 26.90  ? 556 VAL A O   1 
ATOM   1006 C CB  . VAL A 1 131 ? -7.860  -5.141  11.017  1.00 27.93  ? 556 VAL A CB  1 
ATOM   1007 C CG1 . VAL A 1 131 ? -7.886  -3.837  10.212  1.00 26.57  ? 556 VAL A CG1 1 
ATOM   1008 C CG2 . VAL A 1 131 ? -6.416  -5.635  11.158  1.00 26.89  ? 556 VAL A CG2 1 
ATOM   1009 N N   . HIS A 1 132 ? -10.090 -3.074  12.443  1.00 22.78  ? 557 HIS A N   1 
ATOM   1010 C CA  . HIS A 1 132 ? -11.380 -2.357  12.356  1.00 23.39  ? 557 HIS A CA  1 
ATOM   1011 C C   . HIS A 1 132 ? -11.198 -1.199  11.367  1.00 28.20  ? 557 HIS A C   1 
ATOM   1012 O O   . HIS A 1 132 ? -10.846 -0.091  11.781  1.00 28.65  ? 557 HIS A O   1 
ATOM   1013 C CB  . HIS A 1 132 ? -11.826 -1.899  13.768  1.00 24.13  ? 557 HIS A CB  1 
ATOM   1014 C CG  . HIS A 1 132 ? -12.162 -3.071  14.637  1.00 28.96  ? 557 HIS A CG  1 
ATOM   1015 N ND1 . HIS A 1 132 ? -11.430 -3.362  15.775  1.00 31.98  ? 557 HIS A ND1 1 
ATOM   1016 C CD2 . HIS A 1 132 ? -13.087 -4.037  14.453  1.00 30.20  ? 557 HIS A CD2 1 
ATOM   1017 C CE1 . HIS A 1 132 ? -11.943 -4.484  16.251  1.00 30.45  ? 557 HIS A CE1 1 
ATOM   1018 N NE2 . HIS A 1 132 ? -12.929 -4.937  15.480  1.00 30.23  ? 557 HIS A NE2 1 
ATOM   1019 N N   . PRO A 1 133 ? -11.257 -1.496  10.041  1.00 26.53  ? 558 PRO A N   1 
ATOM   1020 C CA  . PRO A 1 133 ? -10.963 -0.451  9.034   1.00 25.70  ? 558 PRO A CA  1 
ATOM   1021 C C   . PRO A 1 133 ? -11.935 0.709   8.960   1.00 32.04  ? 558 PRO A C   1 
ATOM   1022 O O   . PRO A 1 133 ? -13.104 0.568   9.314   1.00 33.09  ? 558 PRO A O   1 
ATOM   1023 C CB  . PRO A 1 133 ? -10.955 -1.203  7.692   1.00 26.76  ? 558 PRO A CB  1 
ATOM   1024 C CG  . PRO A 1 133 ? -11.130 -2.644  8.008   1.00 30.52  ? 558 PRO A CG  1 
ATOM   1025 C CD  . PRO A 1 133 ? -11.642 -2.779  9.402   1.00 26.06  ? 558 PRO A CD  1 
ATOM   1026 N N   . GLU A 1 134 ? -11.455 1.841   8.419   1.00 28.66  ? 559 GLU A N   1 
ATOM   1027 C CA  . GLU A 1 134 ? -12.275 3.040   8.199   1.00 28.92  ? 559 GLU A CA  1 
ATOM   1028 C C   . GLU A 1 134 ? -12.380 3.392   6.702   1.00 35.17  ? 559 GLU A C   1 
ATOM   1029 O O   . GLU A 1 134 ? -13.185 4.232   6.324   1.00 38.49  ? 559 GLU A O   1 
ATOM   1030 C CB  . GLU A 1 134 ? -11.790 4.205   9.073   1.00 29.97  ? 559 GLU A CB  1 
ATOM   1031 C CG  . GLU A 1 134 ? -12.061 3.934   10.546  1.00 44.21  ? 559 GLU A CG  1 
ATOM   1032 C CD  . GLU A 1 134 ? -11.280 4.759   11.549  1.00 76.65  ? 559 GLU A CD  1 
ATOM   1033 O OE1 . GLU A 1 134 ? -11.898 5.211   12.540  1.00 80.96  ? 559 GLU A OE1 1 
ATOM   1034 O OE2 . GLU A 1 134 ? -10.053 4.930   11.369  1.00 78.23  ? 559 GLU A OE2 1 
ATOM   1035 N N   . ASP A 1 135 ? -11.668 2.661   5.850   1.00 30.00  ? 560 ASP A N   1 
ATOM   1036 C CA  . ASP A 1 135 ? -11.668 2.860   4.403   1.00 28.89  ? 560 ASP A CA  1 
ATOM   1037 C C   . ASP A 1 135 ? -12.783 2.044   3.772   1.00 34.31  ? 560 ASP A C   1 
ATOM   1038 O O   . ASP A 1 135 ? -12.929 0.872   4.114   1.00 34.01  ? 560 ASP A O   1 
ATOM   1039 C CB  . ASP A 1 135 ? -10.319 2.429   3.838   1.00 29.11  ? 560 ASP A CB  1 
ATOM   1040 C CG  . ASP A 1 135 ? -10.251 2.574   2.330   1.00 30.95  ? 560 ASP A CG  1 
ATOM   1041 O OD1 . ASP A 1 135 ? -10.246 3.718   1.846   1.00 32.94  ? 560 ASP A OD1 1 
ATOM   1042 O OD2 . ASP A 1 135 ? -10.218 1.547   1.645   1.00 33.57  ? 560 ASP A OD2 1 
ATOM   1043 N N   . HIS A 1 136 ? -13.543 2.652   2.839   1.00 33.42  ? 561 HIS A N   1 
ATOM   1044 C CA  . HIS A 1 136 ? -14.676 2.052   2.127   1.00 35.74  ? 561 HIS A CA  1 
ATOM   1045 C C   . HIS A 1 136 ? -14.347 0.687   1.507   1.00 36.31  ? 561 HIS A C   1 
ATOM   1046 O O   . HIS A 1 136 ? -15.016 -0.294  1.810   1.00 35.54  ? 561 HIS A O   1 
ATOM   1047 C CB  . HIS A 1 136 ? -15.225 3.022   1.063   1.00 38.80  ? 561 HIS A CB  1 
ATOM   1048 C CG  . HIS A 1 136 ? -16.378 2.469   0.290   1.00 44.22  ? 561 HIS A CG  1 
ATOM   1049 N ND1 . HIS A 1 136 ? -16.213 1.962   -0.993  1.00 47.25  ? 561 HIS A ND1 1 
ATOM   1050 C CD2 . HIS A 1 136 ? -17.674 2.317   0.659   1.00 47.14  ? 561 HIS A CD2 1 
ATOM   1051 C CE1 . HIS A 1 136 ? -17.412 1.538   -1.363  1.00 46.91  ? 561 HIS A CE1 1 
ATOM   1052 N NE2 . HIS A 1 136 ? -18.320 1.721   -0.401  1.00 47.20  ? 561 HIS A NE2 1 
ATOM   1053 N N   . LYS A 1 137 ? -13.297 0.630   0.676   1.00 31.49  ? 562 LYS A N   1 
ATOM   1054 C CA  . LYS A 1 137 ? -12.832 -0.587  0.033   1.00 29.81  ? 562 LYS A CA  1 
ATOM   1055 C C   . LYS A 1 137 ? -12.330 -1.641  1.034   1.00 31.66  ? 562 LYS A C   1 
ATOM   1056 O O   . LYS A 1 137 ? -12.710 -2.816  0.918   1.00 30.86  ? 562 LYS A O   1 
ATOM   1057 C CB  . LYS A 1 137 ? -11.771 -0.250  -1.044  1.00 33.05  ? 562 LYS A CB  1 
ATOM   1058 C CG  . LYS A 1 137 ? -12.397 0.071   -2.392  1.00 40.03  ? 562 LYS A CG  1 
ATOM   1059 C CD  . LYS A 1 137 ? -11.409 0.723   -3.353  1.00 52.78  ? 562 LYS A CD  1 
ATOM   1060 C CE  . LYS A 1 137 ? -11.922 0.779   -4.777  1.00 67.83  ? 562 LYS A CE  1 
ATOM   1061 N NZ  . LYS A 1 137 ? -11.769 -0.523  -5.492  1.00 81.83  ? 562 LYS A NZ  1 
ATOM   1062 N N   . LEU A 1 138 ? -11.521 -1.235  2.034   1.00 27.15  ? 563 LEU A N   1 
ATOM   1063 C CA  . LEU A 1 138 ? -11.045 -2.185  3.056   1.00 25.95  ? 563 LEU A CA  1 
ATOM   1064 C C   . LEU A 1 138 ? -12.210 -2.853  3.785   1.00 31.26  ? 563 LEU A C   1 
ATOM   1065 O O   . LEU A 1 138 ? -12.187 -4.063  4.004   1.00 30.80  ? 563 LEU A O   1 
ATOM   1066 C CB  . LEU A 1 138 ? -10.127 -1.520  4.075   1.00 25.46  ? 563 LEU A CB  1 
ATOM   1067 C CG  . LEU A 1 138 ? -8.663  -1.351  3.694   1.00 30.10  ? 563 LEU A CG  1 
ATOM   1068 C CD1 . LEU A 1 138 ? -7.863  -0.821  4.884   1.00 28.30  ? 563 LEU A CD1 1 
ATOM   1069 C CD2 . LEU A 1 138 ? -8.033  -2.684  3.199   1.00 33.51  ? 563 LEU A CD2 1 
ATOM   1070 N N   . ASN A 1 139 ? -13.223 -2.058  4.140   1.00 29.19  ? 564 ASN A N   1 
ATOM   1071 C CA  . ASN A 1 139 ? -14.431 -2.520  4.802   1.00 29.48  ? 564 ASN A CA  1 
ATOM   1072 C C   . ASN A 1 139 ? -15.250 -3.450  3.909   1.00 35.56  ? 564 ASN A C   1 
ATOM   1073 O O   . ASN A 1 139 ? -15.746 -4.452  4.410   1.00 37.12  ? 564 ASN A O   1 
ATOM   1074 C CB  . ASN A 1 139 ? -15.241 -1.338  5.344   1.00 30.18  ? 564 ASN A CB  1 
ATOM   1075 C CG  . ASN A 1 139 ? -14.812 -0.931  6.727   1.00 54.55  ? 564 ASN A CG  1 
ATOM   1076 O OD1 . ASN A 1 139 ? -14.676 -1.756  7.645   1.00 47.82  ? 564 ASN A OD1 1 
ATOM   1077 N ND2 . ASN A 1 139 ? -14.616 0.358   6.917   1.00 49.59  ? 564 ASN A ND2 1 
ATOM   1078 N N   . LYS A 1 140 ? -15.316 -3.193  2.590   1.00 32.29  ? 565 LYS A N   1 
ATOM   1079 C CA  . LYS A 1 140 ? -16.002 -4.112  1.662   1.00 32.30  ? 565 LYS A CA  1 
ATOM   1080 C C   . LYS A 1 140 ? -15.292 -5.464  1.726   1.00 34.05  ? 565 LYS A C   1 
ATOM   1081 O O   . LYS A 1 140 ? -15.958 -6.476  1.925   1.00 35.00  ? 565 LYS A O   1 
ATOM   1082 C CB  . LYS A 1 140 ? -16.010 -3.591  0.213   1.00 34.58  ? 565 LYS A CB  1 
ATOM   1083 C CG  . LYS A 1 140 ? -17.072 -2.543  -0.088  1.00 49.30  ? 565 LYS A CG  1 
ATOM   1084 C CD  . LYS A 1 140 ? -17.060 -2.189  -1.574  1.00 60.48  ? 565 LYS A CD  1 
ATOM   1085 C CE  . LYS A 1 140 ? -18.435 -1.826  -2.087  1.00 76.31  ? 565 LYS A CE  1 
ATOM   1086 N NZ  . LYS A 1 140 ? -18.412 -1.454  -3.528  1.00 83.02  ? 565 LYS A NZ  1 
ATOM   1087 N N   . TYR A 1 141 ? -13.944 -5.483  1.654   1.00 28.91  ? 566 TYR A N   1 
ATOM   1088 C CA  . TYR A 1 141 ? -13.208 -6.753  1.781   1.00 27.71  ? 566 TYR A CA  1 
ATOM   1089 C C   . TYR A 1 141 ? -13.436 -7.389  3.153   1.00 30.73  ? 566 TYR A C   1 
ATOM   1090 O O   . TYR A 1 141 ? -13.781 -8.569  3.224   1.00 29.42  ? 566 TYR A O   1 
ATOM   1091 C CB  . TYR A 1 141 ? -11.694 -6.599  1.504   1.00 27.51  ? 566 TYR A CB  1 
ATOM   1092 C CG  . TYR A 1 141 ? -10.920 -7.899  1.620   1.00 27.35  ? 566 TYR A CG  1 
ATOM   1093 C CD1 . TYR A 1 141 ? -10.709 -8.713  0.508   1.00 27.90  ? 566 TYR A CD1 1 
ATOM   1094 C CD2 . TYR A 1 141 ? -10.406 -8.318  2.841   1.00 27.13  ? 566 TYR A CD2 1 
ATOM   1095 C CE1 . TYR A 1 141 ? -10.045 -9.934  0.622   1.00 28.57  ? 566 TYR A CE1 1 
ATOM   1096 C CE2 . TYR A 1 141 ? -9.735  -9.527  2.967   1.00 27.88  ? 566 TYR A CE2 1 
ATOM   1097 C CZ  . TYR A 1 141 ? -9.565  -10.341 1.860   1.00 33.93  ? 566 TYR A CZ  1 
ATOM   1098 O OH  . TYR A 1 141 ? -8.897  -11.525 2.031   1.00 32.56  ? 566 TYR A OH  1 
ATOM   1099 N N   . HIS A 1 142 ? -13.143 -6.626  4.234   1.00 26.49  ? 567 HIS A N   1 
ATOM   1100 C CA  . HIS A 1 142 ? -13.214 -7.060  5.623   1.00 25.91  ? 567 HIS A CA  1 
ATOM   1101 C C   . HIS A 1 142 ? -14.588 -7.656  5.997   1.00 31.86  ? 567 HIS A C   1 
ATOM   1102 O O   . HIS A 1 142 ? -14.628 -8.765  6.560   1.00 30.21  ? 567 HIS A O   1 
ATOM   1103 C CB  . HIS A 1 142 ? -12.783 -5.913  6.555   1.00 26.18  ? 567 HIS A CB  1 
ATOM   1104 C CG  . HIS A 1 142 ? -12.509 -6.321  7.960   1.00 28.62  ? 567 HIS A CG  1 
ATOM   1105 N ND1 . HIS A 1 142 ? -13.351 -5.944  8.987   1.00 30.08  ? 567 HIS A ND1 1 
ATOM   1106 C CD2 . HIS A 1 142 ? -11.464 -7.005  8.478   1.00 29.91  ? 567 HIS A CD2 1 
ATOM   1107 C CE1 . HIS A 1 142 ? -12.815 -6.430  10.088  1.00 29.21  ? 567 HIS A CE1 1 
ATOM   1108 N NE2 . HIS A 1 142 ? -11.667 -7.066  9.834   1.00 29.71  ? 567 HIS A NE2 1 
ATOM   1109 N N   . ASP A 1 143 ? -15.696 -6.960  5.636   1.00 29.54  ? 568 ASP A N   1 
ATOM   1110 C CA  . ASP A 1 143 ? -17.061 -7.450  5.882   1.00 30.75  ? 568 ASP A CA  1 
ATOM   1111 C C   . ASP A 1 143 ? -17.297 -8.765  5.153   1.00 38.05  ? 568 ASP A C   1 
ATOM   1112 O O   . ASP A 1 143 ? -17.854 -9.689  5.750   1.00 39.31  ? 568 ASP A O   1 
ATOM   1113 C CB  . ASP A 1 143 ? -18.122 -6.414  5.451   1.00 31.88  ? 568 ASP A CB  1 
ATOM   1114 C CG  . ASP A 1 143 ? -18.157 -5.152  6.297   1.00 39.61  ? 568 ASP A CG  1 
ATOM   1115 O OD1 . ASP A 1 143 ? -17.710 -5.200  7.471   1.00 38.82  ? 568 ASP A OD1 1 
ATOM   1116 O OD2 . ASP A 1 143 ? -18.628 -4.122  5.792   1.00 43.61  ? 568 ASP A OD2 1 
ATOM   1117 N N   . TRP A 1 144 ? -16.841 -8.866  3.868   1.00 34.39  ? 569 TRP A N   1 
ATOM   1118 C CA  . TRP A 1 144 ? -16.964 -10.094 3.068   1.00 33.85  ? 569 TRP A CA  1 
ATOM   1119 C C   . TRP A 1 144 ? -16.210 -11.225 3.751   1.00 34.82  ? 569 TRP A C   1 
ATOM   1120 O O   . TRP A 1 144 ? -16.700 -12.354 3.816   1.00 34.29  ? 569 TRP A O   1 
ATOM   1121 C CB  . TRP A 1 144 ? -16.450 -9.877  1.617   1.00 33.10  ? 569 TRP A CB  1 
ATOM   1122 C CG  . TRP A 1 144 ? -16.220 -11.147 0.830   1.00 33.94  ? 569 TRP A CG  1 
ATOM   1123 C CD1 . TRP A 1 144 ? -17.119 -11.790 0.027   1.00 36.79  ? 569 TRP A CD1 1 
ATOM   1124 C CD2 . TRP A 1 144 ? -15.010 -11.923 0.779   1.00 34.01  ? 569 TRP A CD2 1 
ATOM   1125 N NE1 . TRP A 1 144 ? -16.554 -12.930 -0.502  1.00 36.18  ? 569 TRP A NE1 1 
ATOM   1126 C CE2 . TRP A 1 144 ? -15.251 -13.024 -0.075  1.00 38.22  ? 569 TRP A CE2 1 
ATOM   1127 C CE3 . TRP A 1 144 ? -13.727 -11.773 1.340   1.00 35.44  ? 569 TRP A CE3 1 
ATOM   1128 C CZ2 . TRP A 1 144 ? -14.272 -13.998 -0.336  1.00 37.39  ? 569 TRP A CZ2 1 
ATOM   1129 C CZ3 . TRP A 1 144 ? -12.760 -12.734 1.081   1.00 37.00  ? 569 TRP A CZ3 1 
ATOM   1130 C CH2 . TRP A 1 144 ? -13.035 -13.830 0.250   1.00 37.75  ? 569 TRP A CH2 1 
ATOM   1131 N N   . LEU A 1 145 ? -15.018 -10.931 4.264   1.00 30.82  ? 570 LEU A N   1 
ATOM   1132 C CA  . LEU A 1 145 ? -14.214 -11.960 4.920   1.00 29.31  ? 570 LEU A CA  1 
ATOM   1133 C C   . LEU A 1 145 ? -14.849 -12.412 6.253   1.00 33.36  ? 570 LEU A C   1 
ATOM   1134 O O   . LEU A 1 145 ? -14.805 -13.603 6.566   1.00 30.64  ? 570 LEU A O   1 
ATOM   1135 C CB  . LEU A 1 145 ? -12.749 -11.524 5.044   1.00 29.02  ? 570 LEU A CB  1 
ATOM   1136 C CG  . LEU A 1 145 ? -11.746 -12.561 5.564   1.00 33.74  ? 570 LEU A CG  1 
ATOM   1137 C CD1 . LEU A 1 145 ? -11.801 -13.867 4.760   1.00 33.81  ? 570 LEU A CD1 1 
ATOM   1138 C CD2 . LEU A 1 145 ? -10.341 -11.998 5.564   1.00 35.04  ? 570 LEU A CD2 1 
ATOM   1139 N N   . TRP A 1 146 ? -15.496 -11.496 6.993   1.00 31.61  ? 571 TRP A N   1 
ATOM   1140 C CA  . TRP A 1 146 ? -16.179 -11.904 8.219   1.00 33.11  ? 571 TRP A CA  1 
ATOM   1141 C C   . TRP A 1 146 ? -17.318 -12.901 7.928   1.00 41.85  ? 571 TRP A C   1 
ATOM   1142 O O   . TRP A 1 146 ? -17.416 -13.938 8.588   1.00 43.21  ? 571 TRP A O   1 
ATOM   1143 C CB  . TRP A 1 146 ? -16.658 -10.694 9.042   1.00 31.74  ? 571 TRP A CB  1 
ATOM   1144 C CG  . TRP A 1 146 ? -15.671 -10.294 10.097  1.00 32.29  ? 571 TRP A CG  1 
ATOM   1145 C CD1 . TRP A 1 146 ? -14.983 -9.121  10.171  1.00 34.82  ? 571 TRP A CD1 1 
ATOM   1146 C CD2 . TRP A 1 146 ? -15.206 -11.102 11.195  1.00 32.49  ? 571 TRP A CD2 1 
ATOM   1147 N NE1 . TRP A 1 146 ? -14.122 -9.143  11.249  1.00 33.91  ? 571 TRP A NE1 1 
ATOM   1148 C CE2 . TRP A 1 146 ? -14.241 -10.343 11.895  1.00 36.03  ? 571 TRP A CE2 1 
ATOM   1149 C CE3 . TRP A 1 146 ? -15.500 -12.404 11.646  1.00 33.85  ? 571 TRP A CE3 1 
ATOM   1150 C CZ2 . TRP A 1 146 ? -13.573 -10.837 13.020  1.00 35.41  ? 571 TRP A CZ2 1 
ATOM   1151 C CZ3 . TRP A 1 146 ? -14.848 -12.886 12.768  1.00 35.13  ? 571 TRP A CZ3 1 
ATOM   1152 C CH2 . TRP A 1 146 ? -13.884 -12.116 13.431  1.00 35.76  ? 571 TRP A CH2 1 
ATOM   1153 N N   . GLU A 1 147 ? -18.088 -12.633 6.867   1.00 40.37  ? 572 GLU A N   1 
ATOM   1154 C CA  . GLU A 1 147 ? -19.198 -13.450 6.405   1.00 41.38  ? 572 GLU A CA  1 
ATOM   1155 C C   . GLU A 1 147 ? -18.783 -14.801 5.800   1.00 47.55  ? 572 GLU A C   1 
ATOM   1156 O O   . GLU A 1 147 ? -19.591 -15.734 5.841   1.00 48.94  ? 572 GLU A O   1 
ATOM   1157 C CB  . GLU A 1 147 ? -20.027 -12.671 5.375   1.00 42.94  ? 572 GLU A CB  1 
ATOM   1158 C CG  . GLU A 1 147 ? -20.898 -11.579 5.982   1.00 59.80  ? 572 GLU A CG  1 
ATOM   1159 C CD  . GLU A 1 147 ? -21.483 -10.556 5.024   1.00 91.47  ? 572 GLU A CD  1 
ATOM   1160 O OE1 . GLU A 1 147 ? -21.574 -9.369  5.416   1.00 88.21  ? 572 GLU A OE1 1 
ATOM   1161 O OE2 . GLU A 1 147 ? -21.859 -10.934 3.890   1.00 92.81  ? 572 GLU A OE2 1 
ATOM   1162 N N   . ASN A 1 148 ? -17.555 -14.911 5.224   1.00 41.97  ? 573 ASN A N   1 
ATOM   1163 C CA  . ASN A 1 148 ? -17.146 -16.119 4.505   1.00 40.95  ? 573 ASN A CA  1 
ATOM   1164 C C   . ASN A 1 148 ? -15.950 -16.924 5.014   1.00 43.77  ? 573 ASN A C   1 
ATOM   1165 O O   . ASN A 1 148 ? -15.713 -18.021 4.483   1.00 43.93  ? 573 ASN A O   1 
ATOM   1166 C CB  . ASN A 1 148 ? -16.967 -15.790 3.001   1.00 41.26  ? 573 ASN A CB  1 
ATOM   1167 C CG  . ASN A 1 148 ? -18.221 -15.267 2.330   1.00 59.71  ? 573 ASN A CG  1 
ATOM   1168 O OD1 . ASN A 1 148 ? -18.436 -14.059 2.202   1.00 47.49  ? 573 ASN A OD1 1 
ATOM   1169 N ND2 . ASN A 1 148 ? -19.093 -16.165 1.899   1.00 56.94  ? 573 ASN A ND2 1 
ATOM   1170 N N   . HIS A 1 149 ? -15.209 -16.427 6.029   1.00 38.52  ? 574 HIS A N   1 
ATOM   1171 C CA  . HIS A 1 149 ? -13.998 -17.098 6.533   1.00 38.33  ? 574 HIS A CA  1 
ATOM   1172 C C   . HIS A 1 149 ? -14.075 -18.583 6.874   1.00 44.86  ? 574 HIS A C   1 
ATOM   1173 O O   . HIS A 1 149 ? -13.075 -19.291 6.686   1.00 44.21  ? 574 HIS A O   1 
ATOM   1174 C CB  . HIS A 1 149 ? -13.293 -16.314 7.643   1.00 38.43  ? 574 HIS A CB  1 
ATOM   1175 C CG  . HIS A 1 149 ? -13.879 -16.503 8.999   1.00 41.10  ? 574 HIS A CG  1 
ATOM   1176 N ND1 . HIS A 1 149 ? -15.078 -15.904 9.355   1.00 42.88  ? 574 HIS A ND1 1 
ATOM   1177 C CD2 . HIS A 1 149 ? -13.399 -17.194 10.058  1.00 41.92  ? 574 HIS A CD2 1 
ATOM   1178 C CE1 . HIS A 1 149 ? -15.286 -16.249 10.618  1.00 41.62  ? 574 HIS A CE1 1 
ATOM   1179 N NE2 . HIS A 1 149 ? -14.312 -17.037 11.080  1.00 41.62  ? 574 HIS A NE2 1 
ATOM   1180 N N   . GLU A 1 150 ? -15.237 -19.054 7.389   1.00 43.63  ? 575 GLU A N   1 
ATOM   1181 C CA  . GLU A 1 150 ? -15.410 -20.469 7.743   1.00 44.74  ? 575 GLU A CA  1 
ATOM   1182 C C   . GLU A 1 150 ? -15.769 -21.364 6.538   1.00 51.55  ? 575 GLU A C   1 
ATOM   1183 O O   . GLU A 1 150 ? -15.621 -22.588 6.623   1.00 52.57  ? 575 GLU A O   1 
ATOM   1184 C CB  . GLU A 1 150 ? -16.385 -20.648 8.919   1.00 45.90  ? 575 GLU A CB  1 
ATOM   1185 C CG  . GLU A 1 150 ? -15.758 -20.331 10.269  1.00 53.31  ? 575 GLU A CG  1 
ATOM   1186 C CD  . GLU A 1 150 ? -16.677 -20.422 11.476  1.00 60.92  ? 575 GLU A CD  1 
ATOM   1187 O OE1 . GLU A 1 150 ? -17.915 -20.499 11.292  1.00 61.52  ? 575 GLU A OE1 1 
ATOM   1188 O OE2 . GLU A 1 150 ? -16.154 -20.399 12.615  1.00 43.36  ? 575 GLU A OE2 1 
ATOM   1189 N N   . LYS A 1 151 ? -16.181 -20.749 5.407   1.00 48.82  ? 576 LYS A N   1 
ATOM   1190 C CA  . LYS A 1 151 ? -16.527 -21.431 4.152   1.00 69.30  ? 576 LYS A CA  1 
ATOM   1191 C C   . LYS A 1 151 ? -15.328 -21.419 3.184   1.00 105.13 ? 576 LYS A C   1 
ATOM   1192 O O   . LYS A 1 151 ? -14.362 -22.167 3.349   1.00 67.58  ? 576 LYS A O   1 
ATOM   1193 C CB  . LYS A 1 151 ? -17.732 -20.749 3.483   1.00 71.02  ? 576 LYS A CB  1 
ATOM   1194 C CG  . LYS A 1 151 ? -19.005 -20.737 4.324   1.00 76.77  ? 576 LYS A CG  1 
ATOM   1195 C CD  . LYS A 1 151 ? -19.585 -19.330 4.485   1.00 80.19  ? 576 LYS A CD  1 
ATOM   1196 C CE  . LYS A 1 151 ? -20.612 -18.979 3.432   1.00 80.24  ? 576 LYS A CE  1 
ATOM   1197 N NZ  . LYS A 1 151 ? -21.291 -17.689 3.734   1.00 81.71  ? 576 LYS A NZ  1 
HETATM 1198 O O   . HOH B 2 .   ? -12.606 -18.690 2.575   1.00 48.49  ? 601 HOH A O   1 
HETATM 1199 O O   . HOH B 2 .   ? -8.349  -1.286  -5.173  1.00 20.02  ? 602 HOH A O   1 
HETATM 1200 O O   . HOH B 2 .   ? -0.293  4.731   3.508   1.00 31.03  ? 603 HOH A O   1 
HETATM 1201 O O   . HOH B 2 .   ? -1.852  5.013   5.514   1.00 24.75  ? 604 HOH A O   1 
HETATM 1202 O O   . HOH B 2 .   ? -4.824  6.457   7.743   1.00 28.27  ? 605 HOH A O   1 
HETATM 1203 O O   . HOH B 2 .   ? -8.158  4.569   7.685   1.00 29.80  ? 606 HOH A O   1 
HETATM 1204 O O   . HOH B 2 .   ? -8.611  1.816   7.586   1.00 29.72  ? 607 HOH A O   1 
HETATM 1205 O O   . HOH B 2 .   ? -4.029  -1.242  12.183  1.00 31.18  ? 608 HOH A O   1 
HETATM 1206 O O   . HOH B 2 .   ? -0.319  9.282   0.515   1.00 36.87  ? 609 HOH A O   1 
HETATM 1207 O O   . HOH B 2 .   ? 1.976   8.506   8.797   1.00 23.17  ? 610 HOH A O   1 
HETATM 1208 O O   . HOH B 2 .   ? 4.113   -6.221  -9.079  1.00 25.07  ? 611 HOH A O   1 
HETATM 1209 O O   . HOH B 2 .   ? -15.170 -2.479  10.801  1.00 50.07  ? 612 HOH A O   1 
HETATM 1210 O O   . HOH B 2 .   ? 13.621  1.044   -14.011 1.00 27.59  ? 613 HOH A O   1 
HETATM 1211 O O   . HOH B 2 .   ? 8.790   4.303   14.498  1.00 22.89  ? 614 HOH A O   1 
HETATM 1212 O O   . HOH B 2 .   ? 11.057  -4.047  -2.083  1.00 27.82  ? 615 HOH A O   1 
HETATM 1213 O O   . HOH B 2 .   ? -8.375  -0.953  -2.092  1.00 27.93  ? 616 HOH A O   1 
HETATM 1214 O O   . HOH B 2 .   ? 17.174  9.233   -2.831  1.00 28.33  ? 617 HOH A O   1 
HETATM 1215 O O   . HOH B 2 .   ? 19.428  0.904   -2.335  1.00 42.49  ? 618 HOH A O   1 
HETATM 1216 O O   . HOH B 2 .   ? -9.531  6.094   3.456   1.00 47.42  ? 619 HOH A O   1 
HETATM 1217 O O   . HOH B 2 .   ? 8.729   -7.252  9.941   1.00 53.98  ? 620 HOH A O   1 
HETATM 1218 O O   . HOH B 2 .   ? 12.224  -1.169  -14.823 1.00 31.25  ? 621 HOH A O   1 
HETATM 1219 O O   . HOH B 2 .   ? 9.360   17.462  -10.829 1.00 35.25  ? 622 HOH A O   1 
HETATM 1220 O O   . HOH B 2 .   ? 10.585  8.691   -12.639 1.00 30.93  ? 623 HOH A O   1 
HETATM 1221 O O   . HOH B 2 .   ? -18.681 -6.622  1.783   1.00 40.05  ? 624 HOH A O   1 
HETATM 1222 O O   . HOH B 2 .   ? 15.348  12.360  -3.455  1.00 30.29  ? 625 HOH A O   1 
HETATM 1223 O O   . HOH B 2 .   ? -7.080  -12.793 12.294  1.00 33.75  ? 626 HOH A O   1 
HETATM 1224 O O   . HOH B 2 .   ? -0.234  -2.427  14.650  1.00 36.91  ? 627 HOH A O   1 
HETATM 1225 O O   . HOH B 2 .   ? 1.450   9.213   3.070   1.00 38.85  ? 628 HOH A O   1 
HETATM 1226 O O   . HOH B 2 .   ? 13.474  -3.467  -13.405 1.00 33.76  ? 629 HOH A O   1 
HETATM 1227 O O   . HOH B 2 .   ? 15.786  15.708  -11.487 1.00 41.12  ? 630 HOH A O   1 
HETATM 1228 O O   . HOH B 2 .   ? 14.829  7.576   -10.936 1.00 27.49  ? 631 HOH A O   1 
HETATM 1229 O O   . HOH B 2 .   ? 2.883   18.452  -3.486  1.00 33.48  ? 632 HOH A O   1 
HETATM 1230 O O   . HOH B 2 .   ? -17.719 -0.236  2.744   1.00 43.97  ? 633 HOH A O   1 
HETATM 1231 O O   . HOH B 2 .   ? 17.055  -1.024  12.551  1.00 46.14  ? 634 HOH A O   1 
HETATM 1232 O O   . HOH B 2 .   ? 14.583  3.189   -11.911 1.00 35.01  ? 635 HOH A O   1 
HETATM 1233 O O   . HOH B 2 .   ? 15.394  4.830   -13.746 1.00 27.36  ? 636 HOH A O   1 
HETATM 1234 O O   . HOH B 2 .   ? 9.925   6.034   11.223  1.00 28.85  ? 637 HOH A O   1 
HETATM 1235 O O   . HOH B 2 .   ? -17.876 -17.996 7.396   1.00 38.78  ? 638 HOH A O   1 
HETATM 1236 O O   . HOH B 2 .   ? -12.403 -7.148  13.145  1.00 27.38  ? 639 HOH A O   1 
HETATM 1237 O O   . HOH B 2 .   ? -4.667  -9.407  -9.532  1.00 46.44  ? 640 HOH A O   1 
HETATM 1238 O O   . HOH B 2 .   ? -4.951  -3.708  -11.312 1.00 35.75  ? 641 HOH A O   1 
HETATM 1239 O O   . HOH B 2 .   ? -0.524  2.176   -16.020 1.00 46.37  ? 642 HOH A O   1 
HETATM 1240 O O   . HOH B 2 .   ? 14.145  8.781   7.296   1.00 34.90  ? 643 HOH A O   1 
HETATM 1241 O O   . HOH B 2 .   ? -11.519 -0.241  17.485  1.00 48.18  ? 644 HOH A O   1 
HETATM 1242 O O   . HOH B 2 .   ? -6.251  -12.670 14.905  1.00 49.87  ? 645 HOH A O   1 
HETATM 1243 O O   . HOH B 2 .   ? -17.491 -1.801  9.971   1.00 61.79  ? 646 HOH A O   1 
HETATM 1244 O O   . HOH B 2 .   ? -13.773 -19.940 14.017  1.00 43.91  ? 647 HOH A O   1 
HETATM 1245 O O   . HOH B 2 .   ? -13.223 -17.288 14.503  1.00 33.46  ? 648 HOH A O   1 
HETATM 1246 O O   . HOH B 2 .   ? 14.941  -1.931  -11.710 1.00 43.66  ? 649 HOH A O   1 
HETATM 1247 O O   . HOH B 2 .   ? -15.459 -4.381  12.374  1.00 51.17  ? 650 HOH A O   1 
HETATM 1248 O O   . HOH B 2 .   ? 4.027   11.899  6.311   1.00 43.74  ? 651 HOH A O   1 
HETATM 1249 O O   . HOH B 2 .   ? 4.840   14.328  5.163   1.00 46.00  ? 652 HOH A O   1 
HETATM 1250 O O   . HOH B 2 .   ? 16.041  5.266   -9.773  1.00 56.60  ? 653 HOH A O   1 
HETATM 1251 O O   . HOH B 2 .   ? -13.495 5.487   2.742   1.00 47.30  ? 654 HOH A O   1 
HETATM 1252 O O   . HOH B 2 .   ? 18.963  11.888  -5.626  1.00 51.04  ? 655 HOH A O   1 
HETATM 1253 O O   . HOH B 2 .   ? -8.416  -16.577 9.131   1.00 43.89  ? 656 HOH A O   1 
HETATM 1254 O O   . HOH B 2 .   ? -19.711 -9.068  7.783   1.00 43.00  ? 657 HOH A O   1 
HETATM 1255 O O   . HOH B 2 .   ? -8.184  6.688   9.835   1.00 40.61  ? 658 HOH A O   1 
HETATM 1256 O O   . HOH B 2 .   ? 12.483  12.169  0.553   1.00 39.85  ? 659 HOH A O   1 
HETATM 1257 O O   . HOH B 2 .   ? -7.770  -1.388  12.941  1.00 28.22  ? 660 HOH A O   1 
HETATM 1258 O O   . HOH B 2 .   ? 16.170  9.598   -9.984  1.00 29.00  ? 661 HOH A O   1 
HETATM 1259 O O   . HOH B 2 .   ? -5.073  -11.008 7.898   1.00 39.66  ? 662 HOH A O   1 
HETATM 1260 O O   . HOH B 2 .   ? 11.683  14.616  2.559   1.00 52.39  ? 663 HOH A O   1 
HETATM 1261 O O   . HOH B 2 .   ? -4.874  10.289  7.566   1.00 53.24  ? 664 HOH A O   1 
HETATM 1262 O O   . HOH B 2 .   ? -3.686  -18.444 11.819  1.00 49.27  ? 665 HOH A O   1 
HETATM 1263 O O   . HOH B 2 .   ? -18.221 -15.633 11.461  1.00 58.62  ? 666 HOH A O   1 
HETATM 1264 O O   . HOH B 2 .   ? -20.227 -14.183 9.702   1.00 59.90  ? 667 HOH A O   1 
HETATM 1265 O O   . HOH B 2 .   ? -18.516 -2.190  7.525   1.00 48.90  ? 668 HOH A O   1 
HETATM 1266 O O   . HOH B 2 .   ? 0.428   9.171   6.737   1.00 56.90  ? 669 HOH A O   1 
HETATM 1267 O O   . HOH B 2 .   ? -14.384 -2.138  -4.809  1.00 46.29  ? 670 HOH A O   1 
HETATM 1268 O O   . HOH B 2 .   ? -10.957 -3.537  -8.632  1.00 54.77  ? 671 HOH A O   1 
HETATM 1269 O O   . HOH B 2 .   ? -5.847  12.522  -7.492  1.00 44.62  ? 672 HOH A O   1 
HETATM 1270 O O   . HOH B 2 .   ? 1.858   11.531  0.302   1.00 42.60  ? 673 HOH A O   1 
HETATM 1271 O O   . HOH B 2 .   ? 16.787  16.304  -2.974  1.00 56.72  ? 674 HOH A O   1 
HETATM 1272 O O   . HOH B 2 .   ? 15.372  7.994   5.088   1.00 40.16  ? 675 HOH A O   1 
# 
loop_
_pdbx_poly_seq_scheme.asym_id 
_pdbx_poly_seq_scheme.entity_id 
_pdbx_poly_seq_scheme.seq_id 
_pdbx_poly_seq_scheme.mon_id 
_pdbx_poly_seq_scheme.ndb_seq_num 
_pdbx_poly_seq_scheme.pdb_seq_num 
_pdbx_poly_seq_scheme.auth_seq_num 
_pdbx_poly_seq_scheme.pdb_mon_id 
_pdbx_poly_seq_scheme.auth_mon_id 
_pdbx_poly_seq_scheme.pdb_strand_id 
_pdbx_poly_seq_scheme.pdb_ins_code 
_pdbx_poly_seq_scheme.hetero 
A 1 1   MET 1   426 ?   ?   ?   A . n 
A 1 2   LEU 2   427 ?   ?   ?   A . n 
A 1 3   SER 3   428 ?   ?   ?   A . n 
A 1 4   PRO 4   429 ?   ?   ?   A . n 
A 1 5   PRO 5   430 ?   ?   ?   A . n 
A 1 6   ARG 6   431 ?   ?   ?   A . n 
A 1 7   ARG 7   432 ?   ?   ?   A . n 
A 1 8   LYS 8   433 ?   ?   ?   A . n 
A 1 9   ALA 9   434 ?   ?   ?   A . n 
A 1 10  PHE 10  435 ?   ?   ?   A . n 
A 1 11  LYS 11  436 ?   ?   ?   A . n 
A 1 12  LYS 12  437 437 LYS LYS A . n 
A 1 13  TRP 13  438 438 TRP TRP A . n 
A 1 14  THR 14  439 439 THR THR A . n 
A 1 15  PRO 15  440 440 PRO PRO A . n 
A 1 16  PRO 16  441 441 PRO PRO A . n 
A 1 17  ARG 17  442 442 ARG ARG A . n 
A 1 18  SER 18  443 443 SER SER A . n 
A 1 19  PRO 19  444 444 PRO PRO A . n 
A 1 20  PHE 20  445 445 PHE PHE A . n 
A 1 21  ASN 21  446 446 ASN ASN A . n 
A 1 22  LEU 22  447 447 LEU LEU A . n 
A 1 23  VAL 23  448 448 VAL VAL A . n 
A 1 24  GLN 24  449 449 GLN GLN A . n 
A 1 25  GLU 25  450 450 GLU GLU A . n 
A 1 26  THR 26  451 451 THR THR A . n 
A 1 27  LEU 27  452 452 LEU LEU A . n 
A 1 28  PHE 28  453 453 PHE PHE A . n 
A 1 29  HIS 29  454 454 HIS HIS A . n 
A 1 30  ASP 30  455 455 ASP ASP A . n 
A 1 31  PRO 31  456 456 PRO PRO A . n 
A 1 32  TRP 32  457 457 TRP TRP A . n 
A 1 33  LYS 33  458 458 LYS LYS A . n 
A 1 34  LEU 34  459 459 LEU LEU A . n 
A 1 35  LEU 35  460 460 LEU LEU A . n 
A 1 36  ILE 36  461 461 ILE ILE A . n 
A 1 37  ALA 37  462 462 ALA ALA A . n 
A 1 38  THR 38  463 463 THR THR A . n 
A 1 39  ILE 39  464 464 ILE ILE A . n 
A 1 40  PHE 40  465 465 PHE PHE A . n 
A 1 41  LEU 41  466 466 LEU LEU A . n 
A 1 42  ASN 42  467 467 ASN ASN A . n 
A 1 43  ARG 43  468 468 ARG ARG A . n 
A 1 44  THR 44  469 469 THR THR A . n 
A 1 45  SER 45  470 470 SER SER A . n 
A 1 46  GLY 46  471 471 GLY GLY A . n 
A 1 47  LYS 47  472 472 LYS LYS A . n 
A 1 48  MET 48  473 473 MET MET A . n 
A 1 49  ALA 49  474 474 ALA ALA A . n 
A 1 50  ILE 50  475 475 ILE ILE A . n 
A 1 51  PRO 51  476 476 PRO PRO A . n 
A 1 52  VAL 52  477 477 VAL VAL A . n 
A 1 53  LEU 53  478 478 LEU LEU A . n 
A 1 54  TRP 54  479 479 TRP TRP A . n 
A 1 55  LYS 55  480 480 LYS LYS A . n 
A 1 56  PHE 56  481 481 PHE PHE A . n 
A 1 57  LEU 57  482 482 LEU LEU A . n 
A 1 58  GLU 58  483 483 GLU GLU A . n 
A 1 59  LYS 59  484 484 LYS LYS A . n 
A 1 60  TYR 60  485 485 TYR TYR A . n 
A 1 61  PRO 61  486 486 PRO PRO A . n 
A 1 62  SER 62  487 487 SER SER A . n 
A 1 63  ALA 63  488 488 ALA ALA A . n 
A 1 64  GLU 64  489 489 GLU GLU A . n 
A 1 65  VAL 65  490 490 VAL VAL A . n 
A 1 66  ALA 66  491 491 ALA ALA A . n 
A 1 67  ARG 67  492 492 ARG ARG A . n 
A 1 68  THR 68  493 493 THR THR A . n 
A 1 69  ALA 69  494 494 ALA ALA A . n 
A 1 70  ASP 70  495 495 ASP ASP A . n 
A 1 71  TRP 71  496 496 TRP TRP A . n 
A 1 72  ARG 72  497 497 ARG ARG A . n 
A 1 73  ASP 73  498 498 ASP ASP A . n 
A 1 74  VAL 74  499 499 VAL VAL A . n 
A 1 75  SER 75  500 500 SER SER A . n 
A 1 76  GLU 76  501 501 GLU GLU A . n 
A 1 77  LEU 77  502 502 LEU LEU A . n 
A 1 78  LEU 78  503 503 LEU LEU A . n 
A 1 79  LYS 79  504 504 LYS LYS A . n 
A 1 80  PRO 80  505 505 PRO PRO A . n 
A 1 81  LEU 81  506 506 LEU LEU A . n 
A 1 82  GLY 82  507 507 GLY GLY A . n 
A 1 83  LEU 83  508 508 LEU LEU A . n 
A 1 84  TYR 84  509 509 TYR TYR A . n 
A 1 85  ASP 85  510 510 ASP ASP A . n 
A 1 86  LEU 86  511 511 LEU LEU A . n 
A 1 87  ARG 87  512 512 ARG ARG A . n 
A 1 88  ALA 88  513 513 ALA ALA A . n 
A 1 89  LYS 89  514 514 LYS LYS A . n 
A 1 90  THR 90  515 515 THR THR A . n 
A 1 91  ILE 91  516 516 ILE ILE A . n 
A 1 92  VAL 92  517 517 VAL VAL A . n 
A 1 93  LYS 93  518 518 LYS LYS A . n 
A 1 94  PHE 94  519 519 PHE PHE A . n 
A 1 95  SER 95  520 520 SER SER A . n 
A 1 96  ASP 96  521 521 ASP ASP A . n 
A 1 97  GLU 97  522 522 GLU GLU A . n 
A 1 98  TYR 98  523 523 TYR TYR A . n 
A 1 99  LEU 99  524 524 LEU LEU A . n 
A 1 100 THR 100 525 525 THR THR A . n 
A 1 101 LYS 101 526 526 LYS LYS A . n 
A 1 102 GLN 102 527 527 GLN GLN A . n 
A 1 103 TRP 103 528 528 TRP TRP A . n 
A 1 104 LYS 104 529 529 LYS LYS A . n 
A 1 105 TYR 105 530 530 TYR TYR A . n 
A 1 106 PRO 106 531 531 PRO PRO A . n 
A 1 107 ILE 107 532 532 ILE ILE A . n 
A 1 108 GLU 108 533 533 GLU GLU A . n 
A 1 109 LEU 109 534 534 LEU LEU A . n 
A 1 110 HIS 110 535 535 HIS HIS A . n 
A 1 111 GLY 111 536 536 GLY GLY A . n 
A 1 112 ILE 112 537 537 ILE ILE A . n 
A 1 113 GLY 113 538 538 GLY GLY A . n 
A 1 114 LYS 114 539 539 LYS LYS A . n 
A 1 115 TYR 115 540 540 TYR TYR A . n 
A 1 116 GLY 116 541 541 GLY GLY A . n 
A 1 117 ASN 117 542 542 ASN ASN A . n 
A 1 118 ASP 118 543 543 ASP ASP A . n 
A 1 119 SER 119 544 544 SER SER A . n 
A 1 120 TYR 120 545 545 TYR TYR A . n 
A 1 121 ARG 121 546 546 ARG ARG A . n 
A 1 122 ILE 122 547 547 ILE ILE A . n 
A 1 123 PHE 123 548 548 PHE PHE A . n 
A 1 124 CYS 124 549 549 CYS CYS A . n 
A 1 125 VAL 125 550 550 VAL VAL A . n 
A 1 126 ASN 126 551 551 ASN ASN A . n 
A 1 127 GLU 127 552 552 GLU GLU A . n 
A 1 128 TRP 128 553 553 TRP TRP A . n 
A 1 129 LYS 129 554 554 LYS LYS A . n 
A 1 130 GLN 130 555 555 GLN GLN A . n 
A 1 131 VAL 131 556 556 VAL VAL A . n 
A 1 132 HIS 132 557 557 HIS HIS A . n 
A 1 133 PRO 133 558 558 PRO PRO A . n 
A 1 134 GLU 134 559 559 GLU GLU A . n 
A 1 135 ASP 135 560 560 ASP ASP A . n 
A 1 136 HIS 136 561 561 HIS HIS A . n 
A 1 137 LYS 137 562 562 LYS LYS A . n 
A 1 138 LEU 138 563 563 LEU LEU A . n 
A 1 139 ASN 139 564 564 ASN ASN A . n 
A 1 140 LYS 140 565 565 LYS LYS A . n 
A 1 141 TYR 141 566 566 TYR TYR A . n 
A 1 142 HIS 142 567 567 HIS HIS A . n 
A 1 143 ASP 143 568 568 ASP ASP A . n 
A 1 144 TRP 144 569 569 TRP TRP A . n 
A 1 145 LEU 145 570 570 LEU LEU A . n 
A 1 146 TRP 146 571 571 TRP TRP A . n 
A 1 147 GLU 147 572 572 GLU GLU A . n 
A 1 148 ASN 148 573 573 ASN ASN A . n 
A 1 149 HIS 149 574 574 HIS HIS A . n 
A 1 150 GLU 150 575 575 GLU GLU A . n 
A 1 151 LYS 151 576 576 LYS LYS A . n 
A 1 152 LEU 152 577 ?   ?   ?   A . n 
A 1 153 SER 153 578 ?   ?   ?   A . n 
A 1 154 LEU 154 579 ?   ?   ?   A . n 
A 1 155 SER 155 580 ?   ?   ?   A . n 
A 1 156 HIS 156 581 ?   ?   ?   A . n 
A 1 157 HIS 157 582 ?   ?   ?   A . n 
A 1 158 HIS 158 583 ?   ?   ?   A . n 
A 1 159 HIS 159 584 ?   ?   ?   A . n 
A 1 160 HIS 160 585 ?   ?   ?   A . n 
A 1 161 HIS 161 586 ?   ?   ?   A . n 
# 
loop_
_pdbx_nonpoly_scheme.asym_id 
_pdbx_nonpoly_scheme.entity_id 
_pdbx_nonpoly_scheme.mon_id 
_pdbx_nonpoly_scheme.ndb_seq_num 
_pdbx_nonpoly_scheme.pdb_seq_num 
_pdbx_nonpoly_scheme.auth_seq_num 
_pdbx_nonpoly_scheme.pdb_mon_id 
_pdbx_nonpoly_scheme.auth_mon_id 
_pdbx_nonpoly_scheme.pdb_strand_id 
_pdbx_nonpoly_scheme.pdb_ins_code 
B 2 HOH 1  601 1  HOH HOH A . 
B 2 HOH 2  602 2  HOH HOH A . 
B 2 HOH 3  603 3  HOH HOH A . 
B 2 HOH 4  604 4  HOH HOH A . 
B 2 HOH 5  605 5  HOH HOH A . 
B 2 HOH 6  606 6  HOH HOH A . 
B 2 HOH 7  607 7  HOH HOH A . 
B 2 HOH 8  608 8  HOH HOH A . 
B 2 HOH 9  609 9  HOH HOH A . 
B 2 HOH 10 610 10 HOH HOH A . 
B 2 HOH 11 611 11 HOH HOH A . 
B 2 HOH 12 612 12 HOH HOH A . 
B 2 HOH 13 613 13 HOH HOH A . 
B 2 HOH 14 614 14 HOH HOH A . 
B 2 HOH 15 615 15 HOH HOH A . 
B 2 HOH 16 616 16 HOH HOH A . 
B 2 HOH 17 617 17 HOH HOH A . 
B 2 HOH 18 618 18 HOH HOH A . 
B 2 HOH 19 619 19 HOH HOH A . 
B 2 HOH 20 620 20 HOH HOH A . 
B 2 HOH 21 621 21 HOH HOH A . 
B 2 HOH 22 622 22 HOH HOH A . 
B 2 HOH 23 623 23 HOH HOH A . 
B 2 HOH 24 624 24 HOH HOH A . 
B 2 HOH 25 625 25 HOH HOH A . 
B 2 HOH 26 626 26 HOH HOH A . 
B 2 HOH 27 627 27 HOH HOH A . 
B 2 HOH 28 628 28 HOH HOH A . 
B 2 HOH 29 629 29 HOH HOH A . 
B 2 HOH 30 630 30 HOH HOH A . 
B 2 HOH 31 631 31 HOH HOH A . 
B 2 HOH 32 632 32 HOH HOH A . 
B 2 HOH 33 633 33 HOH HOH A . 
B 2 HOH 34 634 34 HOH HOH A . 
B 2 HOH 35 635 35 HOH HOH A . 
B 2 HOH 36 636 36 HOH HOH A . 
B 2 HOH 37 637 37 HOH HOH A . 
B 2 HOH 38 638 38 HOH HOH A . 
B 2 HOH 39 639 39 HOH HOH A . 
B 2 HOH 40 640 40 HOH HOH A . 
B 2 HOH 41 641 41 HOH HOH A . 
B 2 HOH 42 642 42 HOH HOH A . 
B 2 HOH 43 643 43 HOH HOH A . 
B 2 HOH 44 644 44 HOH HOH A . 
B 2 HOH 45 645 45 HOH HOH A . 
B 2 HOH 46 646 46 HOH HOH A . 
B 2 HOH 47 647 47 HOH HOH A . 
B 2 HOH 48 648 48 HOH HOH A . 
B 2 HOH 49 649 49 HOH HOH A . 
B 2 HOH 50 650 50 HOH HOH A . 
B 2 HOH 51 651 51 HOH HOH A . 
B 2 HOH 52 652 52 HOH HOH A . 
B 2 HOH 53 653 53 HOH HOH A . 
B 2 HOH 54 654 54 HOH HOH A . 
B 2 HOH 55 655 55 HOH HOH A . 
B 2 HOH 56 656 56 HOH HOH A . 
B 2 HOH 57 657 57 HOH HOH A . 
B 2 HOH 58 658 58 HOH HOH A . 
B 2 HOH 59 659 59 HOH HOH A . 
B 2 HOH 60 660 60 HOH HOH A . 
B 2 HOH 61 661 61 HOH HOH A . 
B 2 HOH 62 662 62 HOH HOH A . 
B 2 HOH 63 663 63 HOH HOH A . 
B 2 HOH 64 664 64 HOH HOH A . 
B 2 HOH 65 665 65 HOH HOH A . 
B 2 HOH 66 666 66 HOH HOH A . 
B 2 HOH 67 667 67 HOH HOH A . 
B 2 HOH 68 668 68 HOH HOH A . 
B 2 HOH 69 669 69 HOH HOH A . 
B 2 HOH 70 670 70 HOH HOH A . 
B 2 HOH 71 671 71 HOH HOH A . 
B 2 HOH 72 672 72 HOH HOH A . 
B 2 HOH 73 673 73 HOH HOH A . 
B 2 HOH 74 674 74 HOH HOH A . 
B 2 HOH 75 675 75 HOH HOH A . 
# 
_pdbx_struct_assembly.id                   1 
_pdbx_struct_assembly.details              author_and_software_defined_assembly 
_pdbx_struct_assembly.method_details       PISA 
_pdbx_struct_assembly.oligomeric_details   monomeric 
_pdbx_struct_assembly.oligomeric_count     1 
# 
_pdbx_struct_assembly_gen.assembly_id       1 
_pdbx_struct_assembly_gen.oper_expression   1 
_pdbx_struct_assembly_gen.asym_id_list      A,B 
# 
_pdbx_struct_oper_list.id                   1 
_pdbx_struct_oper_list.type                 'identity operation' 
_pdbx_struct_oper_list.name                 1_555 
_pdbx_struct_oper_list.symmetry_operation   x,y,z 
_pdbx_struct_oper_list.matrix[1][1]         1.0000000000 
_pdbx_struct_oper_list.matrix[1][2]         0.0000000000 
_pdbx_struct_oper_list.matrix[1][3]         0.0000000000 
_pdbx_struct_oper_list.vector[1]            0.0000000000 
_pdbx_struct_oper_list.matrix[2][1]         0.0000000000 
_pdbx_struct_oper_list.matrix[2][2]         1.0000000000 
_pdbx_struct_oper_list.matrix[2][3]         0.0000000000 
_pdbx_struct_oper_list.vector[2]            0.0000000000 
_pdbx_struct_oper_list.matrix[3][1]         0.0000000000 
_pdbx_struct_oper_list.matrix[3][2]         0.0000000000 
_pdbx_struct_oper_list.matrix[3][3]         1.0000000000 
_pdbx_struct_oper_list.vector[3]            0.0000000000 
# 
loop_
_pdbx_audit_revision_history.ordinal 
_pdbx_audit_revision_history.data_content_type 
_pdbx_audit_revision_history.major_revision 
_pdbx_audit_revision_history.minor_revision 
_pdbx_audit_revision_history.revision_date 
1 'Structure model' 1 0 2012-08-08 
2 'Structure model' 1 1 2012-11-07 
3 'Structure model' 1 2 2023-09-13 
# 
_pdbx_audit_revision_details.ordinal             1 
_pdbx_audit_revision_details.revision_ordinal    1 
_pdbx_audit_revision_details.data_content_type   'Structure model' 
_pdbx_audit_revision_details.provider            repository 
_pdbx_audit_revision_details.type                'Initial release' 
_pdbx_audit_revision_details.description         ? 
_pdbx_audit_revision_details.details             ? 
# 
loop_
_pdbx_audit_revision_group.ordinal 
_pdbx_audit_revision_group.revision_ordinal 
_pdbx_audit_revision_group.data_content_type 
_pdbx_audit_revision_group.group 
1 2 'Structure model' 'Database references'    
2 3 'Structure model' 'Data collection'        
3 3 'Structure model' 'Database references'    
4 3 'Structure model' 'Refinement description' 
# 
loop_
_pdbx_audit_revision_category.ordinal 
_pdbx_audit_revision_category.revision_ordinal 
_pdbx_audit_revision_category.data_content_type 
_pdbx_audit_revision_category.category 
1 3 'Structure model' chem_comp_atom                
2 3 'Structure model' chem_comp_bond                
3 3 'Structure model' database_2                    
4 3 'Structure model' pdbx_initial_refinement_model 
5 3 'Structure model' struct_ref_seq_dif            
# 
loop_
_pdbx_audit_revision_item.ordinal 
_pdbx_audit_revision_item.revision_ordinal 
_pdbx_audit_revision_item.data_content_type 
_pdbx_audit_revision_item.item 
1 3 'Structure model' '_database_2.pdbx_DOI'                
2 3 'Structure model' '_database_2.pdbx_database_accession' 
3 3 'Structure model' '_struct_ref_seq_dif.details'         
# 
loop_
_software.name 
_software.classification 
_software.version 
_software.citation_id 
_software.pdbx_ordinal 
DNA    'data collection' .      ? 1 
PHASER phasing           .      ? 2 
BUSTER refinement        2.10.0 ? 3 
XDS    'data reduction'  .      ? 4 
XDS    'data scaling'    .      ? 5 
# 
_pdbx_validate_torsion.id              1 
_pdbx_validate_torsion.PDB_model_num   1 
_pdbx_validate_torsion.auth_comp_id    GLN 
_pdbx_validate_torsion.auth_asym_id    A 
_pdbx_validate_torsion.auth_seq_id     527 
_pdbx_validate_torsion.PDB_ins_code    ? 
_pdbx_validate_torsion.label_alt_id    ? 
_pdbx_validate_torsion.phi             -99.39 
_pdbx_validate_torsion.psi             58.02 
# 
loop_
_pdbx_unobs_or_zero_occ_residues.id 
_pdbx_unobs_or_zero_occ_residues.PDB_model_num 
_pdbx_unobs_or_zero_occ_residues.polymer_flag 
_pdbx_unobs_or_zero_occ_residues.occupancy_flag 
_pdbx_unobs_or_zero_occ_residues.auth_asym_id 
_pdbx_unobs_or_zero_occ_residues.auth_comp_id 
_pdbx_unobs_or_zero_occ_residues.auth_seq_id 
_pdbx_unobs_or_zero_occ_residues.PDB_ins_code 
_pdbx_unobs_or_zero_occ_residues.label_asym_id 
_pdbx_unobs_or_zero_occ_residues.label_comp_id 
_pdbx_unobs_or_zero_occ_residues.label_seq_id 
1  1 Y 1 A MET 426 ? A MET 1   
2  1 Y 1 A LEU 427 ? A LEU 2   
3  1 Y 1 A SER 428 ? A SER 3   
4  1 Y 1 A PRO 429 ? A PRO 4   
5  1 Y 1 A PRO 430 ? A PRO 5   
6  1 Y 1 A ARG 431 ? A ARG 6   
7  1 Y 1 A ARG 432 ? A ARG 7   
8  1 Y 1 A LYS 433 ? A LYS 8   
9  1 Y 1 A ALA 434 ? A ALA 9   
10 1 Y 1 A PHE 435 ? A PHE 10  
11 1 Y 1 A LYS 436 ? A LYS 11  
12 1 Y 1 A LEU 577 ? A LEU 152 
13 1 Y 1 A SER 578 ? A SER 153 
14 1 Y 1 A LEU 579 ? A LEU 154 
15 1 Y 1 A SER 580 ? A SER 155 
16 1 Y 1 A HIS 581 ? A HIS 156 
17 1 Y 1 A HIS 582 ? A HIS 157 
18 1 Y 1 A HIS 583 ? A HIS 158 
19 1 Y 1 A HIS 584 ? A HIS 159 
20 1 Y 1 A HIS 585 ? A HIS 160 
21 1 Y 1 A HIS 586 ? A HIS 161 
# 
loop_
_chem_comp_atom.comp_id 
_chem_comp_atom.atom_id 
_chem_comp_atom.type_symbol 
_chem_comp_atom.pdbx_aromatic_flag 
_chem_comp_atom.pdbx_stereo_config 
_chem_comp_atom.pdbx_ordinal 
ALA N    N N N 1   
ALA CA   C N S 2   
ALA C    C N N 3   
ALA O    O N N 4   
ALA CB   C N N 5   
ALA OXT  O N N 6   
ALA H    H N N 7   
ALA H2   H N N 8   
ALA HA   H N N 9   
ALA HB1  H N N 10  
ALA HB2  H N N 11  
ALA HB3  H N N 12  
ALA HXT  H N N 13  
ARG N    N N N 14  
ARG CA   C N S 15  
ARG C    C N N 16  
ARG O    O N N 17  
ARG CB   C N N 18  
ARG CG   C N N 19  
ARG CD   C N N 20  
ARG NE   N N N 21  
ARG CZ   C N N 22  
ARG NH1  N N N 23  
ARG NH2  N N N 24  
ARG OXT  O N N 25  
ARG H    H N N 26  
ARG H2   H N N 27  
ARG HA   H N N 28  
ARG HB2  H N N 29  
ARG HB3  H N N 30  
ARG HG2  H N N 31  
ARG HG3  H N N 32  
ARG HD2  H N N 33  
ARG HD3  H N N 34  
ARG HE   H N N 35  
ARG HH11 H N N 36  
ARG HH12 H N N 37  
ARG HH21 H N N 38  
ARG HH22 H N N 39  
ARG HXT  H N N 40  
ASN N    N N N 41  
ASN CA   C N S 42  
ASN C    C N N 43  
ASN O    O N N 44  
ASN CB   C N N 45  
ASN CG   C N N 46  
ASN OD1  O N N 47  
ASN ND2  N N N 48  
ASN OXT  O N N 49  
ASN H    H N N 50  
ASN H2   H N N 51  
ASN HA   H N N 52  
ASN HB2  H N N 53  
ASN HB3  H N N 54  
ASN HD21 H N N 55  
ASN HD22 H N N 56  
ASN HXT  H N N 57  
ASP N    N N N 58  
ASP CA   C N S 59  
ASP C    C N N 60  
ASP O    O N N 61  
ASP CB   C N N 62  
ASP CG   C N N 63  
ASP OD1  O N N 64  
ASP OD2  O N N 65  
ASP OXT  O N N 66  
ASP H    H N N 67  
ASP H2   H N N 68  
ASP HA   H N N 69  
ASP HB2  H N N 70  
ASP HB3  H N N 71  
ASP HD2  H N N 72  
ASP HXT  H N N 73  
CYS N    N N N 74  
CYS CA   C N R 75  
CYS C    C N N 76  
CYS O    O N N 77  
CYS CB   C N N 78  
CYS SG   S N N 79  
CYS OXT  O N N 80  
CYS H    H N N 81  
CYS H2   H N N 82  
CYS HA   H N N 83  
CYS HB2  H N N 84  
CYS HB3  H N N 85  
CYS HG   H N N 86  
CYS HXT  H N N 87  
GLN N    N N N 88  
GLN CA   C N S 89  
GLN C    C N N 90  
GLN O    O N N 91  
GLN CB   C N N 92  
GLN CG   C N N 93  
GLN CD   C N N 94  
GLN OE1  O N N 95  
GLN NE2  N N N 96  
GLN OXT  O N N 97  
GLN H    H N N 98  
GLN H2   H N N 99  
GLN HA   H N N 100 
GLN HB2  H N N 101 
GLN HB3  H N N 102 
GLN HG2  H N N 103 
GLN HG3  H N N 104 
GLN HE21 H N N 105 
GLN HE22 H N N 106 
GLN HXT  H N N 107 
GLU N    N N N 108 
GLU CA   C N S 109 
GLU C    C N N 110 
GLU O    O N N 111 
GLU CB   C N N 112 
GLU CG   C N N 113 
GLU CD   C N N 114 
GLU OE1  O N N 115 
GLU OE2  O N N 116 
GLU OXT  O N N 117 
GLU H    H N N 118 
GLU H2   H N N 119 
GLU HA   H N N 120 
GLU HB2  H N N 121 
GLU HB3  H N N 122 
GLU HG2  H N N 123 
GLU HG3  H N N 124 
GLU HE2  H N N 125 
GLU HXT  H N N 126 
GLY N    N N N 127 
GLY CA   C N N 128 
GLY C    C N N 129 
GLY O    O N N 130 
GLY OXT  O N N 131 
GLY H    H N N 132 
GLY H2   H N N 133 
GLY HA2  H N N 134 
GLY HA3  H N N 135 
GLY HXT  H N N 136 
HIS N    N N N 137 
HIS CA   C N S 138 
HIS C    C N N 139 
HIS O    O N N 140 
HIS CB   C N N 141 
HIS CG   C Y N 142 
HIS ND1  N Y N 143 
HIS CD2  C Y N 144 
HIS CE1  C Y N 145 
HIS NE2  N Y N 146 
HIS OXT  O N N 147 
HIS H    H N N 148 
HIS H2   H N N 149 
HIS HA   H N N 150 
HIS HB2  H N N 151 
HIS HB3  H N N 152 
HIS HD1  H N N 153 
HIS HD2  H N N 154 
HIS HE1  H N N 155 
HIS HE2  H N N 156 
HIS HXT  H N N 157 
HOH O    O N N 158 
HOH H1   H N N 159 
HOH H2   H N N 160 
ILE N    N N N 161 
ILE CA   C N S 162 
ILE C    C N N 163 
ILE O    O N N 164 
ILE CB   C N S 165 
ILE CG1  C N N 166 
ILE CG2  C N N 167 
ILE CD1  C N N 168 
ILE OXT  O N N 169 
ILE H    H N N 170 
ILE H2   H N N 171 
ILE HA   H N N 172 
ILE HB   H N N 173 
ILE HG12 H N N 174 
ILE HG13 H N N 175 
ILE HG21 H N N 176 
ILE HG22 H N N 177 
ILE HG23 H N N 178 
ILE HD11 H N N 179 
ILE HD12 H N N 180 
ILE HD13 H N N 181 
ILE HXT  H N N 182 
LEU N    N N N 183 
LEU CA   C N S 184 
LEU C    C N N 185 
LEU O    O N N 186 
LEU CB   C N N 187 
LEU CG   C N N 188 
LEU CD1  C N N 189 
LEU CD2  C N N 190 
LEU OXT  O N N 191 
LEU H    H N N 192 
LEU H2   H N N 193 
LEU HA   H N N 194 
LEU HB2  H N N 195 
LEU HB3  H N N 196 
LEU HG   H N N 197 
LEU HD11 H N N 198 
LEU HD12 H N N 199 
LEU HD13 H N N 200 
LEU HD21 H N N 201 
LEU HD22 H N N 202 
LEU HD23 H N N 203 
LEU HXT  H N N 204 
LYS N    N N N 205 
LYS CA   C N S 206 
LYS C    C N N 207 
LYS O    O N N 208 
LYS CB   C N N 209 
LYS CG   C N N 210 
LYS CD   C N N 211 
LYS CE   C N N 212 
LYS NZ   N N N 213 
LYS OXT  O N N 214 
LYS H    H N N 215 
LYS H2   H N N 216 
LYS HA   H N N 217 
LYS HB2  H N N 218 
LYS HB3  H N N 219 
LYS HG2  H N N 220 
LYS HG3  H N N 221 
LYS HD2  H N N 222 
LYS HD3  H N N 223 
LYS HE2  H N N 224 
LYS HE3  H N N 225 
LYS HZ1  H N N 226 
LYS HZ2  H N N 227 
LYS HZ3  H N N 228 
LYS HXT  H N N 229 
MET N    N N N 230 
MET CA   C N S 231 
MET C    C N N 232 
MET O    O N N 233 
MET CB   C N N 234 
MET CG   C N N 235 
MET SD   S N N 236 
MET CE   C N N 237 
MET OXT  O N N 238 
MET H    H N N 239 
MET H2   H N N 240 
MET HA   H N N 241 
MET HB2  H N N 242 
MET HB3  H N N 243 
MET HG2  H N N 244 
MET HG3  H N N 245 
MET HE1  H N N 246 
MET HE2  H N N 247 
MET HE3  H N N 248 
MET HXT  H N N 249 
PHE N    N N N 250 
PHE CA   C N S 251 
PHE C    C N N 252 
PHE O    O N N 253 
PHE CB   C N N 254 
PHE CG   C Y N 255 
PHE CD1  C Y N 256 
PHE CD2  C Y N 257 
PHE CE1  C Y N 258 
PHE CE2  C Y N 259 
PHE CZ   C Y N 260 
PHE OXT  O N N 261 
PHE H    H N N 262 
PHE H2   H N N 263 
PHE HA   H N N 264 
PHE HB2  H N N 265 
PHE HB3  H N N 266 
PHE HD1  H N N 267 
PHE HD2  H N N 268 
PHE HE1  H N N 269 
PHE HE2  H N N 270 
PHE HZ   H N N 271 
PHE HXT  H N N 272 
PRO N    N N N 273 
PRO CA   C N S 274 
PRO C    C N N 275 
PRO O    O N N 276 
PRO CB   C N N 277 
PRO CG   C N N 278 
PRO CD   C N N 279 
PRO OXT  O N N 280 
PRO H    H N N 281 
PRO HA   H N N 282 
PRO HB2  H N N 283 
PRO HB3  H N N 284 
PRO HG2  H N N 285 
PRO HG3  H N N 286 
PRO HD2  H N N 287 
PRO HD3  H N N 288 
PRO HXT  H N N 289 
SER N    N N N 290 
SER CA   C N S 291 
SER C    C N N 292 
SER O    O N N 293 
SER CB   C N N 294 
SER OG   O N N 295 
SER OXT  O N N 296 
SER H    H N N 297 
SER H2   H N N 298 
SER HA   H N N 299 
SER HB2  H N N 300 
SER HB3  H N N 301 
SER HG   H N N 302 
SER HXT  H N N 303 
THR N    N N N 304 
THR CA   C N S 305 
THR C    C N N 306 
THR O    O N N 307 
THR CB   C N R 308 
THR OG1  O N N 309 
THR CG2  C N N 310 
THR OXT  O N N 311 
THR H    H N N 312 
THR H2   H N N 313 
THR HA   H N N 314 
THR HB   H N N 315 
THR HG1  H N N 316 
THR HG21 H N N 317 
THR HG22 H N N 318 
THR HG23 H N N 319 
THR HXT  H N N 320 
TRP N    N N N 321 
TRP CA   C N S 322 
TRP C    C N N 323 
TRP O    O N N 324 
TRP CB   C N N 325 
TRP CG   C Y N 326 
TRP CD1  C Y N 327 
TRP CD2  C Y N 328 
TRP NE1  N Y N 329 
TRP CE2  C Y N 330 
TRP CE3  C Y N 331 
TRP CZ2  C Y N 332 
TRP CZ3  C Y N 333 
TRP CH2  C Y N 334 
TRP OXT  O N N 335 
TRP H    H N N 336 
TRP H2   H N N 337 
TRP HA   H N N 338 
TRP HB2  H N N 339 
TRP HB3  H N N 340 
TRP HD1  H N N 341 
TRP HE1  H N N 342 
TRP HE3  H N N 343 
TRP HZ2  H N N 344 
TRP HZ3  H N N 345 
TRP HH2  H N N 346 
TRP HXT  H N N 347 
TYR N    N N N 348 
TYR CA   C N S 349 
TYR C    C N N 350 
TYR O    O N N 351 
TYR CB   C N N 352 
TYR CG   C Y N 353 
TYR CD1  C Y N 354 
TYR CD2  C Y N 355 
TYR CE1  C Y N 356 
TYR CE2  C Y N 357 
TYR CZ   C Y N 358 
TYR OH   O N N 359 
TYR OXT  O N N 360 
TYR H    H N N 361 
TYR H2   H N N 362 
TYR HA   H N N 363 
TYR HB2  H N N 364 
TYR HB3  H N N 365 
TYR HD1  H N N 366 
TYR HD2  H N N 367 
TYR HE1  H N N 368 
TYR HE2  H N N 369 
TYR HH   H N N 370 
TYR HXT  H N N 371 
VAL N    N N N 372 
VAL CA   C N S 373 
VAL C    C N N 374 
VAL O    O N N 375 
VAL CB   C N N 376 
VAL CG1  C N N 377 
VAL CG2  C N N 378 
VAL OXT  O N N 379 
VAL H    H N N 380 
VAL H2   H N N 381 
VAL HA   H N N 382 
VAL HB   H N N 383 
VAL HG11 H N N 384 
VAL HG12 H N N 385 
VAL HG13 H N N 386 
VAL HG21 H N N 387 
VAL HG22 H N N 388 
VAL HG23 H N N 389 
VAL HXT  H N N 390 
# 
loop_
_chem_comp_bond.comp_id 
_chem_comp_bond.atom_id_1 
_chem_comp_bond.atom_id_2 
_chem_comp_bond.value_order 
_chem_comp_bond.pdbx_aromatic_flag 
_chem_comp_bond.pdbx_stereo_config 
_chem_comp_bond.pdbx_ordinal 
ALA N   CA   sing N N 1   
ALA N   H    sing N N 2   
ALA N   H2   sing N N 3   
ALA CA  C    sing N N 4   
ALA CA  CB   sing N N 5   
ALA CA  HA   sing N N 6   
ALA C   O    doub N N 7   
ALA C   OXT  sing N N 8   
ALA CB  HB1  sing N N 9   
ALA CB  HB2  sing N N 10  
ALA CB  HB3  sing N N 11  
ALA OXT HXT  sing N N 12  
ARG N   CA   sing N N 13  
ARG N   H    sing N N 14  
ARG N   H2   sing N N 15  
ARG CA  C    sing N N 16  
ARG CA  CB   sing N N 17  
ARG CA  HA   sing N N 18  
ARG C   O    doub N N 19  
ARG C   OXT  sing N N 20  
ARG CB  CG   sing N N 21  
ARG CB  HB2  sing N N 22  
ARG CB  HB3  sing N N 23  
ARG CG  CD   sing N N 24  
ARG CG  HG2  sing N N 25  
ARG CG  HG3  sing N N 26  
ARG CD  NE   sing N N 27  
ARG CD  HD2  sing N N 28  
ARG CD  HD3  sing N N 29  
ARG NE  CZ   sing N N 30  
ARG NE  HE   sing N N 31  
ARG CZ  NH1  sing N N 32  
ARG CZ  NH2  doub N N 33  
ARG NH1 HH11 sing N N 34  
ARG NH1 HH12 sing N N 35  
ARG NH2 HH21 sing N N 36  
ARG NH2 HH22 sing N N 37  
ARG OXT HXT  sing N N 38  
ASN N   CA   sing N N 39  
ASN N   H    sing N N 40  
ASN N   H2   sing N N 41  
ASN CA  C    sing N N 42  
ASN CA  CB   sing N N 43  
ASN CA  HA   sing N N 44  
ASN C   O    doub N N 45  
ASN C   OXT  sing N N 46  
ASN CB  CG   sing N N 47  
ASN CB  HB2  sing N N 48  
ASN CB  HB3  sing N N 49  
ASN CG  OD1  doub N N 50  
ASN CG  ND2  sing N N 51  
ASN ND2 HD21 sing N N 52  
ASN ND2 HD22 sing N N 53  
ASN OXT HXT  sing N N 54  
ASP N   CA   sing N N 55  
ASP N   H    sing N N 56  
ASP N   H2   sing N N 57  
ASP CA  C    sing N N 58  
ASP CA  CB   sing N N 59  
ASP CA  HA   sing N N 60  
ASP C   O    doub N N 61  
ASP C   OXT  sing N N 62  
ASP CB  CG   sing N N 63  
ASP CB  HB2  sing N N 64  
ASP CB  HB3  sing N N 65  
ASP CG  OD1  doub N N 66  
ASP CG  OD2  sing N N 67  
ASP OD2 HD2  sing N N 68  
ASP OXT HXT  sing N N 69  
CYS N   CA   sing N N 70  
CYS N   H    sing N N 71  
CYS N   H2   sing N N 72  
CYS CA  C    sing N N 73  
CYS CA  CB   sing N N 74  
CYS CA  HA   sing N N 75  
CYS C   O    doub N N 76  
CYS C   OXT  sing N N 77  
CYS CB  SG   sing N N 78  
CYS CB  HB2  sing N N 79  
CYS CB  HB3  sing N N 80  
CYS SG  HG   sing N N 81  
CYS OXT HXT  sing N N 82  
GLN N   CA   sing N N 83  
GLN N   H    sing N N 84  
GLN N   H2   sing N N 85  
GLN CA  C    sing N N 86  
GLN CA  CB   sing N N 87  
GLN CA  HA   sing N N 88  
GLN C   O    doub N N 89  
GLN C   OXT  sing N N 90  
GLN CB  CG   sing N N 91  
GLN CB  HB2  sing N N 92  
GLN CB  HB3  sing N N 93  
GLN CG  CD   sing N N 94  
GLN CG  HG2  sing N N 95  
GLN CG  HG3  sing N N 96  
GLN CD  OE1  doub N N 97  
GLN CD  NE2  sing N N 98  
GLN NE2 HE21 sing N N 99  
GLN NE2 HE22 sing N N 100 
GLN OXT HXT  sing N N 101 
GLU N   CA   sing N N 102 
GLU N   H    sing N N 103 
GLU N   H2   sing N N 104 
GLU CA  C    sing N N 105 
GLU CA  CB   sing N N 106 
GLU CA  HA   sing N N 107 
GLU C   O    doub N N 108 
GLU C   OXT  sing N N 109 
GLU CB  CG   sing N N 110 
GLU CB  HB2  sing N N 111 
GLU CB  HB3  sing N N 112 
GLU CG  CD   sing N N 113 
GLU CG  HG2  sing N N 114 
GLU CG  HG3  sing N N 115 
GLU CD  OE1  doub N N 116 
GLU CD  OE2  sing N N 117 
GLU OE2 HE2  sing N N 118 
GLU OXT HXT  sing N N 119 
GLY N   CA   sing N N 120 
GLY N   H    sing N N 121 
GLY N   H2   sing N N 122 
GLY CA  C    sing N N 123 
GLY CA  HA2  sing N N 124 
GLY CA  HA3  sing N N 125 
GLY C   O    doub N N 126 
GLY C   OXT  sing N N 127 
GLY OXT HXT  sing N N 128 
HIS N   CA   sing N N 129 
HIS N   H    sing N N 130 
HIS N   H2   sing N N 131 
HIS CA  C    sing N N 132 
HIS CA  CB   sing N N 133 
HIS CA  HA   sing N N 134 
HIS C   O    doub N N 135 
HIS C   OXT  sing N N 136 
HIS CB  CG   sing N N 137 
HIS CB  HB2  sing N N 138 
HIS CB  HB3  sing N N 139 
HIS CG  ND1  sing Y N 140 
HIS CG  CD2  doub Y N 141 
HIS ND1 CE1  doub Y N 142 
HIS ND1 HD1  sing N N 143 
HIS CD2 NE2  sing Y N 144 
HIS CD2 HD2  sing N N 145 
HIS CE1 NE2  sing Y N 146 
HIS CE1 HE1  sing N N 147 
HIS NE2 HE2  sing N N 148 
HIS OXT HXT  sing N N 149 
HOH O   H1   sing N N 150 
HOH O   H2   sing N N 151 
ILE N   CA   sing N N 152 
ILE N   H    sing N N 153 
ILE N   H2   sing N N 154 
ILE CA  C    sing N N 155 
ILE CA  CB   sing N N 156 
ILE CA  HA   sing N N 157 
ILE C   O    doub N N 158 
ILE C   OXT  sing N N 159 
ILE CB  CG1  sing N N 160 
ILE CB  CG2  sing N N 161 
ILE CB  HB   sing N N 162 
ILE CG1 CD1  sing N N 163 
ILE CG1 HG12 sing N N 164 
ILE CG1 HG13 sing N N 165 
ILE CG2 HG21 sing N N 166 
ILE CG2 HG22 sing N N 167 
ILE CG2 HG23 sing N N 168 
ILE CD1 HD11 sing N N 169 
ILE CD1 HD12 sing N N 170 
ILE CD1 HD13 sing N N 171 
ILE OXT HXT  sing N N 172 
LEU N   CA   sing N N 173 
LEU N   H    sing N N 174 
LEU N   H2   sing N N 175 
LEU CA  C    sing N N 176 
LEU CA  CB   sing N N 177 
LEU CA  HA   sing N N 178 
LEU C   O    doub N N 179 
LEU C   OXT  sing N N 180 
LEU CB  CG   sing N N 181 
LEU CB  HB2  sing N N 182 
LEU CB  HB3  sing N N 183 
LEU CG  CD1  sing N N 184 
LEU CG  CD2  sing N N 185 
LEU CG  HG   sing N N 186 
LEU CD1 HD11 sing N N 187 
LEU CD1 HD12 sing N N 188 
LEU CD1 HD13 sing N N 189 
LEU CD2 HD21 sing N N 190 
LEU CD2 HD22 sing N N 191 
LEU CD2 HD23 sing N N 192 
LEU OXT HXT  sing N N 193 
LYS N   CA   sing N N 194 
LYS N   H    sing N N 195 
LYS N   H2   sing N N 196 
LYS CA  C    sing N N 197 
LYS CA  CB   sing N N 198 
LYS CA  HA   sing N N 199 
LYS C   O    doub N N 200 
LYS C   OXT  sing N N 201 
LYS CB  CG   sing N N 202 
LYS CB  HB2  sing N N 203 
LYS CB  HB3  sing N N 204 
LYS CG  CD   sing N N 205 
LYS CG  HG2  sing N N 206 
LYS CG  HG3  sing N N 207 
LYS CD  CE   sing N N 208 
LYS CD  HD2  sing N N 209 
LYS CD  HD3  sing N N 210 
LYS CE  NZ   sing N N 211 
LYS CE  HE2  sing N N 212 
LYS CE  HE3  sing N N 213 
LYS NZ  HZ1  sing N N 214 
LYS NZ  HZ2  sing N N 215 
LYS NZ  HZ3  sing N N 216 
LYS OXT HXT  sing N N 217 
MET N   CA   sing N N 218 
MET N   H    sing N N 219 
MET N   H2   sing N N 220 
MET CA  C    sing N N 221 
MET CA  CB   sing N N 222 
MET CA  HA   sing N N 223 
MET C   O    doub N N 224 
MET C   OXT  sing N N 225 
MET CB  CG   sing N N 226 
MET CB  HB2  sing N N 227 
MET CB  HB3  sing N N 228 
MET CG  SD   sing N N 229 
MET CG  HG2  sing N N 230 
MET CG  HG3  sing N N 231 
MET SD  CE   sing N N 232 
MET CE  HE1  sing N N 233 
MET CE  HE2  sing N N 234 
MET CE  HE3  sing N N 235 
MET OXT HXT  sing N N 236 
PHE N   CA   sing N N 237 
PHE N   H    sing N N 238 
PHE N   H2   sing N N 239 
PHE CA  C    sing N N 240 
PHE CA  CB   sing N N 241 
PHE CA  HA   sing N N 242 
PHE C   O    doub N N 243 
PHE C   OXT  sing N N 244 
PHE CB  CG   sing N N 245 
PHE CB  HB2  sing N N 246 
PHE CB  HB3  sing N N 247 
PHE CG  CD1  doub Y N 248 
PHE CG  CD2  sing Y N 249 
PHE CD1 CE1  sing Y N 250 
PHE CD1 HD1  sing N N 251 
PHE CD2 CE2  doub Y N 252 
PHE CD2 HD2  sing N N 253 
PHE CE1 CZ   doub Y N 254 
PHE CE1 HE1  sing N N 255 
PHE CE2 CZ   sing Y N 256 
PHE CE2 HE2  sing N N 257 
PHE CZ  HZ   sing N N 258 
PHE OXT HXT  sing N N 259 
PRO N   CA   sing N N 260 
PRO N   CD   sing N N 261 
PRO N   H    sing N N 262 
PRO CA  C    sing N N 263 
PRO CA  CB   sing N N 264 
PRO CA  HA   sing N N 265 
PRO C   O    doub N N 266 
PRO C   OXT  sing N N 267 
PRO CB  CG   sing N N 268 
PRO CB  HB2  sing N N 269 
PRO CB  HB3  sing N N 270 
PRO CG  CD   sing N N 271 
PRO CG  HG2  sing N N 272 
PRO CG  HG3  sing N N 273 
PRO CD  HD2  sing N N 274 
PRO CD  HD3  sing N N 275 
PRO OXT HXT  sing N N 276 
SER N   CA   sing N N 277 
SER N   H    sing N N 278 
SER N   H2   sing N N 279 
SER CA  C    sing N N 280 
SER CA  CB   sing N N 281 
SER CA  HA   sing N N 282 
SER C   O    doub N N 283 
SER C   OXT  sing N N 284 
SER CB  OG   sing N N 285 
SER CB  HB2  sing N N 286 
SER CB  HB3  sing N N 287 
SER OG  HG   sing N N 288 
SER OXT HXT  sing N N 289 
THR N   CA   sing N N 290 
THR N   H    sing N N 291 
THR N   H2   sing N N 292 
THR CA  C    sing N N 293 
THR CA  CB   sing N N 294 
THR CA  HA   sing N N 295 
THR C   O    doub N N 296 
THR C   OXT  sing N N 297 
THR CB  OG1  sing N N 298 
THR CB  CG2  sing N N 299 
THR CB  HB   sing N N 300 
THR OG1 HG1  sing N N 301 
THR CG2 HG21 sing N N 302 
THR CG2 HG22 sing N N 303 
THR CG2 HG23 sing N N 304 
THR OXT HXT  sing N N 305 
TRP N   CA   sing N N 306 
TRP N   H    sing N N 307 
TRP N   H2   sing N N 308 
TRP CA  C    sing N N 309 
TRP CA  CB   sing N N 310 
TRP CA  HA   sing N N 311 
TRP C   O    doub N N 312 
TRP C   OXT  sing N N 313 
TRP CB  CG   sing N N 314 
TRP CB  HB2  sing N N 315 
TRP CB  HB3  sing N N 316 
TRP CG  CD1  doub Y N 317 
TRP CG  CD2  sing Y N 318 
TRP CD1 NE1  sing Y N 319 
TRP CD1 HD1  sing N N 320 
TRP CD2 CE2  doub Y N 321 
TRP CD2 CE3  sing Y N 322 
TRP NE1 CE2  sing Y N 323 
TRP NE1 HE1  sing N N 324 
TRP CE2 CZ2  sing Y N 325 
TRP CE3 CZ3  doub Y N 326 
TRP CE3 HE3  sing N N 327 
TRP CZ2 CH2  doub Y N 328 
TRP CZ2 HZ2  sing N N 329 
TRP CZ3 CH2  sing Y N 330 
TRP CZ3 HZ3  sing N N 331 
TRP CH2 HH2  sing N N 332 
TRP OXT HXT  sing N N 333 
TYR N   CA   sing N N 334 
TYR N   H    sing N N 335 
TYR N   H2   sing N N 336 
TYR CA  C    sing N N 337 
TYR CA  CB   sing N N 338 
TYR CA  HA   sing N N 339 
TYR C   O    doub N N 340 
TYR C   OXT  sing N N 341 
TYR CB  CG   sing N N 342 
TYR CB  HB2  sing N N 343 
TYR CB  HB3  sing N N 344 
TYR CG  CD1  doub Y N 345 
TYR CG  CD2  sing Y N 346 
TYR CD1 CE1  sing Y N 347 
TYR CD1 HD1  sing N N 348 
TYR CD2 CE2  doub Y N 349 
TYR CD2 HD2  sing N N 350 
TYR CE1 CZ   doub Y N 351 
TYR CE1 HE1  sing N N 352 
TYR CE2 CZ   sing Y N 353 
TYR CE2 HE2  sing N N 354 
TYR CZ  OH   sing N N 355 
TYR OH  HH   sing N N 356 
TYR OXT HXT  sing N N 357 
VAL N   CA   sing N N 358 
VAL N   H    sing N N 359 
VAL N   H2   sing N N 360 
VAL CA  C    sing N N 361 
VAL CA  CB   sing N N 362 
VAL CA  HA   sing N N 363 
VAL C   O    doub N N 364 
VAL C   OXT  sing N N 365 
VAL CB  CG1  sing N N 366 
VAL CB  CG2  sing N N 367 
VAL CB  HB   sing N N 368 
VAL CG1 HG11 sing N N 369 
VAL CG1 HG12 sing N N 370 
VAL CG1 HG13 sing N N 371 
VAL CG2 HG21 sing N N 372 
VAL CG2 HG22 sing N N 373 
VAL CG2 HG23 sing N N 374 
VAL OXT HXT  sing N N 375 
# 
_pdbx_entity_nonpoly.entity_id   2 
_pdbx_entity_nonpoly.name        water 
_pdbx_entity_nonpoly.comp_id     HOH 
# 
_pdbx_initial_refinement_model.id               1 
_pdbx_initial_refinement_model.entity_id_list   ? 
_pdbx_initial_refinement_model.type             'experimental model' 
_pdbx_initial_refinement_model.source_name      PDB 
_pdbx_initial_refinement_model.accession_code   3IHO 
_pdbx_initial_refinement_model.details          'PDB ENTRY 3IHO' 
# 
